data_2OU9
# 
_entry.id   2OU9 
# 
_audit_conform.dict_name       mmcif_pdbx.dic 
_audit_conform.dict_version    5.398 
_audit_conform.dict_location   http://mmcif.pdb.org/dictionaries/ascii/mmcif_pdbx.dic 
# 
loop_
_database_2.database_id 
_database_2.database_code 
_database_2.pdbx_database_accession 
_database_2.pdbx_DOI 
PDB   2OU9         pdb_00002ou9 10.2210/pdb2ou9/pdb 
RCSB  RCSB041592   ?            ?                   
WWPDB D_1000041592 ?            ?                   
# 
loop_
_pdbx_audit_revision_history.ordinal 
_pdbx_audit_revision_history.data_content_type 
_pdbx_audit_revision_history.major_revision 
_pdbx_audit_revision_history.minor_revision 
_pdbx_audit_revision_history.revision_date 
1 'Structure model' 1 0 2007-06-12 
2 'Structure model' 1 1 2008-05-01 
3 'Structure model' 1 2 2011-07-13 
4 'Structure model' 1 3 2011-07-27 
5 'Structure model' 1 4 2017-10-18 
6 'Structure model' 1 5 2021-10-20 
7 'Structure model' 1 6 2023-08-30 
8 'Structure model' 1 7 2024-11-13 
# 
_pdbx_audit_revision_details.ordinal             1 
_pdbx_audit_revision_details.revision_ordinal    1 
_pdbx_audit_revision_details.data_content_type   'Structure model' 
_pdbx_audit_revision_details.provider            repository 
_pdbx_audit_revision_details.type                'Initial release' 
_pdbx_audit_revision_details.description         ? 
_pdbx_audit_revision_details.details             ? 
# 
loop_
_pdbx_audit_revision_group.ordinal 
_pdbx_audit_revision_group.revision_ordinal 
_pdbx_audit_revision_group.data_content_type 
_pdbx_audit_revision_group.group 
1  2 'Structure model' 'Version format compliance' 
2  3 'Structure model' 'Version format compliance' 
3  4 'Structure model' 'Non-polymer description'   
4  5 'Structure model' Advisory                    
5  5 'Structure model' 'Refinement description'    
6  6 'Structure model' Advisory                    
7  6 'Structure model' 'Database references'       
8  6 'Structure model' 'Derived calculations'      
9  7 'Structure model' 'Data collection'           
10 7 'Structure model' 'Refinement description'    
11 8 'Structure model' 'Structure summary'         
# 
loop_
_pdbx_audit_revision_category.ordinal 
_pdbx_audit_revision_category.revision_ordinal 
_pdbx_audit_revision_category.data_content_type 
_pdbx_audit_revision_category.category 
1  5 'Structure model' pdbx_unobs_or_zero_occ_atoms    
2  5 'Structure model' pdbx_unobs_or_zero_occ_residues 
3  5 'Structure model' software                        
4  6 'Structure model' database_2                      
5  6 'Structure model' pdbx_unobs_or_zero_occ_atoms    
6  6 'Structure model' pdbx_unobs_or_zero_occ_residues 
7  6 'Structure model' struct_conn                     
8  6 'Structure model' struct_ref_seq_dif              
9  7 'Structure model' chem_comp_atom                  
10 7 'Structure model' chem_comp_bond                  
11 7 'Structure model' pdbx_initial_refinement_model   
12 8 'Structure model' pdbx_entry_details              
13 8 'Structure model' pdbx_modification_feature       
# 
loop_
_pdbx_audit_revision_item.ordinal 
_pdbx_audit_revision_item.revision_ordinal 
_pdbx_audit_revision_item.data_content_type 
_pdbx_audit_revision_item.item 
1 6 'Structure model' '_database_2.pdbx_DOI'                
2 6 'Structure model' '_database_2.pdbx_database_accession' 
3 6 'Structure model' '_struct_conn.pdbx_leaving_atom_flag' 
4 6 'Structure model' '_struct_ref_seq_dif.details'         
# 
_pdbx_database_status.entry_id                        2OU9 
_pdbx_database_status.deposit_site                    RCSB 
_pdbx_database_status.process_site                    RCSB 
_pdbx_database_status.recvd_initial_deposition_date   2007-02-09 
_pdbx_database_status.status_code                     REL 
_pdbx_database_status.status_code_sf                  REL 
_pdbx_database_status.status_code_mr                  ? 
_pdbx_database_status.SG_entry                        ? 
_pdbx_database_status.pdb_format_compatible           Y 
_pdbx_database_status.status_code_cs                  ? 
_pdbx_database_status.methods_development_category    ? 
_pdbx_database_status.status_code_nmr_data            ? 
# 
_pdbx_database_related.db_name        PDB 
_pdbx_database_related.db_id          2OU8 
_pdbx_database_related.details        . 
_pdbx_database_related.content_type   unspecified 
# 
loop_
_audit_author.name 
_audit_author.pdbx_ordinal 
'Guo, Z.'       1 
'Cascio, D.'    2 
'Hideg, K.'     3 
'Hubbell, W.L.' 4 
# 
_citation.id                        primary 
_citation.title                     
;Structural determinants of nitroxide motion in spin-labeled proteins: Tertiary contact and solvent-inaccessible sites in helix G of T4 lysozyme.
;
_citation.journal_abbrev            'Protein Sci.' 
_citation.journal_volume            16 
_citation.page_first                1069 
_citation.page_last                 1086 
_citation.year                      2007 
_citation.journal_id_ASTM           PRCIEI 
_citation.country                   US 
_citation.journal_id_ISSN           0961-8368 
_citation.journal_id_CSD            0795 
_citation.book_publisher            ? 
_citation.pdbx_database_id_PubMed   17473014 
_citation.pdbx_database_id_DOI      10.1110/ps.062739107 
# 
loop_
_citation_author.citation_id 
_citation_author.name 
_citation_author.ordinal 
_citation_author.identifier_ORCID 
primary 'Guo, Z.'       1 ? 
primary 'Cascio, D.'    2 ? 
primary 'Hideg, K.'     3 ? 
primary 'Kalai, T.'     4 ? 
primary 'Hubbell, W.L.' 5 ? 
# 
loop_
_entity.id 
_entity.type 
_entity.src_method 
_entity.pdbx_description 
_entity.formula_weight 
_entity.pdbx_number_of_molecules 
_entity.pdbx_ec 
_entity.pdbx_mutation 
_entity.pdbx_fragment 
_entity.details 
1 polymer     man Lysozyme                                                                                  18544.285 1 3.2.1.17 
'C54T, C97A, R119A' ? ? 
2 non-polymer syn 'S-[(1-oxyl-2,2,5,5-tetramethyl-2,5-dihydro-1H-pyrrol-3-yl)methyl] methanesulfonothioate' 264.385   1 ?        ? 
? ? 
# 
_entity_name_com.entity_id   1 
_entity_name_com.name        'Lysis protein, Muramidase, Endolysin' 
# 
_entity_poly.entity_id                      1 
_entity_poly.type                           'polypeptide(L)' 
_entity_poly.nstd_linkage                   no 
_entity_poly.nstd_monomer                   no 
_entity_poly.pdbx_seq_one_letter_code       
;MNIFEMLRIDEGLRLKIYKDTEGYYTIGIGHLLTKSPSLNAAKSELDKAIGRNTNGVITKDEAEKLFNQDVDAAVRGILR
NAKLKPVYDSLDAVRRAALINMVFQMGETGVAGFCNSLAMLQQKRWDEAAVNLAKSRWYNQTPNRAKRVITTFRTGTWDA
YKNL
;
_entity_poly.pdbx_seq_one_letter_code_can   
;MNIFEMLRIDEGLRLKIYKDTEGYYTIGIGHLLTKSPSLNAAKSELDKAIGRNTNGVITKDEAEKLFNQDVDAAVRGILR
NAKLKPVYDSLDAVRRAALINMVFQMGETGVAGFCNSLAMLQQKRWDEAAVNLAKSRWYNQTPNRAKRVITTFRTGTWDA
YKNL
;
_entity_poly.pdbx_strand_id                 A 
_entity_poly.pdbx_target_identifier         ? 
# 
_pdbx_entity_nonpoly.entity_id   2 
_pdbx_entity_nonpoly.name        'S-[(1-oxyl-2,2,5,5-tetramethyl-2,5-dihydro-1H-pyrrol-3-yl)methyl] methanesulfonothioate' 
_pdbx_entity_nonpoly.comp_id     MTN 
# 
loop_
_entity_poly_seq.entity_id 
_entity_poly_seq.num 
_entity_poly_seq.mon_id 
_entity_poly_seq.hetero 
1 1   MET n 
1 2   ASN n 
1 3   ILE n 
1 4   PHE n 
1 5   GLU n 
1 6   MET n 
1 7   LEU n 
1 8   ARG n 
1 9   ILE n 
1 10  ASP n 
1 11  GLU n 
1 12  GLY n 
1 13  LEU n 
1 14  ARG n 
1 15  LEU n 
1 16  LYS n 
1 17  ILE n 
1 18  TYR n 
1 19  LYS n 
1 20  ASP n 
1 21  THR n 
1 22  GLU n 
1 23  GLY n 
1 24  TYR n 
1 25  TYR n 
1 26  THR n 
1 27  ILE n 
1 28  GLY n 
1 29  ILE n 
1 30  GLY n 
1 31  HIS n 
1 32  LEU n 
1 33  LEU n 
1 34  THR n 
1 35  LYS n 
1 36  SER n 
1 37  PRO n 
1 38  SER n 
1 39  LEU n 
1 40  ASN n 
1 41  ALA n 
1 42  ALA n 
1 43  LYS n 
1 44  SER n 
1 45  GLU n 
1 46  LEU n 
1 47  ASP n 
1 48  LYS n 
1 49  ALA n 
1 50  ILE n 
1 51  GLY n 
1 52  ARG n 
1 53  ASN n 
1 54  THR n 
1 55  ASN n 
1 56  GLY n 
1 57  VAL n 
1 58  ILE n 
1 59  THR n 
1 60  LYS n 
1 61  ASP n 
1 62  GLU n 
1 63  ALA n 
1 64  GLU n 
1 65  LYS n 
1 66  LEU n 
1 67  PHE n 
1 68  ASN n 
1 69  GLN n 
1 70  ASP n 
1 71  VAL n 
1 72  ASP n 
1 73  ALA n 
1 74  ALA n 
1 75  VAL n 
1 76  ARG n 
1 77  GLY n 
1 78  ILE n 
1 79  LEU n 
1 80  ARG n 
1 81  ASN n 
1 82  ALA n 
1 83  LYS n 
1 84  LEU n 
1 85  LYS n 
1 86  PRO n 
1 87  VAL n 
1 88  TYR n 
1 89  ASP n 
1 90  SER n 
1 91  LEU n 
1 92  ASP n 
1 93  ALA n 
1 94  VAL n 
1 95  ARG n 
1 96  ARG n 
1 97  ALA n 
1 98  ALA n 
1 99  LEU n 
1 100 ILE n 
1 101 ASN n 
1 102 MET n 
1 103 VAL n 
1 104 PHE n 
1 105 GLN n 
1 106 MET n 
1 107 GLY n 
1 108 GLU n 
1 109 THR n 
1 110 GLY n 
1 111 VAL n 
1 112 ALA n 
1 113 GLY n 
1 114 PHE n 
1 115 CYS n 
1 116 ASN n 
1 117 SER n 
1 118 LEU n 
1 119 ALA n 
1 120 MET n 
1 121 LEU n 
1 122 GLN n 
1 123 GLN n 
1 124 LYS n 
1 125 ARG n 
1 126 TRP n 
1 127 ASP n 
1 128 GLU n 
1 129 ALA n 
1 130 ALA n 
1 131 VAL n 
1 132 ASN n 
1 133 LEU n 
1 134 ALA n 
1 135 LYS n 
1 136 SER n 
1 137 ARG n 
1 138 TRP n 
1 139 TYR n 
1 140 ASN n 
1 141 GLN n 
1 142 THR n 
1 143 PRO n 
1 144 ASN n 
1 145 ARG n 
1 146 ALA n 
1 147 LYS n 
1 148 ARG n 
1 149 VAL n 
1 150 ILE n 
1 151 THR n 
1 152 THR n 
1 153 PHE n 
1 154 ARG n 
1 155 THR n 
1 156 GLY n 
1 157 THR n 
1 158 TRP n 
1 159 ASP n 
1 160 ALA n 
1 161 TYR n 
1 162 LYS n 
1 163 ASN n 
1 164 LEU n 
# 
_entity_src_gen.entity_id                          1 
_entity_src_gen.pdbx_src_id                        1 
_entity_src_gen.pdbx_alt_source_flag               sample 
_entity_src_gen.pdbx_seq_type                      ? 
_entity_src_gen.pdbx_beg_seq_num                   ? 
_entity_src_gen.pdbx_end_seq_num                   ? 
_entity_src_gen.gene_src_common_name               ? 
_entity_src_gen.gene_src_genus                     'T4-like viruses' 
_entity_src_gen.pdbx_gene_src_gene                 E 
_entity_src_gen.gene_src_species                   'Enterobacteria phage T4 sensu lato' 
_entity_src_gen.gene_src_strain                    ? 
_entity_src_gen.gene_src_tissue                    ? 
_entity_src_gen.gene_src_tissue_fraction           ? 
_entity_src_gen.gene_src_details                   ? 
_entity_src_gen.pdbx_gene_src_fragment             ? 
_entity_src_gen.pdbx_gene_src_scientific_name      'Enterobacteria phage T4' 
_entity_src_gen.pdbx_gene_src_ncbi_taxonomy_id     10665 
_entity_src_gen.pdbx_gene_src_variant              ? 
_entity_src_gen.pdbx_gene_src_cell_line            ? 
_entity_src_gen.pdbx_gene_src_atcc                 ? 
_entity_src_gen.pdbx_gene_src_organ                ? 
_entity_src_gen.pdbx_gene_src_organelle            ? 
_entity_src_gen.pdbx_gene_src_cell                 ? 
_entity_src_gen.pdbx_gene_src_cellular_location    ? 
_entity_src_gen.host_org_common_name               ? 
_entity_src_gen.pdbx_host_org_scientific_name      'Escherichia coli BL21(DE3)' 
_entity_src_gen.pdbx_host_org_ncbi_taxonomy_id     469008 
_entity_src_gen.host_org_genus                     Escherichia 
_entity_src_gen.pdbx_host_org_gene                 ? 
_entity_src_gen.pdbx_host_org_organ                ? 
_entity_src_gen.host_org_species                   'Escherichia coli' 
_entity_src_gen.pdbx_host_org_tissue               ? 
_entity_src_gen.pdbx_host_org_tissue_fraction      ? 
_entity_src_gen.pdbx_host_org_strain               'BL21(DE3)' 
_entity_src_gen.pdbx_host_org_variant              ? 
_entity_src_gen.pdbx_host_org_cell_line            ? 
_entity_src_gen.pdbx_host_org_atcc                 ? 
_entity_src_gen.pdbx_host_org_culture_collection   ? 
_entity_src_gen.pdbx_host_org_cell                 ? 
_entity_src_gen.pdbx_host_org_organelle            ? 
_entity_src_gen.pdbx_host_org_cellular_location    ? 
_entity_src_gen.pdbx_host_org_vector_type          Plasmid 
_entity_src_gen.pdbx_host_org_vector               ? 
_entity_src_gen.host_org_details                   ? 
_entity_src_gen.expression_system_id               ? 
_entity_src_gen.plasmid_name                       ? 
_entity_src_gen.plasmid_details                    ? 
_entity_src_gen.pdbx_description                   ? 
# 
loop_
_chem_comp.id 
_chem_comp.type 
_chem_comp.mon_nstd_flag 
_chem_comp.name 
_chem_comp.pdbx_synonyms 
_chem_comp.formula 
_chem_comp.formula_weight 
ALA 'L-peptide linking' y ALANINE                                                                                   ?    
'C3 H7 N O2'      89.093  
ARG 'L-peptide linking' y ARGININE                                                                                  ?    
'C6 H15 N4 O2 1'  175.209 
ASN 'L-peptide linking' y ASPARAGINE                                                                                ?    
'C4 H8 N2 O3'     132.118 
ASP 'L-peptide linking' y 'ASPARTIC ACID'                                                                           ?    
'C4 H7 N O4'      133.103 
CYS 'L-peptide linking' y CYSTEINE                                                                                  ?    
'C3 H7 N O2 S'    121.158 
GLN 'L-peptide linking' y GLUTAMINE                                                                                 ?    
'C5 H10 N2 O3'    146.144 
GLU 'L-peptide linking' y 'GLUTAMIC ACID'                                                                           ?    
'C5 H9 N O4'      147.129 
GLY 'peptide linking'   y GLYCINE                                                                                   ?    
'C2 H5 N O2'      75.067  
HIS 'L-peptide linking' y HISTIDINE                                                                                 ?    
'C6 H10 N3 O2 1'  156.162 
ILE 'L-peptide linking' y ISOLEUCINE                                                                                ?    
'C6 H13 N O2'     131.173 
LEU 'L-peptide linking' y LEUCINE                                                                                   ?    
'C6 H13 N O2'     131.173 
LYS 'L-peptide linking' y LYSINE                                                                                    ?    
'C6 H15 N2 O2 1'  147.195 
MET 'L-peptide linking' y METHIONINE                                                                                ?    
'C5 H11 N O2 S'   149.211 
MTN non-polymer         . 'S-[(1-oxyl-2,2,5,5-tetramethyl-2,5-dihydro-1H-pyrrol-3-yl)methyl] methanesulfonothioate' MTSL 
'C10 H18 N O3 S2' 264.385 
PHE 'L-peptide linking' y PHENYLALANINE                                                                             ?    
'C9 H11 N O2'     165.189 
PRO 'L-peptide linking' y PROLINE                                                                                   ?    
'C5 H9 N O2'      115.130 
SER 'L-peptide linking' y SERINE                                                                                    ?    
'C3 H7 N O3'      105.093 
THR 'L-peptide linking' y THREONINE                                                                                 ?    
'C4 H9 N O3'      119.119 
TRP 'L-peptide linking' y TRYPTOPHAN                                                                                ?    
'C11 H12 N2 O2'   204.225 
TYR 'L-peptide linking' y TYROSINE                                                                                  ?    
'C9 H11 N O3'     181.189 
VAL 'L-peptide linking' y VALINE                                                                                    ?    
'C5 H11 N O2'     117.146 
# 
loop_
_pdbx_poly_seq_scheme.asym_id 
_pdbx_poly_seq_scheme.entity_id 
_pdbx_poly_seq_scheme.seq_id 
_pdbx_poly_seq_scheme.mon_id 
_pdbx_poly_seq_scheme.ndb_seq_num 
_pdbx_poly_seq_scheme.pdb_seq_num 
_pdbx_poly_seq_scheme.auth_seq_num 
_pdbx_poly_seq_scheme.pdb_mon_id 
_pdbx_poly_seq_scheme.auth_mon_id 
_pdbx_poly_seq_scheme.pdb_strand_id 
_pdbx_poly_seq_scheme.pdb_ins_code 
_pdbx_poly_seq_scheme.hetero 
A 1 1   MET 1   1   1   MET MET A . n 
A 1 2   ASN 2   2   2   ASN ASN A . n 
A 1 3   ILE 3   3   3   ILE ILE A . n 
A 1 4   PHE 4   4   4   PHE PHE A . n 
A 1 5   GLU 5   5   5   GLU GLU A . n 
A 1 6   MET 6   6   6   MET MET A . n 
A 1 7   LEU 7   7   7   LEU LEU A . n 
A 1 8   ARG 8   8   8   ARG ARG A . n 
A 1 9   ILE 9   9   9   ILE ILE A . n 
A 1 10  ASP 10  10  10  ASP ASP A . n 
A 1 11  GLU 11  11  11  GLU GLU A . n 
A 1 12  GLY 12  12  12  GLY GLY A . n 
A 1 13  LEU 13  13  13  LEU LEU A . n 
A 1 14  ARG 14  14  14  ARG ARG A . n 
A 1 15  LEU 15  15  15  LEU LEU A . n 
A 1 16  LYS 16  16  16  LYS LYS A . n 
A 1 17  ILE 17  17  17  ILE ILE A . n 
A 1 18  TYR 18  18  18  TYR TYR A . n 
A 1 19  LYS 19  19  19  LYS LYS A . n 
A 1 20  ASP 20  20  20  ASP ASP A . n 
A 1 21  THR 21  21  21  THR THR A . n 
A 1 22  GLU 22  22  22  GLU GLU A . n 
A 1 23  GLY 23  23  23  GLY GLY A . n 
A 1 24  TYR 24  24  24  TYR TYR A . n 
A 1 25  TYR 25  25  25  TYR TYR A . n 
A 1 26  THR 26  26  26  THR THR A . n 
A 1 27  ILE 27  27  27  ILE ILE A . n 
A 1 28  GLY 28  28  28  GLY GLY A . n 
A 1 29  ILE 29  29  29  ILE ILE A . n 
A 1 30  GLY 30  30  30  GLY GLY A . n 
A 1 31  HIS 31  31  31  HIS HIS A . n 
A 1 32  LEU 32  32  32  LEU LEU A . n 
A 1 33  LEU 33  33  33  LEU LEU A . n 
A 1 34  THR 34  34  34  THR THR A . n 
A 1 35  LYS 35  35  35  LYS LYS A . n 
A 1 36  SER 36  36  36  SER SER A . n 
A 1 37  PRO 37  37  37  PRO PRO A . n 
A 1 38  SER 38  38  38  SER SER A . n 
A 1 39  LEU 39  39  39  LEU LEU A . n 
A 1 40  ASN 40  40  40  ASN ASN A . n 
A 1 41  ALA 41  41  41  ALA ALA A . n 
A 1 42  ALA 42  42  42  ALA ALA A . n 
A 1 43  LYS 43  43  43  LYS LYS A . n 
A 1 44  SER 44  44  44  SER SER A . n 
A 1 45  GLU 45  45  45  GLU GLU A . n 
A 1 46  LEU 46  46  46  LEU LEU A . n 
A 1 47  ASP 47  47  47  ASP ASP A . n 
A 1 48  LYS 48  48  48  LYS LYS A . n 
A 1 49  ALA 49  49  49  ALA ALA A . n 
A 1 50  ILE 50  50  50  ILE ILE A . n 
A 1 51  GLY 51  51  51  GLY GLY A . n 
A 1 52  ARG 52  52  52  ARG ARG A . n 
A 1 53  ASN 53  53  53  ASN ASN A . n 
A 1 54  THR 54  54  54  THR THR A . n 
A 1 55  ASN 55  55  55  ASN ASN A . n 
A 1 56  GLY 56  56  56  GLY GLY A . n 
A 1 57  VAL 57  57  57  VAL VAL A . n 
A 1 58  ILE 58  58  58  ILE ILE A . n 
A 1 59  THR 59  59  59  THR THR A . n 
A 1 60  LYS 60  60  60  LYS LYS A . n 
A 1 61  ASP 61  61  61  ASP ASP A . n 
A 1 62  GLU 62  62  62  GLU GLU A . n 
A 1 63  ALA 63  63  63  ALA ALA A . n 
A 1 64  GLU 64  64  64  GLU GLU A . n 
A 1 65  LYS 65  65  65  LYS LYS A . n 
A 1 66  LEU 66  66  66  LEU LEU A . n 
A 1 67  PHE 67  67  67  PHE PHE A . n 
A 1 68  ASN 68  68  68  ASN ASN A . n 
A 1 69  GLN 69  69  69  GLN GLN A . n 
A 1 70  ASP 70  70  70  ASP ASP A . n 
A 1 71  VAL 71  71  71  VAL VAL A . n 
A 1 72  ASP 72  72  72  ASP ASP A . n 
A 1 73  ALA 73  73  73  ALA ALA A . n 
A 1 74  ALA 74  74  74  ALA ALA A . n 
A 1 75  VAL 75  75  75  VAL VAL A . n 
A 1 76  ARG 76  76  76  ARG ARG A . n 
A 1 77  GLY 77  77  77  GLY GLY A . n 
A 1 78  ILE 78  78  78  ILE ILE A . n 
A 1 79  LEU 79  79  79  LEU LEU A . n 
A 1 80  ARG 80  80  80  ARG ARG A . n 
A 1 81  ASN 81  81  81  ASN ASN A . n 
A 1 82  ALA 82  82  82  ALA ALA A . n 
A 1 83  LYS 83  83  83  LYS LYS A . n 
A 1 84  LEU 84  84  84  LEU LEU A . n 
A 1 85  LYS 85  85  85  LYS LYS A . n 
A 1 86  PRO 86  86  86  PRO PRO A . n 
A 1 87  VAL 87  87  87  VAL VAL A . n 
A 1 88  TYR 88  88  88  TYR TYR A . n 
A 1 89  ASP 89  89  89  ASP ASP A . n 
A 1 90  SER 90  90  90  SER SER A . n 
A 1 91  LEU 91  91  91  LEU LEU A . n 
A 1 92  ASP 92  92  92  ASP ASP A . n 
A 1 93  ALA 93  93  93  ALA ALA A . n 
A 1 94  VAL 94  94  94  VAL VAL A . n 
A 1 95  ARG 95  95  95  ARG ARG A . n 
A 1 96  ARG 96  96  96  ARG ARG A . n 
A 1 97  ALA 97  97  97  ALA ALA A . n 
A 1 98  ALA 98  98  98  ALA ALA A . n 
A 1 99  LEU 99  99  99  LEU LEU A . n 
A 1 100 ILE 100 100 100 ILE ILE A . n 
A 1 101 ASN 101 101 101 ASN ASN A . n 
A 1 102 MET 102 102 102 MET MET A . n 
A 1 103 VAL 103 103 103 VAL VAL A . n 
A 1 104 PHE 104 104 104 PHE PHE A . n 
A 1 105 GLN 105 105 105 GLN GLN A . n 
A 1 106 MET 106 106 106 MET MET A . n 
A 1 107 GLY 107 107 107 GLY GLY A . n 
A 1 108 GLU 108 108 108 GLU GLU A . n 
A 1 109 THR 109 109 109 THR THR A . n 
A 1 110 GLY 110 110 110 GLY GLY A . n 
A 1 111 VAL 111 111 111 VAL VAL A . n 
A 1 112 ALA 112 112 112 ALA ALA A . n 
A 1 113 GLY 113 113 113 GLY GLY A . n 
A 1 114 PHE 114 114 114 PHE PHE A . n 
A 1 115 CYS 115 115 115 CYS CYS A . n 
A 1 116 ASN 116 116 116 ASN ASN A . n 
A 1 117 SER 117 117 117 SER SER A . n 
A 1 118 LEU 118 118 118 LEU LEU A . n 
A 1 119 ALA 119 119 119 ALA ALA A . n 
A 1 120 MET 120 120 120 MET MET A . n 
A 1 121 LEU 121 121 121 LEU LEU A . n 
A 1 122 GLN 122 122 122 GLN GLN A . n 
A 1 123 GLN 123 123 123 GLN GLN A . n 
A 1 124 LYS 124 124 124 LYS LYS A . n 
A 1 125 ARG 125 125 125 ARG ARG A . n 
A 1 126 TRP 126 126 126 TRP TRP A . n 
A 1 127 ASP 127 127 127 ASP ASP A . n 
A 1 128 GLU 128 128 128 GLU GLU A . n 
A 1 129 ALA 129 129 129 ALA ALA A . n 
A 1 130 ALA 130 130 130 ALA ALA A . n 
A 1 131 VAL 131 131 131 VAL VAL A . n 
A 1 132 ASN 132 132 132 ASN ASN A . n 
A 1 133 LEU 133 133 133 LEU LEU A . n 
A 1 134 ALA 134 134 134 ALA ALA A . n 
A 1 135 LYS 135 135 135 LYS LYS A . n 
A 1 136 SER 136 136 136 SER SER A . n 
A 1 137 ARG 137 137 137 ARG ARG A . n 
A 1 138 TRP 138 138 138 TRP TRP A . n 
A 1 139 TYR 139 139 139 TYR TYR A . n 
A 1 140 ASN 140 140 140 ASN ASN A . n 
A 1 141 GLN 141 141 141 GLN GLN A . n 
A 1 142 THR 142 142 142 THR THR A . n 
A 1 143 PRO 143 143 143 PRO PRO A . n 
A 1 144 ASN 144 144 144 ASN ASN A . n 
A 1 145 ARG 145 145 145 ARG ARG A . n 
A 1 146 ALA 146 146 146 ALA ALA A . n 
A 1 147 LYS 147 147 147 LYS LYS A . n 
A 1 148 ARG 148 148 148 ARG ARG A . n 
A 1 149 VAL 149 149 149 VAL VAL A . n 
A 1 150 ILE 150 150 150 ILE ILE A . n 
A 1 151 THR 151 151 151 THR THR A . n 
A 1 152 THR 152 152 152 THR THR A . n 
A 1 153 PHE 153 153 153 PHE PHE A . n 
A 1 154 ARG 154 154 154 ARG ARG A . n 
A 1 155 THR 155 155 155 THR THR A . n 
A 1 156 GLY 156 156 156 GLY GLY A . n 
A 1 157 THR 157 157 157 THR THR A . n 
A 1 158 TRP 158 158 158 TRP TRP A . n 
A 1 159 ASP 159 159 159 ASP ASP A . n 
A 1 160 ALA 160 160 160 ALA ALA A . n 
A 1 161 TYR 161 161 161 TYR TYR A . n 
A 1 162 LYS 162 162 162 LYS LYS A . n 
A 1 163 ASN 163 163 163 ASN ASN A . n 
A 1 164 LEU 164 164 164 LEU LEU A . n 
# 
_pdbx_nonpoly_scheme.asym_id         B 
_pdbx_nonpoly_scheme.entity_id       2 
_pdbx_nonpoly_scheme.mon_id          MTN 
_pdbx_nonpoly_scheme.ndb_seq_num     1 
_pdbx_nonpoly_scheme.pdb_seq_num     200 
_pdbx_nonpoly_scheme.auth_seq_num    200 
_pdbx_nonpoly_scheme.pdb_mon_id      MTN 
_pdbx_nonpoly_scheme.auth_mon_id     MTN 
_pdbx_nonpoly_scheme.pdb_strand_id   A 
_pdbx_nonpoly_scheme.pdb_ins_code    . 
# 
_pdbx_unobs_or_zero_occ_atoms.id               1 
_pdbx_unobs_or_zero_occ_atoms.PDB_model_num    1 
_pdbx_unobs_or_zero_occ_atoms.polymer_flag     Y 
_pdbx_unobs_or_zero_occ_atoms.occupancy_flag   0 
_pdbx_unobs_or_zero_occ_atoms.auth_asym_id     A 
_pdbx_unobs_or_zero_occ_atoms.auth_comp_id     CYS 
_pdbx_unobs_or_zero_occ_atoms.auth_seq_id      115 
_pdbx_unobs_or_zero_occ_atoms.PDB_ins_code     ? 
_pdbx_unobs_or_zero_occ_atoms.auth_atom_id     SG 
_pdbx_unobs_or_zero_occ_atoms.label_alt_id     ? 
_pdbx_unobs_or_zero_occ_atoms.label_asym_id    A 
_pdbx_unobs_or_zero_occ_atoms.label_comp_id    CYS 
_pdbx_unobs_or_zero_occ_atoms.label_seq_id     115 
_pdbx_unobs_or_zero_occ_atoms.label_atom_id    SG 
# 
loop_
_software.name 
_software.version 
_software.date 
_software.type 
_software.contact_author 
_software.contact_author_email 
_software.classification 
_software.location 
_software.language 
_software.citation_id 
_software.pdbx_ordinal 
DENZO        .     ?                package 'Zbyszek Otwinowski' zbyszek@mix.swmed.edu        'data reduction'  
http://www.lnls.br/infra/linhasluz/denzo-hkl.htm ?          ? 1 
SCALEPACK    .     ?                package 'Zbyszek Otwinowski' zbyszek@mix.swmed.edu        'data scaling'    
http://www.lnls.br/infra/linhasluz/denzo-hkl.htm ?          ? 2 
SHELX        .     ?                package 'George Sheldrick'   gsheldr@shelx.uni-ac.gwdg.de refinement        
http://shelx.uni-ac.gwdg.de/SHELX/               Fortran_77 ? 3 
PDB_EXTRACT  2.000 'April. 3, 2006' package PDB                  sw-help@rcsb.rutgers.edu     'data extraction' 
http://pdb.rutgers.edu/software/                 C++        ? 4 
CrystalClear .     ?                ?       ?                    ?                            'data collection' ? ?          ? 5 
EPMR         .     ?                ?       ?                    ?                            phasing           ? ?          ? 6 
SHELXL-97    .     ?                ?       ?                    ?                            refinement        ? ?          ? 7 
# 
_cell.entry_id           2OU9 
_cell.length_a           60.406 
_cell.length_b           60.406 
_cell.length_c           96.373 
_cell.angle_alpha        90.00 
_cell.angle_beta         90.00 
_cell.angle_gamma        120.00 
_cell.Z_PDB              6 
_cell.pdbx_unique_axis   ? 
# 
_symmetry.entry_id                         2OU9 
_symmetry.space_group_name_H-M             'P 32 2 1' 
_symmetry.pdbx_full_space_group_name_H-M   ? 
_symmetry.cell_setting                     ? 
_symmetry.Int_Tables_number                154 
# 
_exptl.method            'X-RAY DIFFRACTION' 
_exptl.crystals_number   1 
_exptl.entry_id          2OU9 
# 
_exptl_crystal.id                    1 
_exptl_crystal.density_Matthews      2.71 
_exptl_crystal.density_meas          ? 
_exptl_crystal.density_percent_sol   54.61 
_exptl_crystal.description           ? 
_exptl_crystal.F_000                 ? 
_exptl_crystal.preparation           ? 
# 
_exptl_crystal_grow.crystal_id      1 
_exptl_crystal_grow.method          'VAPOR DIFFUSION' 
_exptl_crystal_grow.pH              6.9 
_exptl_crystal_grow.temp            296 
_exptl_crystal_grow.temp_details    ? 
_exptl_crystal_grow.pdbx_details    
'2.0 M Na/K Phosphate, 240 mM NaCl, 40 mM 2-hydroxyethyl disulfide, pH 6.9, VAPOR DIFFUSION, temperature 296K' 
_exptl_crystal_grow.pdbx_pH_range   . 
# 
_diffrn.id                     1 
_diffrn.ambient_temp           100 
_diffrn.ambient_temp_details   ? 
_diffrn.crystal_id             1 
# 
_diffrn_detector.diffrn_id              1 
_diffrn_detector.detector               'IMAGE PLATE' 
_diffrn_detector.type                   'RIGAKU RAXIS IV' 
_diffrn_detector.pdbx_collection_date   2002-10-03 
_diffrn_detector.details                Osmic-Confocal 
# 
_diffrn_radiation.diffrn_id                        1 
_diffrn_radiation.wavelength_id                    1 
_diffrn_radiation.pdbx_diffrn_protocol             'SINGLE WAVELENGTH' 
_diffrn_radiation.monochromator                    ? 
_diffrn_radiation.pdbx_monochromatic_or_laue_m_l   M 
_diffrn_radiation.pdbx_scattering_type             x-ray 
# 
_diffrn_radiation_wavelength.id           1 
_diffrn_radiation_wavelength.wavelength   1.5418 
_diffrn_radiation_wavelength.wt           1.0 
# 
_diffrn_source.diffrn_id                   1 
_diffrn_source.source                      'ROTATING ANODE' 
_diffrn_source.type                        'RIGAKU RU200' 
_diffrn_source.pdbx_wavelength             1.5418 
_diffrn_source.pdbx_wavelength_list        ? 
_diffrn_source.pdbx_synchrotron_site       ? 
_diffrn_source.pdbx_synchrotron_beamline   ? 
# 
_reflns.entry_id                     2OU9 
_reflns.d_resolution_high            1.500 
_reflns.d_resolution_low             80.000 
_reflns.number_obs                   32082 
_reflns.pdbx_Rmerge_I_obs            ? 
_reflns.pdbx_netI_over_sigmaI        37.4 
_reflns.pdbx_chi_squared             1.024 
_reflns.percent_possible_obs         96.5 
_reflns.observed_criterion_sigma_F   0.0 
_reflns.observed_criterion_sigma_I   0.0 
_reflns.number_all                   32082 
_reflns.pdbx_Rsym_value              0.046 
_reflns.B_iso_Wilson_estimate        ? 
_reflns.pdbx_redundancy              8.8 
_reflns.R_free_details               ? 
_reflns.limit_h_max                  ? 
_reflns.limit_h_min                  ? 
_reflns.limit_k_max                  ? 
_reflns.limit_k_min                  ? 
_reflns.limit_l_max                  ? 
_reflns.limit_l_min                  ? 
_reflns.observed_criterion_F_max     ? 
_reflns.observed_criterion_F_min     ? 
_reflns.pdbx_scaling_rejects         ? 
_reflns.pdbx_ordinal                 1 
_reflns.pdbx_diffrn_id               1 
# 
_reflns_shell.d_res_high             1.50 
_reflns_shell.d_res_low              1.55 
_reflns_shell.number_measured_obs    ? 
_reflns_shell.number_measured_all    ? 
_reflns_shell.number_unique_obs      ? 
_reflns_shell.Rmerge_I_obs           ? 
_reflns_shell.meanI_over_sigI_obs    1.9 
_reflns_shell.pdbx_Rsym_value        0.533 
_reflns_shell.pdbx_chi_squared       0.916 
_reflns_shell.pdbx_redundancy        ? 
_reflns_shell.percent_possible_obs   ? 
_reflns_shell.number_unique_all      2511 
_reflns_shell.percent_possible_all   76.4 
_reflns_shell.pdbx_ordinal           1 
_reflns_shell.pdbx_diffrn_id         1 
# 
_refine.entry_id                                 2OU9 
_refine.ls_d_res_high                            1.550 
_refine.ls_d_res_low                             10.000 
_refine.pdbx_ls_sigma_F                          0.00 
_refine.ls_percent_reflns_obs                    93.700 
_refine.ls_number_reflns_all                     28156 
_refine.pdbx_ls_cross_valid_method               'FREE R' 
_refine.pdbx_R_Free_selection_details            RANDOM 
_refine.details                                  ? 
_refine.ls_R_factor_all                          0.1989 
_refine.ls_R_factor_obs                          0.1989 
_refine.ls_R_factor_R_free                       0.2197 
_refine.ls_percent_reflns_R_free                 4.800 
_refine.ls_number_reflns_R_free                  1491 
_refine.B_iso_mean                               ? 
_refine.solvent_model_details                    'MOEWS & KRETSINGER, J.MOL.BIOL.91(1973)201-228' 
_refine.ls_number_parameters                     13791 
_refine.ls_number_restraints                     16406 
_refine.pdbx_method_to_determine_struct          'MOLECULAR REPLACEMENT' 
_refine.pdbx_stereochemistry_target_values       'ENGH AND HUBER' 
_refine.pdbx_ls_sigma_I                          ? 
_refine.ls_number_reflns_obs                     28156 
_refine.ls_R_factor_R_work                       0.1585 
_refine.ls_redundancy_reflns_obs                 ? 
_refine.pdbx_data_cutoff_high_absF               ? 
_refine.pdbx_data_cutoff_low_absF                ? 
_refine.ls_R_factor_R_free_error                 ? 
_refine.ls_R_factor_R_free_error_details         ? 
_refine.pdbx_starting_model                      3LZM 
_refine.pdbx_stereochem_target_val_spec_case     ? 
_refine.solvent_model_param_bsol                 ? 
_refine.solvent_model_param_ksol                 ? 
_refine.occupancy_max                            ? 
_refine.occupancy_min                            ? 
_refine.pdbx_isotropic_thermal_model             ? 
_refine.aniso_B[1][1]                            ? 
_refine.aniso_B[1][2]                            ? 
_refine.aniso_B[1][3]                            ? 
_refine.aniso_B[2][2]                            ? 
_refine.aniso_B[2][3]                            ? 
_refine.aniso_B[3][3]                            ? 
_refine.B_iso_min                                ? 
_refine.B_iso_max                                ? 
_refine.correlation_coeff_Fo_to_Fc               ? 
_refine.correlation_coeff_Fo_to_Fc_free          ? 
_refine.pdbx_solvent_vdw_probe_radii             ? 
_refine.pdbx_solvent_ion_probe_radii             ? 
_refine.pdbx_solvent_shrinkage_radii             ? 
_refine.overall_SU_R_Cruickshank_DPI             ? 
_refine.overall_SU_R_free                        ? 
_refine.overall_SU_ML                            ? 
_refine.overall_SU_B                             ? 
_refine.pdbx_overall_ESU_R_Free                  ? 
_refine.pdbx_data_cutoff_high_rms_absF           ? 
_refine.pdbx_overall_ESU_R                       ? 
_refine.ls_wR_factor_R_free                      ? 
_refine.ls_wR_factor_R_work                      ? 
_refine.overall_FOM_free_R_set                   ? 
_refine.overall_FOM_work_R_set                   ? 
_refine.pdbx_refine_id                           'X-RAY DIFFRACTION' 
_refine.pdbx_diffrn_id                           1 
_refine.pdbx_TLS_residual_ADP_flag               ? 
_refine.pdbx_overall_phase_error                 ? 
_refine.pdbx_overall_SU_R_free_Cruickshank_DPI   ? 
_refine.pdbx_overall_SU_R_Blow_DPI               ? 
_refine.pdbx_overall_SU_R_free_Blow_DPI          ? 
# 
_refine_hist.pdbx_refine_id                   'X-RAY DIFFRACTION' 
_refine_hist.cycle_id                         LAST 
_refine_hist.pdbx_number_atoms_protein        1302 
_refine_hist.pdbx_number_atoms_nucleic_acid   0 
_refine_hist.pdbx_number_atoms_ligand         12 
_refine_hist.number_atoms_solvent             0 
_refine_hist.number_atoms_total               1314 
_refine_hist.d_res_high                       1.550 
_refine_hist.d_res_low                        10.000 
# 
loop_
_refine_ls_restr.type 
_refine_ls_restr.number 
_refine_ls_restr.dev_ideal 
_refine_ls_restr.dev_ideal_target 
_refine_ls_restr.weight 
_refine_ls_restr.pdbx_refine_id 
_refine_ls_restr.pdbx_restraint_function 
s_bond_d               ? 0.010 ? ? 'X-RAY DIFFRACTION' ? 
s_angle_d              ? 0.027 ? ? 'X-RAY DIFFRACTION' ? 
s_similar_dist         ? 0.000 ? ? 'X-RAY DIFFRACTION' ? 
s_from_restr_planes    ? 0.023 ? ? 'X-RAY DIFFRACTION' ? 
s_zero_chiral_vol      ? 0.041 ? ? 'X-RAY DIFFRACTION' ? 
s_non_zero_chiral_vol  ? 0.051 ? ? 'X-RAY DIFFRACTION' ? 
s_anti_bump_dis_restr  ? 0.013 ? ? 'X-RAY DIFFRACTION' ? 
s_rigid_bond_adp_cmpnt ? 0.003 ? ? 'X-RAY DIFFRACTION' ? 
s_similar_adp_cmpnt    ? 0.050 ? ? 'X-RAY DIFFRACTION' ? 
s_approx_iso_adps      ? 0.072 ? ? 'X-RAY DIFFRACTION' ? 
# 
_pdbx_refine.entry_id                                    2OU9 
_pdbx_refine.R_factor_all_4sig_cutoff                    0.194 
_pdbx_refine.R_factor_all_no_cutoff                      0.199 
_pdbx_refine.R_factor_obs_4sig_cutoff                    0.153 
_pdbx_refine.R_factor_obs_no_cutoff                      0.159 
_pdbx_refine.free_R_factor_4sig_cutoff                   0.235 
_pdbx_refine.free_R_factor_no_cutoff                     0.220 
_pdbx_refine.free_R_val_test_set_ct_4sig_cutoff          1272 
_pdbx_refine.free_R_val_test_set_ct_no_cutoff            1363 
_pdbx_refine.free_R_val_test_set_size_perc_4sig_cutoff   5.100 
_pdbx_refine.free_R_val_test_set_size_perc_no_cutoff     4.800 
_pdbx_refine.number_reflns_obs_4sig_cutoff               25169 
_pdbx_refine.pdbx_refine_id                              'X-RAY DIFFRACTION' 
_pdbx_refine.free_R_error_no_cutoff                      ? 
# 
_struct.entry_id                  2OU9 
_struct.title                     'Structure of Spin-labeled T4 Lysozyme Mutant T115R1/R119A' 
_struct.pdbx_model_details        ? 
_struct.pdbx_CASP_flag            ? 
_struct.pdbx_model_type_details   ? 
# 
_struct_keywords.entry_id        2OU9 
_struct_keywords.pdbx_keywords   HYDROLASE 
_struct_keywords.text            'Nitroxide, Spin label, T4 lysozyme, Electron paramagnetic resonance, EPR, HYDROLASE' 
# 
loop_
_struct_asym.id 
_struct_asym.pdbx_blank_PDB_chainid_flag 
_struct_asym.pdbx_modified 
_struct_asym.entity_id 
_struct_asym.details 
A N N 1 ? 
B N N 2 ? 
# 
_struct_ref.id                         1 
_struct_ref.db_name                    UNP 
_struct_ref.db_code                    LYS_BPT4 
_struct_ref.pdbx_db_accession          P00720 
_struct_ref.entity_id                  1 
_struct_ref.pdbx_seq_one_letter_code   
;MNIFEMLRIDEGLRLKIYKDTEGYYTIGIGHLLTKSPSLNAAKSELDKAIGRNCNGVITKDEAEKLFNQDVDAAVRGILR
NAKLKPVYDSLDAVRRCALINMVFQMGETGVAGFTNSLRMLQQKRWDEAAVNLAKSRWYNQTPNRAKRVITTFRTGTWDA
YKNL
;
_struct_ref.pdbx_align_begin           1 
_struct_ref.pdbx_db_isoform            ? 
# 
_struct_ref_seq.align_id                      1 
_struct_ref_seq.ref_id                        1 
_struct_ref_seq.pdbx_PDB_id_code              2OU9 
_struct_ref_seq.pdbx_strand_id                A 
_struct_ref_seq.seq_align_beg                 1 
_struct_ref_seq.pdbx_seq_align_beg_ins_code   ? 
_struct_ref_seq.seq_align_end                 164 
_struct_ref_seq.pdbx_seq_align_end_ins_code   ? 
_struct_ref_seq.pdbx_db_accession             P00720 
_struct_ref_seq.db_align_beg                  1 
_struct_ref_seq.pdbx_db_align_beg_ins_code    ? 
_struct_ref_seq.db_align_end                  164 
_struct_ref_seq.pdbx_db_align_end_ins_code    ? 
_struct_ref_seq.pdbx_auth_seq_align_beg       1 
_struct_ref_seq.pdbx_auth_seq_align_end       164 
# 
loop_
_struct_ref_seq_dif.align_id 
_struct_ref_seq_dif.pdbx_pdb_id_code 
_struct_ref_seq_dif.mon_id 
_struct_ref_seq_dif.pdbx_pdb_strand_id 
_struct_ref_seq_dif.seq_num 
_struct_ref_seq_dif.pdbx_pdb_ins_code 
_struct_ref_seq_dif.pdbx_seq_db_name 
_struct_ref_seq_dif.pdbx_seq_db_accession_code 
_struct_ref_seq_dif.db_mon_id 
_struct_ref_seq_dif.pdbx_seq_db_seq_num 
_struct_ref_seq_dif.details 
_struct_ref_seq_dif.pdbx_auth_seq_num 
_struct_ref_seq_dif.pdbx_ordinal 
1 2OU9 THR A 54  ? UNP P00720 CYS 54  'engineered mutation' 54  1 
1 2OU9 ALA A 97  ? UNP P00720 CYS 97  'engineered mutation' 97  2 
1 2OU9 ALA A 119 ? UNP P00720 ARG 119 'engineered mutation' 119 3 
# 
_pdbx_struct_assembly.id                   1 
_pdbx_struct_assembly.details              author_defined_assembly 
_pdbx_struct_assembly.method_details       ? 
_pdbx_struct_assembly.oligomeric_details   monomeric 
_pdbx_struct_assembly.oligomeric_count     1 
# 
_pdbx_struct_assembly_gen.assembly_id       1 
_pdbx_struct_assembly_gen.oper_expression   1 
_pdbx_struct_assembly_gen.asym_id_list      A,B 
# 
_pdbx_struct_oper_list.id                   1 
_pdbx_struct_oper_list.type                 'identity operation' 
_pdbx_struct_oper_list.name                 1_555 
_pdbx_struct_oper_list.symmetry_operation   x,y,z 
_pdbx_struct_oper_list.matrix[1][1]         1.0000000000 
_pdbx_struct_oper_list.matrix[1][2]         0.0000000000 
_pdbx_struct_oper_list.matrix[1][3]         0.0000000000 
_pdbx_struct_oper_list.vector[1]            0.0000000000 
_pdbx_struct_oper_list.matrix[2][1]         0.0000000000 
_pdbx_struct_oper_list.matrix[2][2]         1.0000000000 
_pdbx_struct_oper_list.matrix[2][3]         0.0000000000 
_pdbx_struct_oper_list.vector[2]            0.0000000000 
_pdbx_struct_oper_list.matrix[3][1]         0.0000000000 
_pdbx_struct_oper_list.matrix[3][2]         0.0000000000 
_pdbx_struct_oper_list.matrix[3][3]         1.0000000000 
_pdbx_struct_oper_list.vector[3]            0.0000000000 
# 
_struct_biol.id   1 
# 
loop_
_struct_conf.conf_type_id 
_struct_conf.id 
_struct_conf.pdbx_PDB_helix_id 
_struct_conf.beg_label_comp_id 
_struct_conf.beg_label_asym_id 
_struct_conf.beg_label_seq_id 
_struct_conf.pdbx_beg_PDB_ins_code 
_struct_conf.end_label_comp_id 
_struct_conf.end_label_asym_id 
_struct_conf.end_label_seq_id 
_struct_conf.pdbx_end_PDB_ins_code 
_struct_conf.beg_auth_comp_id 
_struct_conf.beg_auth_asym_id 
_struct_conf.beg_auth_seq_id 
_struct_conf.end_auth_comp_id 
_struct_conf.end_auth_asym_id 
_struct_conf.end_auth_seq_id 
_struct_conf.pdbx_PDB_helix_class 
_struct_conf.details 
_struct_conf.pdbx_PDB_helix_length 
HELX_P HELX_P1 1 ASN A 2   ? GLY A 12  ? ASN A 2   GLY A 12  1 ? 11 
HELX_P HELX_P2 2 SER A 38  ? GLY A 51  ? SER A 38  GLY A 51  1 ? 14 
HELX_P HELX_P3 3 THR A 59  ? ARG A 80  ? THR A 59  ARG A 80  1 ? 22 
HELX_P HELX_P4 4 LEU A 84  ? LEU A 91  ? LEU A 84  LEU A 91  1 ? 8  
HELX_P HELX_P5 5 ASP A 92  ? GLY A 113 ? ASP A 92  GLY A 113 1 ? 22 
HELX_P HELX_P6 6 PHE A 114 ? GLN A 123 ? PHE A 114 GLN A 123 1 ? 10 
HELX_P HELX_P7 7 ARG A 125 ? ALA A 134 ? ARG A 125 ALA A 134 1 ? 10 
HELX_P HELX_P8 8 SER A 136 ? THR A 142 ? SER A 136 THR A 142 1 ? 7  
HELX_P HELX_P9 9 THR A 142 ? GLY A 156 ? THR A 142 GLY A 156 1 ? 15 
# 
_struct_conf_type.id          HELX_P 
_struct_conf_type.criteria    ? 
_struct_conf_type.reference   ? 
# 
_struct_conn.id                            covale1 
_struct_conn.conn_type_id                  covale 
_struct_conn.pdbx_leaving_atom_flag        one 
_struct_conn.pdbx_PDB_id                   ? 
_struct_conn.ptnr1_label_asym_id           A 
_struct_conn.ptnr1_label_comp_id           CYS 
_struct_conn.ptnr1_label_seq_id            115 
_struct_conn.ptnr1_label_atom_id           SG 
_struct_conn.pdbx_ptnr1_label_alt_id       ? 
_struct_conn.pdbx_ptnr1_PDB_ins_code       ? 
_struct_conn.pdbx_ptnr1_standard_comp_id   ? 
_struct_conn.ptnr1_symmetry                1_555 
_struct_conn.ptnr2_label_asym_id           B 
_struct_conn.ptnr2_label_comp_id           MTN 
_struct_conn.ptnr2_label_seq_id            . 
_struct_conn.ptnr2_label_atom_id           S1 
_struct_conn.pdbx_ptnr2_label_alt_id       ? 
_struct_conn.pdbx_ptnr2_PDB_ins_code       ? 
_struct_conn.ptnr1_auth_asym_id            A 
_struct_conn.ptnr1_auth_comp_id            CYS 
_struct_conn.ptnr1_auth_seq_id             115 
_struct_conn.ptnr2_auth_asym_id            A 
_struct_conn.ptnr2_auth_comp_id            MTN 
_struct_conn.ptnr2_auth_seq_id             200 
_struct_conn.ptnr2_symmetry                1_555 
_struct_conn.pdbx_ptnr3_label_atom_id      ? 
_struct_conn.pdbx_ptnr3_label_seq_id       ? 
_struct_conn.pdbx_ptnr3_label_comp_id      ? 
_struct_conn.pdbx_ptnr3_label_asym_id      ? 
_struct_conn.pdbx_ptnr3_label_alt_id       ? 
_struct_conn.pdbx_ptnr3_PDB_ins_code       ? 
_struct_conn.details                       ? 
_struct_conn.pdbx_dist_value               1.968 
_struct_conn.pdbx_value_order              ? 
_struct_conn.pdbx_role                     ? 
# 
_struct_conn_type.id          covale 
_struct_conn_type.criteria    ? 
_struct_conn_type.reference   ? 
# 
_pdbx_modification_feature.ordinal                            1 
_pdbx_modification_feature.label_comp_id                      MTN 
_pdbx_modification_feature.label_asym_id                      B 
_pdbx_modification_feature.label_seq_id                       . 
_pdbx_modification_feature.label_alt_id                       ? 
_pdbx_modification_feature.modified_residue_label_comp_id     CYS 
_pdbx_modification_feature.modified_residue_label_asym_id     A 
_pdbx_modification_feature.modified_residue_label_seq_id      115 
_pdbx_modification_feature.modified_residue_label_alt_id      ? 
_pdbx_modification_feature.auth_comp_id                       MTN 
_pdbx_modification_feature.auth_asym_id                       A 
_pdbx_modification_feature.auth_seq_id                        200 
_pdbx_modification_feature.PDB_ins_code                       ? 
_pdbx_modification_feature.symmetry                           1_555 
_pdbx_modification_feature.modified_residue_auth_comp_id      CYS 
_pdbx_modification_feature.modified_residue_auth_asym_id      A 
_pdbx_modification_feature.modified_residue_auth_seq_id       115 
_pdbx_modification_feature.modified_residue_PDB_ins_code      ? 
_pdbx_modification_feature.modified_residue_symmetry          1_555 
_pdbx_modification_feature.comp_id_linking_atom               S1 
_pdbx_modification_feature.modified_residue_id_linking_atom   SG 
_pdbx_modification_feature.modified_residue_id                CYS 
_pdbx_modification_feature.ref_pcm_id                         1 
_pdbx_modification_feature.ref_comp_id                        MTN 
_pdbx_modification_feature.type                               None 
_pdbx_modification_feature.category                           'Covalent chemical modification' 
# 
_struct_sheet.id               A 
_struct_sheet.type             ? 
_struct_sheet.number_strands   3 
_struct_sheet.details          ? 
# 
loop_
_struct_sheet_order.sheet_id 
_struct_sheet_order.range_id_1 
_struct_sheet_order.range_id_2 
_struct_sheet_order.offset 
_struct_sheet_order.sense 
A 1 2 ? anti-parallel 
A 2 3 ? anti-parallel 
# 
loop_
_struct_sheet_range.sheet_id 
_struct_sheet_range.id 
_struct_sheet_range.beg_label_comp_id 
_struct_sheet_range.beg_label_asym_id 
_struct_sheet_range.beg_label_seq_id 
_struct_sheet_range.pdbx_beg_PDB_ins_code 
_struct_sheet_range.end_label_comp_id 
_struct_sheet_range.end_label_asym_id 
_struct_sheet_range.end_label_seq_id 
_struct_sheet_range.pdbx_end_PDB_ins_code 
_struct_sheet_range.beg_auth_comp_id 
_struct_sheet_range.beg_auth_asym_id 
_struct_sheet_range.beg_auth_seq_id 
_struct_sheet_range.end_auth_comp_id 
_struct_sheet_range.end_auth_asym_id 
_struct_sheet_range.end_auth_seq_id 
A 1 ARG A 14 ? LYS A 19 ? ARG A 14 LYS A 19 
A 2 TYR A 25 ? GLY A 28 ? TYR A 25 GLY A 28 
A 3 HIS A 31 ? LEU A 32 ? HIS A 31 LEU A 32 
# 
loop_
_pdbx_struct_sheet_hbond.sheet_id 
_pdbx_struct_sheet_hbond.range_id_1 
_pdbx_struct_sheet_hbond.range_id_2 
_pdbx_struct_sheet_hbond.range_1_label_atom_id 
_pdbx_struct_sheet_hbond.range_1_label_comp_id 
_pdbx_struct_sheet_hbond.range_1_label_asym_id 
_pdbx_struct_sheet_hbond.range_1_label_seq_id 
_pdbx_struct_sheet_hbond.range_1_PDB_ins_code 
_pdbx_struct_sheet_hbond.range_1_auth_atom_id 
_pdbx_struct_sheet_hbond.range_1_auth_comp_id 
_pdbx_struct_sheet_hbond.range_1_auth_asym_id 
_pdbx_struct_sheet_hbond.range_1_auth_seq_id 
_pdbx_struct_sheet_hbond.range_2_label_atom_id 
_pdbx_struct_sheet_hbond.range_2_label_comp_id 
_pdbx_struct_sheet_hbond.range_2_label_asym_id 
_pdbx_struct_sheet_hbond.range_2_label_seq_id 
_pdbx_struct_sheet_hbond.range_2_PDB_ins_code 
_pdbx_struct_sheet_hbond.range_2_auth_atom_id 
_pdbx_struct_sheet_hbond.range_2_auth_comp_id 
_pdbx_struct_sheet_hbond.range_2_auth_asym_id 
_pdbx_struct_sheet_hbond.range_2_auth_seq_id 
A 1 2 N TYR A 18 ? N TYR A 18 O THR A 26 ? O THR A 26 
A 2 3 N ILE A 27 ? N ILE A 27 O HIS A 31 ? O HIS A 31 
# 
_pdbx_entry_details.entry_id                   2OU9 
_pdbx_entry_details.compound_details           ? 
_pdbx_entry_details.source_details             ? 
_pdbx_entry_details.nonpolymer_details         ? 
_pdbx_entry_details.sequence_details           ? 
_pdbx_entry_details.has_ligand_of_interest     ? 
_pdbx_entry_details.has_protein_modification   Y 
# 
loop_
_pdbx_validate_rmsd_angle.id 
_pdbx_validate_rmsd_angle.PDB_model_num 
_pdbx_validate_rmsd_angle.auth_atom_id_1 
_pdbx_validate_rmsd_angle.auth_asym_id_1 
_pdbx_validate_rmsd_angle.auth_comp_id_1 
_pdbx_validate_rmsd_angle.auth_seq_id_1 
_pdbx_validate_rmsd_angle.PDB_ins_code_1 
_pdbx_validate_rmsd_angle.label_alt_id_1 
_pdbx_validate_rmsd_angle.auth_atom_id_2 
_pdbx_validate_rmsd_angle.auth_asym_id_2 
_pdbx_validate_rmsd_angle.auth_comp_id_2 
_pdbx_validate_rmsd_angle.auth_seq_id_2 
_pdbx_validate_rmsd_angle.PDB_ins_code_2 
_pdbx_validate_rmsd_angle.label_alt_id_2 
_pdbx_validate_rmsd_angle.auth_atom_id_3 
_pdbx_validate_rmsd_angle.auth_asym_id_3 
_pdbx_validate_rmsd_angle.auth_comp_id_3 
_pdbx_validate_rmsd_angle.auth_seq_id_3 
_pdbx_validate_rmsd_angle.PDB_ins_code_3 
_pdbx_validate_rmsd_angle.label_alt_id_3 
_pdbx_validate_rmsd_angle.angle_value 
_pdbx_validate_rmsd_angle.angle_target_value 
_pdbx_validate_rmsd_angle.angle_deviation 
_pdbx_validate_rmsd_angle.angle_standard_deviation 
_pdbx_validate_rmsd_angle.linker_flag 
1 1 CD A ARG 76  ? ? NE A ARG 76  ? ? CZ  A ARG 76  ? ? 138.32 123.60 14.72 1.40 N 
2 1 NE A ARG 76  ? ? CZ A ARG 76  ? ? NH1 A ARG 76  ? ? 127.03 120.30 6.73  0.50 N 
3 1 NE A ARG 76  ? ? CZ A ARG 76  ? ? NH2 A ARG 76  ? ? 114.05 120.30 -6.25 0.50 N 
4 1 CA A CYS 115 ? ? CB A CYS 115 ? ? SG  A CYS 115 ? ? 124.36 114.20 10.16 1.10 N 
# 
loop_
_pdbx_validate_torsion.id 
_pdbx_validate_torsion.PDB_model_num 
_pdbx_validate_torsion.auth_comp_id 
_pdbx_validate_torsion.auth_asym_id 
_pdbx_validate_torsion.auth_seq_id 
_pdbx_validate_torsion.PDB_ins_code 
_pdbx_validate_torsion.label_alt_id 
_pdbx_validate_torsion.phi 
_pdbx_validate_torsion.psi 
1 1 ILE A 29  ? ? -103.55 74.49 
2 1 PHE A 114 ? ? -85.64  43.02 
# 
_pdbx_unobs_or_zero_occ_residues.id               1 
_pdbx_unobs_or_zero_occ_residues.PDB_model_num    1 
_pdbx_unobs_or_zero_occ_residues.polymer_flag     N 
_pdbx_unobs_or_zero_occ_residues.occupancy_flag   0 
_pdbx_unobs_or_zero_occ_residues.auth_asym_id     A 
_pdbx_unobs_or_zero_occ_residues.auth_comp_id     MTN 
_pdbx_unobs_or_zero_occ_residues.auth_seq_id      200 
_pdbx_unobs_or_zero_occ_residues.PDB_ins_code     ? 
_pdbx_unobs_or_zero_occ_residues.label_asym_id    B 
_pdbx_unobs_or_zero_occ_residues.label_comp_id    MTN 
_pdbx_unobs_or_zero_occ_residues.label_seq_id     ? 
# 
loop_
_chem_comp_atom.comp_id 
_chem_comp_atom.atom_id 
_chem_comp_atom.type_symbol 
_chem_comp_atom.pdbx_aromatic_flag 
_chem_comp_atom.pdbx_stereo_config 
_chem_comp_atom.pdbx_ordinal 
ALA N    N N N 1   
ALA CA   C N S 2   
ALA C    C N N 3   
ALA O    O N N 4   
ALA CB   C N N 5   
ALA OXT  O N N 6   
ALA H    H N N 7   
ALA H2   H N N 8   
ALA HA   H N N 9   
ALA HB1  H N N 10  
ALA HB2  H N N 11  
ALA HB3  H N N 12  
ALA HXT  H N N 13  
ARG N    N N N 14  
ARG CA   C N S 15  
ARG C    C N N 16  
ARG O    O N N 17  
ARG CB   C N N 18  
ARG CG   C N N 19  
ARG CD   C N N 20  
ARG NE   N N N 21  
ARG CZ   C N N 22  
ARG NH1  N N N 23  
ARG NH2  N N N 24  
ARG OXT  O N N 25  
ARG H    H N N 26  
ARG H2   H N N 27  
ARG HA   H N N 28  
ARG HB2  H N N 29  
ARG HB3  H N N 30  
ARG HG2  H N N 31  
ARG HG3  H N N 32  
ARG HD2  H N N 33  
ARG HD3  H N N 34  
ARG HE   H N N 35  
ARG HH11 H N N 36  
ARG HH12 H N N 37  
ARG HH21 H N N 38  
ARG HH22 H N N 39  
ARG HXT  H N N 40  
ASN N    N N N 41  
ASN CA   C N S 42  
ASN C    C N N 43  
ASN O    O N N 44  
ASN CB   C N N 45  
ASN CG   C N N 46  
ASN OD1  O N N 47  
ASN ND2  N N N 48  
ASN OXT  O N N 49  
ASN H    H N N 50  
ASN H2   H N N 51  
ASN HA   H N N 52  
ASN HB2  H N N 53  
ASN HB3  H N N 54  
ASN HD21 H N N 55  
ASN HD22 H N N 56  
ASN HXT  H N N 57  
ASP N    N N N 58  
ASP CA   C N S 59  
ASP C    C N N 60  
ASP O    O N N 61  
ASP CB   C N N 62  
ASP CG   C N N 63  
ASP OD1  O N N 64  
ASP OD2  O N N 65  
ASP OXT  O N N 66  
ASP H    H N N 67  
ASP H2   H N N 68  
ASP HA   H N N 69  
ASP HB2  H N N 70  
ASP HB3  H N N 71  
ASP HD2  H N N 72  
ASP HXT  H N N 73  
CYS N    N N N 74  
CYS CA   C N R 75  
CYS C    C N N 76  
CYS O    O N N 77  
CYS CB   C N N 78  
CYS SG   S N N 79  
CYS OXT  O N N 80  
CYS H    H N N 81  
CYS H2   H N N 82  
CYS HA   H N N 83  
CYS HB2  H N N 84  
CYS HB3  H N N 85  
CYS HG   H N N 86  
CYS HXT  H N N 87  
GLN N    N N N 88  
GLN CA   C N S 89  
GLN C    C N N 90  
GLN O    O N N 91  
GLN CB   C N N 92  
GLN CG   C N N 93  
GLN CD   C N N 94  
GLN OE1  O N N 95  
GLN NE2  N N N 96  
GLN OXT  O N N 97  
GLN H    H N N 98  
GLN H2   H N N 99  
GLN HA   H N N 100 
GLN HB2  H N N 101 
GLN HB3  H N N 102 
GLN HG2  H N N 103 
GLN HG3  H N N 104 
GLN HE21 H N N 105 
GLN HE22 H N N 106 
GLN HXT  H N N 107 
GLU N    N N N 108 
GLU CA   C N S 109 
GLU C    C N N 110 
GLU O    O N N 111 
GLU CB   C N N 112 
GLU CG   C N N 113 
GLU CD   C N N 114 
GLU OE1  O N N 115 
GLU OE2  O N N 116 
GLU OXT  O N N 117 
GLU H    H N N 118 
GLU H2   H N N 119 
GLU HA   H N N 120 
GLU HB2  H N N 121 
GLU HB3  H N N 122 
GLU HG2  H N N 123 
GLU HG3  H N N 124 
GLU HE2  H N N 125 
GLU HXT  H N N 126 
GLY N    N N N 127 
GLY CA   C N N 128 
GLY C    C N N 129 
GLY O    O N N 130 
GLY OXT  O N N 131 
GLY H    H N N 132 
GLY H2   H N N 133 
GLY HA2  H N N 134 
GLY HA3  H N N 135 
GLY HXT  H N N 136 
HIS N    N N N 137 
HIS CA   C N S 138 
HIS C    C N N 139 
HIS O    O N N 140 
HIS CB   C N N 141 
HIS CG   C Y N 142 
HIS ND1  N Y N 143 
HIS CD2  C Y N 144 
HIS CE1  C Y N 145 
HIS NE2  N Y N 146 
HIS OXT  O N N 147 
HIS H    H N N 148 
HIS H2   H N N 149 
HIS HA   H N N 150 
HIS HB2  H N N 151 
HIS HB3  H N N 152 
HIS HD1  H N N 153 
HIS HD2  H N N 154 
HIS HE1  H N N 155 
HIS HE2  H N N 156 
HIS HXT  H N N 157 
ILE N    N N N 158 
ILE CA   C N S 159 
ILE C    C N N 160 
ILE O    O N N 161 
ILE CB   C N S 162 
ILE CG1  C N N 163 
ILE CG2  C N N 164 
ILE CD1  C N N 165 
ILE OXT  O N N 166 
ILE H    H N N 167 
ILE H2   H N N 168 
ILE HA   H N N 169 
ILE HB   H N N 170 
ILE HG12 H N N 171 
ILE HG13 H N N 172 
ILE HG21 H N N 173 
ILE HG22 H N N 174 
ILE HG23 H N N 175 
ILE HD11 H N N 176 
ILE HD12 H N N 177 
ILE HD13 H N N 178 
ILE HXT  H N N 179 
LEU N    N N N 180 
LEU CA   C N S 181 
LEU C    C N N 182 
LEU O    O N N 183 
LEU CB   C N N 184 
LEU CG   C N N 185 
LEU CD1  C N N 186 
LEU CD2  C N N 187 
LEU OXT  O N N 188 
LEU H    H N N 189 
LEU H2   H N N 190 
LEU HA   H N N 191 
LEU HB2  H N N 192 
LEU HB3  H N N 193 
LEU HG   H N N 194 
LEU HD11 H N N 195 
LEU HD12 H N N 196 
LEU HD13 H N N 197 
LEU HD21 H N N 198 
LEU HD22 H N N 199 
LEU HD23 H N N 200 
LEU HXT  H N N 201 
LYS N    N N N 202 
LYS CA   C N S 203 
LYS C    C N N 204 
LYS O    O N N 205 
LYS CB   C N N 206 
LYS CG   C N N 207 
LYS CD   C N N 208 
LYS CE   C N N 209 
LYS NZ   N N N 210 
LYS OXT  O N N 211 
LYS H    H N N 212 
LYS H2   H N N 213 
LYS HA   H N N 214 
LYS HB2  H N N 215 
LYS HB3  H N N 216 
LYS HG2  H N N 217 
LYS HG3  H N N 218 
LYS HD2  H N N 219 
LYS HD3  H N N 220 
LYS HE2  H N N 221 
LYS HE3  H N N 222 
LYS HZ1  H N N 223 
LYS HZ2  H N N 224 
LYS HZ3  H N N 225 
LYS HXT  H N N 226 
MET N    N N N 227 
MET CA   C N S 228 
MET C    C N N 229 
MET O    O N N 230 
MET CB   C N N 231 
MET CG   C N N 232 
MET SD   S N N 233 
MET CE   C N N 234 
MET OXT  O N N 235 
MET H    H N N 236 
MET H2   H N N 237 
MET HA   H N N 238 
MET HB2  H N N 239 
MET HB3  H N N 240 
MET HG2  H N N 241 
MET HG3  H N N 242 
MET HE1  H N N 243 
MET HE2  H N N 244 
MET HE3  H N N 245 
MET HXT  H N N 246 
MTN O1   O N N 247 
MTN N1   N N N 248 
MTN C1   C N N 249 
MTN C2   C N N 250 
MTN C3   C N N 251 
MTN C4   C N N 252 
MTN S1   S N N 253 
MTN C5   C N N 254 
MTN C6   C N N 255 
MTN C7   C N N 256 
MTN C8   C N N 257 
MTN C9   C N N 258 
MTN H2   H N N 259 
MTN H41  H N N 260 
MTN H42  H N N 261 
MTN H61  H N N 262 
MTN H62  H N N 263 
MTN H63  H N N 264 
MTN H71  H N N 265 
MTN H72  H N N 266 
MTN H73  H N N 267 
MTN H81  H N N 268 
MTN H82  H N N 269 
MTN H83  H N N 270 
MTN H91  H N N 271 
MTN H92  H N N 272 
MTN H93  H N N 273 
MTN S2   S N N 274 
MTN O2   O N N 275 
MTN O3   O N N 276 
MTN C12  C N N 277 
MTN H4   H N N 278 
MTN H1   H N N 279 
MTN H3   H N N 280 
PHE N    N N N 281 
PHE CA   C N S 282 
PHE C    C N N 283 
PHE O    O N N 284 
PHE CB   C N N 285 
PHE CG   C Y N 286 
PHE CD1  C Y N 287 
PHE CD2  C Y N 288 
PHE CE1  C Y N 289 
PHE CE2  C Y N 290 
PHE CZ   C Y N 291 
PHE OXT  O N N 292 
PHE H    H N N 293 
PHE H2   H N N 294 
PHE HA   H N N 295 
PHE HB2  H N N 296 
PHE HB3  H N N 297 
PHE HD1  H N N 298 
PHE HD2  H N N 299 
PHE HE1  H N N 300 
PHE HE2  H N N 301 
PHE HZ   H N N 302 
PHE HXT  H N N 303 
PRO N    N N N 304 
PRO CA   C N S 305 
PRO C    C N N 306 
PRO O    O N N 307 
PRO CB   C N N 308 
PRO CG   C N N 309 
PRO CD   C N N 310 
PRO OXT  O N N 311 
PRO H    H N N 312 
PRO HA   H N N 313 
PRO HB2  H N N 314 
PRO HB3  H N N 315 
PRO HG2  H N N 316 
PRO HG3  H N N 317 
PRO HD2  H N N 318 
PRO HD3  H N N 319 
PRO HXT  H N N 320 
SER N    N N N 321 
SER CA   C N S 322 
SER C    C N N 323 
SER O    O N N 324 
SER CB   C N N 325 
SER OG   O N N 326 
SER OXT  O N N 327 
SER H    H N N 328 
SER H2   H N N 329 
SER HA   H N N 330 
SER HB2  H N N 331 
SER HB3  H N N 332 
SER HG   H N N 333 
SER HXT  H N N 334 
THR N    N N N 335 
THR CA   C N S 336 
THR C    C N N 337 
THR O    O N N 338 
THR CB   C N R 339 
THR OG1  O N N 340 
THR CG2  C N N 341 
THR OXT  O N N 342 
THR H    H N N 343 
THR H2   H N N 344 
THR HA   H N N 345 
THR HB   H N N 346 
THR HG1  H N N 347 
THR HG21 H N N 348 
THR HG22 H N N 349 
THR HG23 H N N 350 
THR HXT  H N N 351 
TRP N    N N N 352 
TRP CA   C N S 353 
TRP C    C N N 354 
TRP O    O N N 355 
TRP CB   C N N 356 
TRP CG   C Y N 357 
TRP CD1  C Y N 358 
TRP CD2  C Y N 359 
TRP NE1  N Y N 360 
TRP CE2  C Y N 361 
TRP CE3  C Y N 362 
TRP CZ2  C Y N 363 
TRP CZ3  C Y N 364 
TRP CH2  C Y N 365 
TRP OXT  O N N 366 
TRP H    H N N 367 
TRP H2   H N N 368 
TRP HA   H N N 369 
TRP HB2  H N N 370 
TRP HB3  H N N 371 
TRP HD1  H N N 372 
TRP HE1  H N N 373 
TRP HE3  H N N 374 
TRP HZ2  H N N 375 
TRP HZ3  H N N 376 
TRP HH2  H N N 377 
TRP HXT  H N N 378 
TYR N    N N N 379 
TYR CA   C N S 380 
TYR C    C N N 381 
TYR O    O N N 382 
TYR CB   C N N 383 
TYR CG   C Y N 384 
TYR CD1  C Y N 385 
TYR CD2  C Y N 386 
TYR CE1  C Y N 387 
TYR CE2  C Y N 388 
TYR CZ   C Y N 389 
TYR OH   O N N 390 
TYR OXT  O N N 391 
TYR H    H N N 392 
TYR H2   H N N 393 
TYR HA   H N N 394 
TYR HB2  H N N 395 
TYR HB3  H N N 396 
TYR HD1  H N N 397 
TYR HD2  H N N 398 
TYR HE1  H N N 399 
TYR HE2  H N N 400 
TYR HH   H N N 401 
TYR HXT  H N N 402 
VAL N    N N N 403 
VAL CA   C N S 404 
VAL C    C N N 405 
VAL O    O N N 406 
VAL CB   C N N 407 
VAL CG1  C N N 408 
VAL CG2  C N N 409 
VAL OXT  O N N 410 
VAL H    H N N 411 
VAL H2   H N N 412 
VAL HA   H N N 413 
VAL HB   H N N 414 
VAL HG11 H N N 415 
VAL HG12 H N N 416 
VAL HG13 H N N 417 
VAL HG21 H N N 418 
VAL HG22 H N N 419 
VAL HG23 H N N 420 
VAL HXT  H N N 421 
# 
loop_
_chem_comp_bond.comp_id 
_chem_comp_bond.atom_id_1 
_chem_comp_bond.atom_id_2 
_chem_comp_bond.value_order 
_chem_comp_bond.pdbx_aromatic_flag 
_chem_comp_bond.pdbx_stereo_config 
_chem_comp_bond.pdbx_ordinal 
ALA N   CA   sing N N 1   
ALA N   H    sing N N 2   
ALA N   H2   sing N N 3   
ALA CA  C    sing N N 4   
ALA CA  CB   sing N N 5   
ALA CA  HA   sing N N 6   
ALA C   O    doub N N 7   
ALA C   OXT  sing N N 8   
ALA CB  HB1  sing N N 9   
ALA CB  HB2  sing N N 10  
ALA CB  HB3  sing N N 11  
ALA OXT HXT  sing N N 12  
ARG N   CA   sing N N 13  
ARG N   H    sing N N 14  
ARG N   H2   sing N N 15  
ARG CA  C    sing N N 16  
ARG CA  CB   sing N N 17  
ARG CA  HA   sing N N 18  
ARG C   O    doub N N 19  
ARG C   OXT  sing N N 20  
ARG CB  CG   sing N N 21  
ARG CB  HB2  sing N N 22  
ARG CB  HB3  sing N N 23  
ARG CG  CD   sing N N 24  
ARG CG  HG2  sing N N 25  
ARG CG  HG3  sing N N 26  
ARG CD  NE   sing N N 27  
ARG CD  HD2  sing N N 28  
ARG CD  HD3  sing N N 29  
ARG NE  CZ   sing N N 30  
ARG NE  HE   sing N N 31  
ARG CZ  NH1  sing N N 32  
ARG CZ  NH2  doub N N 33  
ARG NH1 HH11 sing N N 34  
ARG NH1 HH12 sing N N 35  
ARG NH2 HH21 sing N N 36  
ARG NH2 HH22 sing N N 37  
ARG OXT HXT  sing N N 38  
ASN N   CA   sing N N 39  
ASN N   H    sing N N 40  
ASN N   H2   sing N N 41  
ASN CA  C    sing N N 42  
ASN CA  CB   sing N N 43  
ASN CA  HA   sing N N 44  
ASN C   O    doub N N 45  
ASN C   OXT  sing N N 46  
ASN CB  CG   sing N N 47  
ASN CB  HB2  sing N N 48  
ASN CB  HB3  sing N N 49  
ASN CG  OD1  doub N N 50  
ASN CG  ND2  sing N N 51  
ASN ND2 HD21 sing N N 52  
ASN ND2 HD22 sing N N 53  
ASN OXT HXT  sing N N 54  
ASP N   CA   sing N N 55  
ASP N   H    sing N N 56  
ASP N   H2   sing N N 57  
ASP CA  C    sing N N 58  
ASP CA  CB   sing N N 59  
ASP CA  HA   sing N N 60  
ASP C   O    doub N N 61  
ASP C   OXT  sing N N 62  
ASP CB  CG   sing N N 63  
ASP CB  HB2  sing N N 64  
ASP CB  HB3  sing N N 65  
ASP CG  OD1  doub N N 66  
ASP CG  OD2  sing N N 67  
ASP OD2 HD2  sing N N 68  
ASP OXT HXT  sing N N 69  
CYS N   CA   sing N N 70  
CYS N   H    sing N N 71  
CYS N   H2   sing N N 72  
CYS CA  C    sing N N 73  
CYS CA  CB   sing N N 74  
CYS CA  HA   sing N N 75  
CYS C   O    doub N N 76  
CYS C   OXT  sing N N 77  
CYS CB  SG   sing N N 78  
CYS CB  HB2  sing N N 79  
CYS CB  HB3  sing N N 80  
CYS SG  HG   sing N N 81  
CYS OXT HXT  sing N N 82  
GLN N   CA   sing N N 83  
GLN N   H    sing N N 84  
GLN N   H2   sing N N 85  
GLN CA  C    sing N N 86  
GLN CA  CB   sing N N 87  
GLN CA  HA   sing N N 88  
GLN C   O    doub N N 89  
GLN C   OXT  sing N N 90  
GLN CB  CG   sing N N 91  
GLN CB  HB2  sing N N 92  
GLN CB  HB3  sing N N 93  
GLN CG  CD   sing N N 94  
GLN CG  HG2  sing N N 95  
GLN CG  HG3  sing N N 96  
GLN CD  OE1  doub N N 97  
GLN CD  NE2  sing N N 98  
GLN NE2 HE21 sing N N 99  
GLN NE2 HE22 sing N N 100 
GLN OXT HXT  sing N N 101 
GLU N   CA   sing N N 102 
GLU N   H    sing N N 103 
GLU N   H2   sing N N 104 
GLU CA  C    sing N N 105 
GLU CA  CB   sing N N 106 
GLU CA  HA   sing N N 107 
GLU C   O    doub N N 108 
GLU C   OXT  sing N N 109 
GLU CB  CG   sing N N 110 
GLU CB  HB2  sing N N 111 
GLU CB  HB3  sing N N 112 
GLU CG  CD   sing N N 113 
GLU CG  HG2  sing N N 114 
GLU CG  HG3  sing N N 115 
GLU CD  OE1  doub N N 116 
GLU CD  OE2  sing N N 117 
GLU OE2 HE2  sing N N 118 
GLU OXT HXT  sing N N 119 
GLY N   CA   sing N N 120 
GLY N   H    sing N N 121 
GLY N   H2   sing N N 122 
GLY CA  C    sing N N 123 
GLY CA  HA2  sing N N 124 
GLY CA  HA3  sing N N 125 
GLY C   O    doub N N 126 
GLY C   OXT  sing N N 127 
GLY OXT HXT  sing N N 128 
HIS N   CA   sing N N 129 
HIS N   H    sing N N 130 
HIS N   H2   sing N N 131 
HIS CA  C    sing N N 132 
HIS CA  CB   sing N N 133 
HIS CA  HA   sing N N 134 
HIS C   O    doub N N 135 
HIS C   OXT  sing N N 136 
HIS CB  CG   sing N N 137 
HIS CB  HB2  sing N N 138 
HIS CB  HB3  sing N N 139 
HIS CG  ND1  sing Y N 140 
HIS CG  CD2  doub Y N 141 
HIS ND1 CE1  doub Y N 142 
HIS ND1 HD1  sing N N 143 
HIS CD2 NE2  sing Y N 144 
HIS CD2 HD2  sing N N 145 
HIS CE1 NE2  sing Y N 146 
HIS CE1 HE1  sing N N 147 
HIS NE2 HE2  sing N N 148 
HIS OXT HXT  sing N N 149 
ILE N   CA   sing N N 150 
ILE N   H    sing N N 151 
ILE N   H2   sing N N 152 
ILE CA  C    sing N N 153 
ILE CA  CB   sing N N 154 
ILE CA  HA   sing N N 155 
ILE C   O    doub N N 156 
ILE C   OXT  sing N N 157 
ILE CB  CG1  sing N N 158 
ILE CB  CG2  sing N N 159 
ILE CB  HB   sing N N 160 
ILE CG1 CD1  sing N N 161 
ILE CG1 HG12 sing N N 162 
ILE CG1 HG13 sing N N 163 
ILE CG2 HG21 sing N N 164 
ILE CG2 HG22 sing N N 165 
ILE CG2 HG23 sing N N 166 
ILE CD1 HD11 sing N N 167 
ILE CD1 HD12 sing N N 168 
ILE CD1 HD13 sing N N 169 
ILE OXT HXT  sing N N 170 
LEU N   CA   sing N N 171 
LEU N   H    sing N N 172 
LEU N   H2   sing N N 173 
LEU CA  C    sing N N 174 
LEU CA  CB   sing N N 175 
LEU CA  HA   sing N N 176 
LEU C   O    doub N N 177 
LEU C   OXT  sing N N 178 
LEU CB  CG   sing N N 179 
LEU CB  HB2  sing N N 180 
LEU CB  HB3  sing N N 181 
LEU CG  CD1  sing N N 182 
LEU CG  CD2  sing N N 183 
LEU CG  HG   sing N N 184 
LEU CD1 HD11 sing N N 185 
LEU CD1 HD12 sing N N 186 
LEU CD1 HD13 sing N N 187 
LEU CD2 HD21 sing N N 188 
LEU CD2 HD22 sing N N 189 
LEU CD2 HD23 sing N N 190 
LEU OXT HXT  sing N N 191 
LYS N   CA   sing N N 192 
LYS N   H    sing N N 193 
LYS N   H2   sing N N 194 
LYS CA  C    sing N N 195 
LYS CA  CB   sing N N 196 
LYS CA  HA   sing N N 197 
LYS C   O    doub N N 198 
LYS C   OXT  sing N N 199 
LYS CB  CG   sing N N 200 
LYS CB  HB2  sing N N 201 
LYS CB  HB3  sing N N 202 
LYS CG  CD   sing N N 203 
LYS CG  HG2  sing N N 204 
LYS CG  HG3  sing N N 205 
LYS CD  CE   sing N N 206 
LYS CD  HD2  sing N N 207 
LYS CD  HD3  sing N N 208 
LYS CE  NZ   sing N N 209 
LYS CE  HE2  sing N N 210 
LYS CE  HE3  sing N N 211 
LYS NZ  HZ1  sing N N 212 
LYS NZ  HZ2  sing N N 213 
LYS NZ  HZ3  sing N N 214 
LYS OXT HXT  sing N N 215 
MET N   CA   sing N N 216 
MET N   H    sing N N 217 
MET N   H2   sing N N 218 
MET CA  C    sing N N 219 
MET CA  CB   sing N N 220 
MET CA  HA   sing N N 221 
MET C   O    doub N N 222 
MET C   OXT  sing N N 223 
MET CB  CG   sing N N 224 
MET CB  HB2  sing N N 225 
MET CB  HB3  sing N N 226 
MET CG  SD   sing N N 227 
MET CG  HG2  sing N N 228 
MET CG  HG3  sing N N 229 
MET SD  CE   sing N N 230 
MET CE  HE1  sing N N 231 
MET CE  HE2  sing N N 232 
MET CE  HE3  sing N N 233 
MET OXT HXT  sing N N 234 
MTN O1  N1   sing N N 235 
MTN N1  C1   sing N N 236 
MTN N1  C5   sing N N 237 
MTN C1  C2   sing N N 238 
MTN C1  C8   sing N N 239 
MTN C1  C9   sing N N 240 
MTN C2  C3   doub N N 241 
MTN C2  H2   sing N N 242 
MTN C3  C4   sing N N 243 
MTN C3  C5   sing N N 244 
MTN C4  S1   sing N N 245 
MTN C4  H41  sing N N 246 
MTN C4  H42  sing N N 247 
MTN C5  C6   sing N N 248 
MTN C5  C7   sing N N 249 
MTN C6  H61  sing N N 250 
MTN C6  H62  sing N N 251 
MTN C6  H63  sing N N 252 
MTN C7  H71  sing N N 253 
MTN C7  H72  sing N N 254 
MTN C7  H73  sing N N 255 
MTN C8  H81  sing N N 256 
MTN C8  H82  sing N N 257 
MTN C8  H83  sing N N 258 
MTN C9  H91  sing N N 259 
MTN C9  H92  sing N N 260 
MTN C9  H93  sing N N 261 
MTN S1  S2   sing N N 262 
MTN S2  O2   doub N N 263 
MTN S2  O3   doub N N 264 
MTN S2  C12  sing N N 265 
MTN C12 H4   sing N N 266 
MTN C12 H1   sing N N 267 
MTN C12 H3   sing N N 268 
PHE N   CA   sing N N 269 
PHE N   H    sing N N 270 
PHE N   H2   sing N N 271 
PHE CA  C    sing N N 272 
PHE CA  CB   sing N N 273 
PHE CA  HA   sing N N 274 
PHE C   O    doub N N 275 
PHE C   OXT  sing N N 276 
PHE CB  CG   sing N N 277 
PHE CB  HB2  sing N N 278 
PHE CB  HB3  sing N N 279 
PHE CG  CD1  doub Y N 280 
PHE CG  CD2  sing Y N 281 
PHE CD1 CE1  sing Y N 282 
PHE CD1 HD1  sing N N 283 
PHE CD2 CE2  doub Y N 284 
PHE CD2 HD2  sing N N 285 
PHE CE1 CZ   doub Y N 286 
PHE CE1 HE1  sing N N 287 
PHE CE2 CZ   sing Y N 288 
PHE CE2 HE2  sing N N 289 
PHE CZ  HZ   sing N N 290 
PHE OXT HXT  sing N N 291 
PRO N   CA   sing N N 292 
PRO N   CD   sing N N 293 
PRO N   H    sing N N 294 
PRO CA  C    sing N N 295 
PRO CA  CB   sing N N 296 
PRO CA  HA   sing N N 297 
PRO C   O    doub N N 298 
PRO C   OXT  sing N N 299 
PRO CB  CG   sing N N 300 
PRO CB  HB2  sing N N 301 
PRO CB  HB3  sing N N 302 
PRO CG  CD   sing N N 303 
PRO CG  HG2  sing N N 304 
PRO CG  HG3  sing N N 305 
PRO CD  HD2  sing N N 306 
PRO CD  HD3  sing N N 307 
PRO OXT HXT  sing N N 308 
SER N   CA   sing N N 309 
SER N   H    sing N N 310 
SER N   H2   sing N N 311 
SER CA  C    sing N N 312 
SER CA  CB   sing N N 313 
SER CA  HA   sing N N 314 
SER C   O    doub N N 315 
SER C   OXT  sing N N 316 
SER CB  OG   sing N N 317 
SER CB  HB2  sing N N 318 
SER CB  HB3  sing N N 319 
SER OG  HG   sing N N 320 
SER OXT HXT  sing N N 321 
THR N   CA   sing N N 322 
THR N   H    sing N N 323 
THR N   H2   sing N N 324 
THR CA  C    sing N N 325 
THR CA  CB   sing N N 326 
THR CA  HA   sing N N 327 
THR C   O    doub N N 328 
THR C   OXT  sing N N 329 
THR CB  OG1  sing N N 330 
THR CB  CG2  sing N N 331 
THR CB  HB   sing N N 332 
THR OG1 HG1  sing N N 333 
THR CG2 HG21 sing N N 334 
THR CG2 HG22 sing N N 335 
THR CG2 HG23 sing N N 336 
THR OXT HXT  sing N N 337 
TRP N   CA   sing N N 338 
TRP N   H    sing N N 339 
TRP N   H2   sing N N 340 
TRP CA  C    sing N N 341 
TRP CA  CB   sing N N 342 
TRP CA  HA   sing N N 343 
TRP C   O    doub N N 344 
TRP C   OXT  sing N N 345 
TRP CB  CG   sing N N 346 
TRP CB  HB2  sing N N 347 
TRP CB  HB3  sing N N 348 
TRP CG  CD1  doub Y N 349 
TRP CG  CD2  sing Y N 350 
TRP CD1 NE1  sing Y N 351 
TRP CD1 HD1  sing N N 352 
TRP CD2 CE2  doub Y N 353 
TRP CD2 CE3  sing Y N 354 
TRP NE1 CE2  sing Y N 355 
TRP NE1 HE1  sing N N 356 
TRP CE2 CZ2  sing Y N 357 
TRP CE3 CZ3  doub Y N 358 
TRP CE3 HE3  sing N N 359 
TRP CZ2 CH2  doub Y N 360 
TRP CZ2 HZ2  sing N N 361 
TRP CZ3 CH2  sing Y N 362 
TRP CZ3 HZ3  sing N N 363 
TRP CH2 HH2  sing N N 364 
TRP OXT HXT  sing N N 365 
TYR N   CA   sing N N 366 
TYR N   H    sing N N 367 
TYR N   H2   sing N N 368 
TYR CA  C    sing N N 369 
TYR CA  CB   sing N N 370 
TYR CA  HA   sing N N 371 
TYR C   O    doub N N 372 
TYR C   OXT  sing N N 373 
TYR CB  CG   sing N N 374 
TYR CB  HB2  sing N N 375 
TYR CB  HB3  sing N N 376 
TYR CG  CD1  doub Y N 377 
TYR CG  CD2  sing Y N 378 
TYR CD1 CE1  sing Y N 379 
TYR CD1 HD1  sing N N 380 
TYR CD2 CE2  doub Y N 381 
TYR CD2 HD2  sing N N 382 
TYR CE1 CZ   doub Y N 383 
TYR CE1 HE1  sing N N 384 
TYR CE2 CZ   sing Y N 385 
TYR CE2 HE2  sing N N 386 
TYR CZ  OH   sing N N 387 
TYR OH  HH   sing N N 388 
TYR OXT HXT  sing N N 389 
VAL N   CA   sing N N 390 
VAL N   H    sing N N 391 
VAL N   H2   sing N N 392 
VAL CA  C    sing N N 393 
VAL CA  CB   sing N N 394 
VAL CA  HA   sing N N 395 
VAL C   O    doub N N 396 
VAL C   OXT  sing N N 397 
VAL CB  CG1  sing N N 398 
VAL CB  CG2  sing N N 399 
VAL CB  HB   sing N N 400 
VAL CG1 HG11 sing N N 401 
VAL CG1 HG12 sing N N 402 
VAL CG1 HG13 sing N N 403 
VAL CG2 HG21 sing N N 404 
VAL CG2 HG22 sing N N 405 
VAL CG2 HG23 sing N N 406 
VAL OXT HXT  sing N N 407 
# 
_pdbx_initial_refinement_model.id               1 
_pdbx_initial_refinement_model.entity_id_list   ? 
_pdbx_initial_refinement_model.type             'experimental model' 
_pdbx_initial_refinement_model.source_name      PDB 
_pdbx_initial_refinement_model.accession_code   3LZM 
_pdbx_initial_refinement_model.details          ? 
# 
_atom_sites.entry_id                    2OU9 
_atom_sites.fract_transf_matrix[1][1]   -0.01536421 
_atom_sites.fract_transf_matrix[1][2]   -0.01131842 
_atom_sites.fract_transf_matrix[1][3]   0.00112152 
_atom_sites.fract_transf_matrix[2][1]   -0.00383282 
_atom_sites.fract_transf_matrix[2][2]   -0.00933094 
_atom_sites.fract_transf_matrix[2][3]   0.01623775 
_atom_sites.fract_transf_matrix[3][1]   -0.00568270 
_atom_sites.fract_transf_matrix[3][2]   0.00803881 
_atom_sites.fract_transf_matrix[3][3]   0.00327810 
_atom_sites.fract_transf_vector[1]      0.684577 
_atom_sites.fract_transf_vector[2]      0.219375 
_atom_sites.fract_transf_vector[3]      0.600557 
# 
loop_
_atom_type.symbol 
C 
N 
O 
S 
# 
loop_
_atom_site.group_PDB 
_atom_site.id 
_atom_site.type_symbol 
_atom_site.label_atom_id 
_atom_site.label_alt_id 
_atom_site.label_comp_id 
_atom_site.label_asym_id 
_atom_site.label_entity_id 
_atom_site.label_seq_id 
_atom_site.pdbx_PDB_ins_code 
_atom_site.Cartn_x 
_atom_site.Cartn_y 
_atom_site.Cartn_z 
_atom_site.occupancy 
_atom_site.B_iso_or_equiv 
_atom_site.pdbx_formal_charge 
_atom_site.auth_seq_id 
_atom_site.auth_comp_id 
_atom_site.auth_asym_id 
_atom_site.auth_atom_id 
_atom_site.pdbx_PDB_model_num 
ATOM   1    N N   . MET A 1 1   ? -3.956  2.916   -16.381 1.00 32.23  ? 1   MET A N   1 
ATOM   2    C CA  . MET A 1 1   ? -3.678  2.550   -15.000 1.00 27.31  ? 1   MET A CA  1 
ATOM   3    C C   . MET A 1 1   ? -2.810  3.597   -14.304 1.00 26.49  ? 1   MET A C   1 
ATOM   4    O O   . MET A 1 1   ? -2.033  4.306   -14.957 1.00 29.41  ? 1   MET A O   1 
ATOM   5    C CB  . MET A 1 1   ? -3.009  1.169   -14.966 1.00 31.21  ? 1   MET A CB  1 
ATOM   6    C CG  . MET A 1 1   ? -2.753  0.658   -13.566 1.00 36.84  ? 1   MET A CG  1 
ATOM   7    S SD  . MET A 1 1   ? -4.174  0.197   -12.583 1.00 33.11  ? 1   MET A SD  1 
ATOM   8    C CE  . MET A 1 1   ? -5.160  -0.516  -13.881 1.00 28.80  ? 1   MET A CE  1 
ATOM   9    N N   . ASN A 1 2   ? -2.922  3.727   -12.991 1.00 24.92  ? 2   ASN A N   1 
ATOM   10   C CA  . ASN A 1 2   ? -2.102  4.661   -12.188 1.00 23.97  ? 2   ASN A CA  1 
ATOM   11   C C   . ASN A 1 2   ? -2.107  4.188   -10.727 1.00 23.44  ? 2   ASN A C   1 
ATOM   12   O O   . ASN A 1 2   ? -2.778  3.195   -10.412 1.00 23.61  ? 2   ASN A O   1 
ATOM   13   C CB  . ASN A 1 2   ? -2.560  6.121   -12.321 1.00 26.73  ? 2   ASN A CB  1 
ATOM   14   C CG  . ASN A 1 2   ? -3.995  6.312   -11.873 1.00 24.41  ? 2   ASN A CG  1 
ATOM   15   O OD1 . ASN A 1 2   ? -4.304  5.917   -10.739 1.00 24.51  ? 2   ASN A OD1 1 
ATOM   16   N ND2 . ASN A 1 2   ? -4.842  6.874   -12.755 1.00 26.52  ? 2   ASN A ND2 1 
ATOM   17   N N   . ILE A 1 3   ? -1.393  4.834   -9.824  1.00 23.10  ? 3   ILE A N   1 
ATOM   18   C CA  . ILE A 1 3   ? -1.303  4.351   -8.455  1.00 22.85  ? 3   ILE A CA  1 
ATOM   19   C C   . ILE A 1 3   ? -2.635  4.313   -7.739  1.00 21.75  ? 3   ILE A C   1 
ATOM   20   O O   . ILE A 1 3   ? -2.851  3.421   -6.901  1.00 23.45  ? 3   ILE A O   1 
ATOM   21   C CB  . ILE A 1 3   ? -0.312  5.213   -7.625  1.00 23.64  ? 3   ILE A CB  1 
ATOM   22   C CG1 . ILE A 1 3   ? -0.123  4.674   -6.209  1.00 22.85  ? 3   ILE A CG1 1 
ATOM   23   C CG2 . ILE A 1 3   ? -0.692  6.696   -7.670  1.00 25.66  ? 3   ILE A CG2 1 
ATOM   24   C CD1 . ILE A 1 3   ? 0.330   3.218   -6.140  1.00 24.18  ? 3   ILE A CD1 1 
ATOM   25   N N   . PHE A 1 4   ? -3.544  5.232   -8.055  1.00 24.19  ? 4   PHE A N   1 
ATOM   26   C CA  . PHE A 1 4   ? -4.857  5.204   -7.423  1.00 23.45  ? 4   PHE A CA  1 
ATOM   27   C C   . PHE A 1 4   ? -5.659  3.973   -7.846  1.00 23.22  ? 4   PHE A C   1 
ATOM   28   O O   . PHE A 1 4   ? -6.278  3.268   -7.038  1.00 24.80  ? 4   PHE A O   1 
ATOM   29   C CB  . PHE A 1 4   ? -5.680  6.475   -7.723  1.00 21.22  ? 4   PHE A CB  1 
ATOM   30   C CG  . PHE A 1 4   ? -5.098  7.675   -6.982  1.00 24.72  ? 4   PHE A CG  1 
ATOM   31   C CD1 . PHE A 1 4   ? -4.095  8.440   -7.536  1.00 26.47  ? 4   PHE A CD1 1 
ATOM   32   C CD2 . PHE A 1 4   ? -5.599  8.001   -5.717  1.00 27.19  ? 4   PHE A CD2 1 
ATOM   33   C CE1 . PHE A 1 4   ? -3.573  9.525   -6.865  1.00 25.46  ? 4   PHE A CE1 1 
ATOM   34   C CE2 . PHE A 1 4   ? -5.075  9.093   -5.016  1.00 30.30  ? 4   PHE A CE2 1 
ATOM   35   C CZ  . PHE A 1 4   ? -4.063  9.831   -5.616  1.00 29.06  ? 4   PHE A CZ  1 
ATOM   36   N N   . GLU A 1 5   ? -5.653  3.753   -9.169  1.00 23.85  ? 5   GLU A N   1 
ATOM   37   C CA  . GLU A 1 5   ? -6.434  2.603   -9.688  1.00 23.56  ? 5   GLU A CA  1 
ATOM   38   C C   . GLU A 1 5   ? -5.824  1.275   -9.242  1.00 22.00  ? 5   GLU A C   1 
ATOM   39   O O   . GLU A 1 5   ? -6.515  0.299   -8.974  1.00 25.00  ? 5   GLU A O   1 
ATOM   40   C CB  . GLU A 1 5   ? -6.497  2.663   -11.208 1.00 24.26  ? 5   GLU A CB  1 
ATOM   41   C CG  . GLU A 1 5   ? -7.213  3.835   -11.819 1.00 25.09  ? 5   GLU A CG  1 
ATOM   42   C CD  . GLU A 1 5   ? -7.377  3.760   -13.318 1.00 31.20  ? 5   GLU A CD  1 
ATOM   43   O OE1 . GLU A 1 5   ? -7.201  2.675   -13.941 1.00 34.64  ? 5   GLU A OE1 1 
ATOM   44   O OE2 . GLU A 1 5   ? -7.748  4.801   -13.948 1.00 32.52  ? 5   GLU A OE2 1 
ATOM   45   N N   . MET A 1 6   ? -4.483  1.275   -9.167  1.00 23.80  ? 6   MET A N   1 
ATOM   46   C CA  . MET A 1 6   ? -3.767  0.069   -8.732  1.00 22.41  ? 6   MET A CA  1 
ATOM   47   C C   . MET A 1 6   ? -4.104  -0.278  -7.297  1.00 22.68  ? 6   MET A C   1 
ATOM   48   O O   . MET A 1 6   ? -4.436  -1.424  -6.970  1.00 24.28  ? 6   MET A O   1 
ATOM   49   C CB  . MET A 1 6   ? -2.274  0.332   -8.952  1.00 21.67  ? 6   MET A CB  1 
ATOM   50   C CG  . MET A 1 6   ? -1.384  -0.835  -8.538  1.00 21.87  ? 6   MET A CG  1 
ATOM   51   S SD  . MET A 1 6   ? 0.259   -0.241  -8.143  1.00 23.78  ? 6   MET A SD  1 
ATOM   52   C CE  . MET A 1 6   ? 1.256   -1.707  -8.465  1.00 23.87  ? 6   MET A CE  1 
ATOM   53   N N   . LEU A 1 7   ? -4.049  0.716   -6.396  1.00 22.44  ? 7   LEU A N   1 
ATOM   54   C CA  . LEU A 1 7   ? -4.332  0.438   -4.983  1.00 22.86  ? 7   LEU A CA  1 
ATOM   55   C C   . LEU A 1 7   ? -5.827  0.233   -4.818  1.00 21.25  ? 7   LEU A C   1 
ATOM   56   O O   . LEU A 1 7   ? -6.191  -0.560  -3.965  1.00 23.13  ? 7   LEU A O   1 
ATOM   57   C CB  . LEU A 1 7   ? -3.809  1.595   -4.100  1.00 22.37  ? 7   LEU A CB  1 
ATOM   58   C CG  . LEU A 1 7   ? -2.315  1.457   -3.751  1.00 22.18  ? 7   LEU A CG  1 
ATOM   59   C CD1 . LEU A 1 7   ? -1.727  2.780   -3.270  1.00 24.11  ? 7   LEU A CD1 1 
ATOM   60   C CD2 . LEU A 1 7   ? -2.142  0.316   -2.740  1.00 23.15  ? 7   LEU A CD2 1 
ATOM   61   N N   . ARG A 1 8   ? -6.705  0.865   -5.586  1.00 23.10  ? 8   ARG A N   1 
ATOM   62   C CA  . ARG A 1 8   ? -8.149  0.592   -5.513  1.00 23.20  ? 8   ARG A CA  1 
ATOM   63   C C   . ARG A 1 8   ? -8.413  -0.872  -5.807  1.00 28.18  ? 8   ARG A C   1 
ATOM   64   O O   . ARG A 1 8   ? -9.236  -1.547  -5.162  1.00 26.70  ? 8   ARG A O   1 
ATOM   65   C CB  . ARG A 1 8   ? -8.919  1.507   -6.482  1.00 25.31  ? 8   ARG A CB  1 
ATOM   66   C CG  . ARG A 1 8   ? -10.403 1.233   -6.657  1.00 26.57  ? 8   ARG A CG  1 
ATOM   67   C CD  . ARG A 1 8   ? -11.208 1.324   -5.367  1.00 29.35  ? 8   ARG A CD  1 
ATOM   68   N NE  . ARG A 1 8   ? -12.598 0.884   -5.558  1.00 30.80  ? 8   ARG A NE  1 
ATOM   69   C CZ  . ARG A 1 8   ? -13.001 -0.382  -5.593  1.00 30.29  ? 8   ARG A CZ  1 
ATOM   70   N NH1 . ARG A 1 8   ? -12.170 -1.405  -5.452  1.00 31.49  ? 8   ARG A NH1 1 
ATOM   71   N NH2 . ARG A 1 8   ? -14.298 -0.639  -5.782  1.00 35.21  ? 8   ARG A NH2 1 
ATOM   72   N N   . ILE A 1 9   ? -7.686  -1.438  -6.792  1.00 25.69  ? 9   ILE A N   1 
ATOM   73   C CA  . ILE A 1 9   ? -7.855  -2.877  -7.050  1.00 24.44  ? 9   ILE A CA  1 
ATOM   74   C C   . ILE A 1 9   ? -7.308  -3.745  -5.920  1.00 22.13  ? 9   ILE A C   1 
ATOM   75   O O   . ILE A 1 9   ? -7.914  -4.723  -5.472  1.00 25.86  ? 9   ILE A O   1 
ATOM   76   C CB  . ILE A 1 9   ? -7.146  -3.233  -8.370  1.00 24.73  ? 9   ILE A CB  1 
ATOM   77   C CG1 . ILE A 1 9   ? -7.957  -2.766  -9.588  1.00 24.44  ? 9   ILE A CG1 1 
ATOM   78   C CG2 . ILE A 1 9   ? -6.796  -4.715  -8.458  1.00 29.86  ? 9   ILE A CG2 1 
ATOM   79   C CD1 . ILE A 1 9   ? -7.129  -2.692  -10.872 1.00 26.59  ? 9   ILE A CD1 1 
ATOM   80   N N   . ASP A 1 10  ? -6.117  -3.418  -5.414  1.00 23.22  ? 10  ASP A N   1 
ATOM   81   C CA  . ASP A 1 10  ? -5.524  -4.231  -4.350  1.00 23.30  ? 10  ASP A CA  1 
ATOM   82   C C   . ASP A 1 10  ? -6.234  -4.081  -3.002  1.00 23.92  ? 10  ASP A C   1 
ATOM   83   O O   . ASP A 1 10  ? -6.235  -5.056  -2.219  1.00 24.12  ? 10  ASP A O   1 
ATOM   84   C CB  . ASP A 1 10  ? -4.023  -3.900  -4.185  1.00 23.02  ? 10  ASP A CB  1 
ATOM   85   C CG  . ASP A 1 10  ? -3.195  -4.426  -5.326  1.00 22.85  ? 10  ASP A CG  1 
ATOM   86   O OD1 . ASP A 1 10  ? -3.614  -5.432  -5.972  1.00 23.23  ? 10  ASP A OD1 1 
ATOM   87   O OD2 . ASP A 1 10  ? -2.086  -3.922  -5.649  1.00 23.92  ? 10  ASP A OD2 1 
ATOM   88   N N   . GLU A 1 11  ? -6.807  -2.900  -2.699  1.00 22.33  ? 11  GLU A N   1 
ATOM   89   C CA  . GLU A 1 11  ? -7.380  -2.708  -1.359  1.00 22.44  ? 11  GLU A CA  1 
ATOM   90   C C   . GLU A 1 11  ? -8.887  -2.851  -1.310  1.00 23.57  ? 11  GLU A C   1 
ATOM   91   O O   . GLU A 1 11  ? -9.487  -3.024  -0.247  1.00 27.28  ? 11  GLU A O   1 
ATOM   92   C CB  . GLU A 1 11  ? -6.987  -1.312  -0.860  1.00 22.89  ? 11  GLU A CB  1 
ATOM   93   C CG  . GLU A 1 11  ? -5.491  -1.163  -0.653  1.00 22.50  ? 11  GLU A CG  1 
ATOM   94   C CD  . GLU A 1 11  ? -4.947  -1.987  0.499   1.00 27.73  ? 11  GLU A CD  1 
ATOM   95   O OE1 . GLU A 1 11  ? -3.697  -2.093  0.621   1.00 26.07  ? 11  GLU A OE1 1 
ATOM   96   O OE2 . GLU A 1 11  ? -5.762  -2.542  1.297   1.00 26.17  ? 11  GLU A OE2 1 
ATOM   97   N N   . GLY A 1 12  ? -9.587  -2.768  -2.437  1.00 22.89  ? 12  GLY A N   1 
ATOM   98   C CA  . GLY A 1 12  ? -11.053 -2.827  -2.392  1.00 24.45  ? 12  GLY A CA  1 
ATOM   99   C C   . GLY A 1 12  ? -11.676 -1.532  -1.919  1.00 23.30  ? 12  GLY A C   1 
ATOM   100  O O   . GLY A 1 12  ? -11.012 -0.532  -1.672  1.00 25.83  ? 12  GLY A O   1 
ATOM   101  N N   . LEU A 1 13  ? -13.016 -1.545  -1.780  1.00 24.06  ? 13  LEU A N   1 
ATOM   102  C CA  . LEU A 1 13  ? -13.734 -0.403  -1.222  1.00 24.33  ? 13  LEU A CA  1 
ATOM   103  C C   . LEU A 1 13  ? -14.840 -0.913  -0.320  1.00 24.80  ? 13  LEU A C   1 
ATOM   104  O O   . LEU A 1 13  ? -15.711 -1.672  -0.810  1.00 26.79  ? 13  LEU A O   1 
ATOM   105  C CB  . LEU A 1 13  ? -14.322 0.497   -2.308  1.00 26.23  ? 13  LEU A CB  1 
ATOM   106  C CG  . LEU A 1 13  ? -15.345 1.537   -1.826  1.00 29.79  ? 13  LEU A CG  1 
ATOM   107  C CD1 . LEU A 1 13  ? -14.711 2.640   -1.002  1.00 31.29  ? 13  LEU A CD1 1 
ATOM   108  C CD2 . LEU A 1 13  ? -16.042 2.152   -3.034  1.00 39.53  ? 13  LEU A CD2 1 
ATOM   109  N N   . ARG A 1 14  ? -14.786 -0.509  0.953   1.00 25.35  ? 14  ARG A N   1 
ATOM   110  C CA  . ARG A 1 14  ? -15.827 -0.981  1.877   1.00 24.97  ? 14  ARG A CA  1 
ATOM   111  C C   . ARG A 1 14  ? -16.247 0.185   2.757   1.00 25.37  ? 14  ARG A C   1 
ATOM   112  O O   . ARG A 1 14  ? -15.365 0.927   3.203   1.00 26.93  ? 14  ARG A O   1 
ATOM   113  C CB  . ARG A 1 14  ? -15.368 -2.179  2.714   1.00 28.50  ? 14  ARG A CB  1 
ATOM   114  C CG  . ARG A 1 14  ? -15.024 -3.400  1.863   1.00 29.00  ? 14  ARG A CG  1 
ATOM   115  C CD  . ARG A 1 14  ? -14.628 -4.613  2.677   1.00 34.16  ? 14  ARG A CD  1 
ATOM   116  N NE  . ARG A 1 14  ? -15.760 -5.186  3.400   1.00 36.67  ? 14  ARG A NE  1 
ATOM   117  C CZ  . ARG A 1 14  ? -15.693 -6.281  4.153   1.00 31.93  ? 14  ARG A CZ  1 
ATOM   118  N NH1 . ARG A 1 14  ? -14.537 -6.931  4.284   1.00 35.68  ? 14  ARG A NH1 1 
ATOM   119  N NH2 . ARG A 1 14  ? -16.801 -6.696  4.759   1.00 42.24  ? 14  ARG A NH2 1 
ATOM   120  N N   . LEU A 1 15  ? -17.552 0.377   2.969   1.00 24.38  ? 15  LEU A N   1 
ATOM   121  C CA  . LEU A 1 15  ? -17.952 1.645   3.583   1.00 24.56  ? 15  LEU A CA  1 
ATOM   122  C C   . LEU A 1 15  ? -18.253 1.483   5.059   1.00 23.92  ? 15  LEU A C   1 
ATOM   123  O O   . LEU A 1 15  ? -18.599 2.468   5.713   1.00 30.05  ? 15  LEU A O   1 
ATOM   124  C CB  . LEU A 1 15  ? -19.193 2.221   2.889   1.00 24.39  ? 15  LEU A CB  1 
ATOM   125  C CG  . LEU A 1 15  ? -18.969 2.636   1.421   1.00 24.85  ? 15  LEU A CG  1 
ATOM   126  C CD1 . LEU A 1 15  ? -20.246 3.269   0.885   1.00 28.26  ? 15  LEU A CD1 1 
ATOM   127  C CD2 . LEU A 1 15  ? -17.769 3.553   1.272   1.00 29.13  ? 15  LEU A CD2 1 
ATOM   128  N N   . LYS A 1 16  ? -18.108 0.252   5.535   1.00 24.83  ? 16  LYS A N   1 
ATOM   129  C CA  . LYS A 1 16  ? -18.252 0.001   6.968   1.00 25.94  ? 16  LYS A CA  1 
ATOM   130  C C   . LYS A 1 16  ? -16.937 -0.558  7.507   1.00 24.37  ? 16  LYS A C   1 
ATOM   131  O O   . LYS A 1 16  ? -16.183 -1.168  6.774   1.00 27.11  ? 16  LYS A O   1 
ATOM   132  C CB  . LYS A 1 16  ? -19.434 -0.948  7.229   1.00 34.56  ? 16  LYS A CB  1 
ATOM   133  C CG  . LYS A 1 16  ? -20.674 -0.539  6.430   1.00 49.05  ? 16  LYS A CG  1 
ATOM   134  C CD  . LYS A 1 16  ? -21.472 -1.741  5.958   1.00 55.07  ? 16  LYS A CD  1 
ATOM   135  C CE  . LYS A 1 16  ? -22.915 -1.682  6.426   1.00 55.68  ? 16  LYS A CE  1 
ATOM   136  N NZ  . LYS A 1 16  ? -23.743 -2.801  5.883   1.00 61.60  ? 16  LYS A NZ  1 
ATOM   137  N N   . ILE A 1 17  ? -16.669 -0.349  8.784   1.00 25.61  ? 17  ILE A N   1 
ATOM   138  C CA  . ILE A 1 17  ? -15.468 -0.882  9.390   1.00 24.48  ? 17  ILE A CA  1 
ATOM   139  C C   . ILE A 1 17  ? -15.402 -2.393  9.168   1.00 24.29  ? 17  ILE A C   1 
ATOM   140  O O   . ILE A 1 17  ? -16.371 -3.100  9.405   1.00 27.13  ? 17  ILE A O   1 
ATOM   141  C CB  . ILE A 1 17  ? -15.439 -0.542  10.894  1.00 24.48  ? 17  ILE A CB  1 
ATOM   142  C CG1 . ILE A 1 17  ? -15.271 0.950   11.154  1.00 24.45  ? 17  ILE A CG1 1 
ATOM   143  C CG2 . ILE A 1 17  ? -14.380 -1.409  11.610  1.00 24.53  ? 17  ILE A CG2 1 
ATOM   144  C CD1 . ILE A 1 17  ? -15.445 1.394   12.597  1.00 28.93  ? 17  ILE A CD1 1 
ATOM   145  N N   . TYR A 1 18  ? -14.228 -2.856  8.711   1.00 23.35  ? 18  TYR A N   1 
ATOM   146  C CA  . TYR A 1 18  ? -13.996 -4.286  8.516   1.00 24.04  ? 18  TYR A CA  1 
ATOM   147  C C   . TYR A 1 18  ? -12.597 -4.642  8.998   1.00 23.76  ? 18  TYR A C   1 
ATOM   148  O O   . TYR A 1 18  ? -11.844 -3.718  9.272   1.00 26.32  ? 18  TYR A O   1 
ATOM   149  C CB  . TYR A 1 18  ? -14.087 -4.651  7.048   1.00 24.36  ? 18  TYR A CB  1 
ATOM   150  C CG  . TYR A 1 18  ? -13.041 -4.071  6.117   1.00 24.89  ? 18  TYR A CG  1 
ATOM   151  C CD1 . TYR A 1 18  ? -11.935 -4.830  5.749   1.00 30.07  ? 18  TYR A CD1 1 
ATOM   152  C CD2 . TYR A 1 18  ? -13.150 -2.791  5.579   1.00 24.63  ? 18  TYR A CD2 1 
ATOM   153  C CE1 . TYR A 1 18  ? -10.976 -4.316  4.894   1.00 30.00  ? 18  TYR A CE1 1 
ATOM   154  C CE2 . TYR A 1 18  ? -12.199 -2.269  4.727   1.00 26.98  ? 18  TYR A CE2 1 
ATOM   155  C CZ  . TYR A 1 18  ? -11.105 -3.053  4.388   1.00 31.53  ? 18  TYR A CZ  1 
ATOM   156  O OH  . TYR A 1 18  ? -10.134 -2.576  3.535   1.00 33.59  ? 18  TYR A OH  1 
ATOM   157  N N   . LYS A 1 19  ? -12.231 -5.903  9.077   1.00 23.24  ? 19  LYS A N   1 
ATOM   158  C CA  . LYS A 1 19  ? -10.878 -6.318  9.433   1.00 21.46  ? 19  LYS A CA  1 
ATOM   159  C C   . LYS A 1 19  ? -10.098 -6.684  8.171   1.00 23.43  ? 19  LYS A C   1 
ATOM   160  O O   . LYS A 1 19  ? -10.573 -7.410  7.270   1.00 24.72  ? 19  LYS A O   1 
ATOM   161  C CB  . LYS A 1 19  ? -10.923 -7.505  10.398  1.00 23.94  ? 19  LYS A CB  1 
ATOM   162  C CG  . LYS A 1 19  ? -11.413 -7.184  11.789  1.00 25.61  ? 19  LYS A CG  1 
ATOM   163  C CD  . LYS A 1 19  ? -11.386 -8.457  12.654  1.00 25.42  ? 19  LYS A CD  1 
ATOM   164  C CE  . LYS A 1 19  ? -11.973 -8.187  14.020  1.00 27.73  ? 19  LYS A CE  1 
ATOM   165  N NZ  . LYS A 1 19  ? -11.861 -9.425  14.857  1.00 27.98  ? 19  LYS A NZ  1 
ATOM   166  N N   . ASP A 1 20  ? -8.880  -6.166  8.117   1.00 23.49  ? 20  ASP A N   1 
ATOM   167  C CA  . ASP A 1 20  ? -7.989  -6.364  6.968   1.00 23.04  ? 20  ASP A CA  1 
ATOM   168  C C   . ASP A 1 20  ? -7.364  -7.760  7.037   1.00 23.63  ? 20  ASP A C   1 
ATOM   169  O O   . ASP A 1 20  ? -7.736  -8.561  7.904   1.00 24.64  ? 20  ASP A O   1 
ATOM   170  C CB  . ASP A 1 20  ? -6.957  -5.243  6.893   1.00 23.57  ? 20  ASP A CB  1 
ATOM   171  C CG  . ASP A 1 20  ? -5.865  -5.254  7.952   1.00 24.60  ? 20  ASP A CG  1 
ATOM   172  O OD1 . ASP A 1 20  ? -5.024  -4.306  8.047   1.00 25.68  ? 20  ASP A OD1 1 
ATOM   173  O OD2 . ASP A 1 20  ? -5.806  -6.214  8.741   1.00 25.99  ? 20  ASP A OD2 1 
ATOM   174  N N   . THR A 1 21  ? -6.402  -8.015  6.129   1.00 23.99  ? 21  THR A N   1 
ATOM   175  C CA  . THR A 1 21  ? -5.850  -9.365  6.078   1.00 23.40  ? 21  THR A CA  1 
ATOM   176  C C   . THR A 1 21  ? -5.131  -9.725  7.377   1.00 24.40  ? 21  THR A C   1 
ATOM   177  O O   . THR A 1 21  ? -4.967  -10.935 7.661   1.00 26.64  ? 21  THR A O   1 
ATOM   178  C CB  . THR A 1 21  ? -4.897  -9.527  4.875   1.00 25.11  ? 21  THR A CB  1 
ATOM   179  O OG1 . THR A 1 21  ? -3.725  -8.717  5.009   1.00 29.01  ? 21  THR A OG1 1 
ATOM   180  C CG2 . THR A 1 21  ? -5.572  -9.008  3.601   1.00 28.87  ? 21  THR A CG2 1 
ATOM   181  N N   . GLU A 1 22  ? -4.702  -8.724  8.145   1.00 22.79  ? 22  GLU A N   1 
ATOM   182  C CA  . GLU A 1 22  ? -3.983  -9.007  9.391   1.00 23.94  ? 22  GLU A CA  1 
ATOM   183  C C   . GLU A 1 22  ? -4.924  -8.991  10.588  1.00 23.21  ? 22  GLU A C   1 
ATOM   184  O O   . GLU A 1 22  ? -4.436  -9.143  11.715  1.00 30.60  ? 22  GLU A O   1 
ATOM   185  C CB  . GLU A 1 22  ? -2.841  -8.021  9.668   1.00 24.85  ? 22  GLU A CB  1 
ATOM   186  C CG  . GLU A 1 22  ? -1.813  -8.077  8.540   1.00 30.90  ? 22  GLU A CG  1 
ATOM   187  C CD  . GLU A 1 22  ? -0.869  -9.242  8.656   1.00 38.57  ? 22  GLU A CD  1 
ATOM   188  O OE1 . GLU A 1 22  ? -0.176  -9.496  7.645   1.00 45.66  ? 22  GLU A OE1 1 
ATOM   189  O OE2 . GLU A 1 22  ? -0.815  -9.890  9.723   1.00 42.44  ? 22  GLU A OE2 1 
ATOM   190  N N   . GLY A 1 23  ? -6.217  -8.817  10.350  1.00 24.63  ? 23  GLY A N   1 
ATOM   191  C CA  . GLY A 1 23  ? -7.180  -8.804  11.438  1.00 24.65  ? 23  GLY A CA  1 
ATOM   192  C C   . GLY A 1 23  ? -7.387  -7.420  12.024  1.00 24.31  ? 23  GLY A C   1 
ATOM   193  O O   . GLY A 1 23  ? -8.021  -7.341  13.096  1.00 25.93  ? 23  GLY A O   1 
ATOM   194  N N   . TYR A 1 24  ? -6.929  -6.375  11.340  1.00 22.67  ? 24  TYR A N   1 
ATOM   195  C CA  . TYR A 1 24  ? -6.994  -5.021  11.910  1.00 23.55  ? 24  TYR A CA  1 
ATOM   196  C C   . TYR A 1 24  ? -8.116  -4.166  11.338  1.00 23.03  ? 24  TYR A C   1 
ATOM   197  O O   . TYR A 1 24  ? -8.377  -4.187  10.130  1.00 23.14  ? 24  TYR A O   1 
ATOM   198  C CB  . TYR A 1 24  ? -5.675  -4.277  11.683  1.00 26.63  ? 24  TYR A CB  1 
ATOM   199  C CG  . TYR A 1 24  ? -4.503  -4.899  12.424  1.00 30.26  ? 24  TYR A CG  1 
ATOM   200  C CD1 . TYR A 1 24  ? -3.305  -4.988  11.766  1.00 34.47  ? 24  TYR A CD1 1 
ATOM   201  C CD2 . TYR A 1 24  ? -4.593  -5.381  13.714  1.00 33.18  ? 24  TYR A CD2 1 
ATOM   202  C CE1 . TYR A 1 24  ? -2.206  -5.552  12.413  1.00 39.77  ? 24  TYR A CE1 1 
ATOM   203  C CE2 . TYR A 1 24  ? -3.507  -5.957  14.385  1.00 36.17  ? 24  TYR A CE2 1 
ATOM   204  C CZ  . TYR A 1 24  ? -2.308  -6.035  13.709  1.00 44.08  ? 24  TYR A CZ  1 
ATOM   205  O OH  . TYR A 1 24  ? -1.161  -6.580  14.267  1.00 46.69  ? 24  TYR A OH  1 
ATOM   206  N N   . TYR A 1 25  ? -8.759  -3.405  12.248  1.00 23.37  ? 25  TYR A N   1 
ATOM   207  C CA  . TYR A 1 25  ? -9.894  -2.593  11.847  1.00 24.11  ? 25  TYR A CA  1 
ATOM   208  C C   . TYR A 1 25  ? -9.484  -1.562  10.790  1.00 22.58  ? 25  TYR A C   1 
ATOM   209  O O   . TYR A 1 25  ? -8.515  -0.814  10.975  1.00 23.56  ? 25  TYR A O   1 
ATOM   210  C CB  . TYR A 1 25  ? -10.504 -1.876  13.073  1.00 25.01  ? 25  TYR A CB  1 
ATOM   211  C CG  . TYR A 1 25  ? -11.220 -2.854  13.995  1.00 26.95  ? 25  TYR A CG  1 
ATOM   212  C CD1 . TYR A 1 25  ? -10.885 -2.961  15.340  1.00 28.97  ? 25  TYR A CD1 1 
ATOM   213  C CD2 . TYR A 1 25  ? -12.243 -3.646  13.515  1.00 27.09  ? 25  TYR A CD2 1 
ATOM   214  C CE1 . TYR A 1 25  ? -11.537 -3.841  16.172  1.00 30.51  ? 25  TYR A CE1 1 
ATOM   215  C CE2 . TYR A 1 25  ? -12.919 -4.540  14.321  1.00 29.30  ? 25  TYR A CE2 1 
ATOM   216  C CZ  . TYR A 1 25  ? -12.554 -4.625  15.654  1.00 31.57  ? 25  TYR A CZ  1 
ATOM   217  O OH  . TYR A 1 25  ? -13.213 -5.508  16.456  1.00 32.85  ? 25  TYR A OH  1 
ATOM   218  N N   . THR A 1 26  ? -10.229 -1.556  9.705   1.00 22.14  ? 26  THR A N   1 
ATOM   219  C CA  . THR A 1 26  ? -9.923  -0.764  8.517   1.00 22.81  ? 26  THR A CA  1 
ATOM   220  C C   . THR A 1 26  ? -11.212 -0.197  7.939   1.00 23.02  ? 26  THR A C   1 
ATOM   221  O O   . THR A 1 26  ? -12.294 -0.723  8.253   1.00 22.71  ? 26  THR A O   1 
ATOM   222  C CB  . THR A 1 26  ? -9.217  -1.729  7.549   1.00 23.48  ? 26  THR A CB  1 
ATOM   223  O OG1 . THR A 1 26  ? -7.982  -2.180  8.160   1.00 23.49  ? 26  THR A OG1 1 
ATOM   224  C CG2 . THR A 1 26  ? -8.839  -1.090  6.217   1.00 23.25  ? 26  THR A CG2 1 
ATOM   225  N N   . ILE A 1 27  ? -11.149 0.800   7.088   1.00 22.13  ? 27  ILE A N   1 
ATOM   226  C CA  . ILE A 1 27  ? -12.337 1.193   6.341   1.00 21.57  ? 27  ILE A CA  1 
ATOM   227  C C   . ILE A 1 27  ? -11.933 1.777   5.009   1.00 21.84  ? 27  ILE A C   1 
ATOM   228  O O   . ILE A 1 27  ? -10.784 2.089   4.811   1.00 23.26  ? 27  ILE A O   1 
ATOM   229  C CB  . ILE A 1 27  ? -13.164 2.225   7.134   1.00 25.88  ? 27  ILE A CB  1 
ATOM   230  C CG1 . ILE A 1 27  ? -14.615 2.304   6.645   1.00 28.14  ? 27  ILE A CG1 1 
ATOM   231  C CG2 . ILE A 1 27  ? -12.485 3.582   7.121   1.00 25.18  ? 27  ILE A CG2 1 
ATOM   232  C CD1 . ILE A 1 27  ? -15.552 2.893   7.684   1.00 31.98  ? 27  ILE A CD1 1 
ATOM   233  N N   . GLY A 1 28  ? -12.903 1.930   4.099   1.00 24.00  ? 28  GLY A N   1 
ATOM   234  C CA  . GLY A 1 28  ? -12.654 2.661   2.871   1.00 23.66  ? 28  GLY A CA  1 
ATOM   235  C C   . GLY A 1 28  ? -11.810 1.855   1.916   1.00 24.49  ? 28  GLY A C   1 
ATOM   236  O O   . GLY A 1 28  ? -12.122 0.672   1.697   1.00 25.63  ? 28  GLY A O   1 
ATOM   237  N N   . ILE A 1 29  ? -10.779 2.518   1.372   1.00 22.16  ? 29  ILE A N   1 
ATOM   238  C CA  . ILE A 1 29  ? -9.849  1.853   0.448   1.00 23.47  ? 29  ILE A CA  1 
ATOM   239  C C   . ILE A 1 29  ? -8.576  1.570   1.233   1.00 21.75  ? 29  ILE A C   1 
ATOM   240  O O   . ILE A 1 29  ? -7.526  2.203   1.121   1.00 23.92  ? 29  ILE A O   1 
ATOM   241  C CB  . ILE A 1 29  ? -9.635  2.723   -0.805  1.00 21.90  ? 29  ILE A CB  1 
ATOM   242  C CG1 . ILE A 1 29  ? -10.974 3.136   -1.462  1.00 21.87  ? 29  ILE A CG1 1 
ATOM   243  C CG2 . ILE A 1 29  ? -8.732  2.051   -1.823  1.00 22.23  ? 29  ILE A CG2 1 
ATOM   244  C CD1 . ILE A 1 29  ? -10.968 4.303   -2.432  1.00 25.52  ? 29  ILE A CD1 1 
ATOM   245  N N   . GLY A 1 30  ? -8.637  0.578   2.101   1.00 22.70  ? 30  GLY A N   1 
ATOM   246  C CA  . GLY A 1 30  ? -7.458  0.184   2.838   1.00 24.21  ? 30  GLY A CA  1 
ATOM   247  C C   . GLY A 1 30  ? -6.993  1.244   3.817   1.00 23.49  ? 30  GLY A C   1 
ATOM   248  O O   . GLY A 1 30  ? -5.778  1.301   4.108   1.00 26.25  ? 30  GLY A O   1 
ATOM   249  N N   . HIS A 1 31  ? -7.908  2.051   4.357   1.00 23.02  ? 31  HIS A N   1 
ATOM   250  C CA  . HIS A 1 31  ? -7.496  2.954   5.442   1.00 22.06  ? 31  HIS A CA  1 
ATOM   251  C C   . HIS A 1 31  ? -7.438  2.238   6.792   1.00 22.74  ? 31  HIS A C   1 
ATOM   252  O O   . HIS A 1 31  ? -8.463  1.955   7.406   1.00 22.51  ? 31  HIS A O   1 
ATOM   253  C CB  . HIS A 1 31  ? -8.456  4.157   5.510   1.00 21.77  ? 31  HIS A CB  1 
ATOM   254  C CG  . HIS A 1 31  ? -7.991  5.112   6.581   1.00 23.06  ? 31  HIS A CG  1 
ATOM   255  N ND1 . HIS A 1 31  ? -6.961  6.007   6.354   1.00 23.36  ? 31  HIS A ND1 1 
ATOM   256  C CD2 . HIS A 1 31  ? -8.402  5.309   7.866   1.00 25.77  ? 31  HIS A CD2 1 
ATOM   257  C CE1 . HIS A 1 31  ? -6.766  6.712   7.466   1.00 24.71  ? 31  HIS A CE1 1 
ATOM   258  N NE2 . HIS A 1 31  ? -7.619  6.314   8.406   1.00 26.87  ? 31  HIS A NE2 1 
ATOM   259  N N   . LEU A 1 32  ? -6.230  1.927   7.297   1.00 22.72  ? 32  LEU A N   1 
ATOM   260  C CA  . LEU A 1 32  ? -6.078  1.303   8.611   1.00 23.33  ? 32  LEU A CA  1 
ATOM   261  C C   . LEU A 1 32  ? -6.498  2.248   9.726   1.00 24.76  ? 32  LEU A C   1 
ATOM   262  O O   . LEU A 1 32  ? -6.001  3.387   9.755   1.00 26.37  ? 32  LEU A O   1 
ATOM   263  C CB  . LEU A 1 32  ? -4.609  0.867   8.786   1.00 25.91  ? 32  LEU A CB  1 
ATOM   264  C CG  . LEU A 1 32  ? -4.242  0.329   10.163  1.00 26.56  ? 32  LEU A CG  1 
ATOM   265  C CD1 . LEU A 1 32  ? -4.962  -0.998  10.419  1.00 26.70  ? 32  LEU A CD1 1 
ATOM   266  C CD2 . LEU A 1 32  ? -2.733  0.182   10.334  1.00 32.46  ? 32  LEU A CD2 1 
ATOM   267  N N   . LEU A 1 33  ? -7.403  1.770   10.594  1.00 22.66  ? 33  LEU A N   1 
ATOM   268  C CA  . LEU A 1 33  ? -7.854  2.660   11.666  1.00 24.87  ? 33  LEU A CA  1 
ATOM   269  C C   . LEU A 1 33  ? -7.006  2.515   12.905  1.00 25.28  ? 33  LEU A C   1 
ATOM   270  O O   . LEU A 1 33  ? -6.613  3.516   13.521  1.00 30.28  ? 33  LEU A O   1 
ATOM   271  C CB  . LEU A 1 33  ? -9.313  2.363   11.982  1.00 24.00  ? 33  LEU A CB  1 
ATOM   272  C CG  . LEU A 1 33  ? -10.257 2.895   10.874  1.00 23.47  ? 33  LEU A CG  1 
ATOM   273  C CD1 . LEU A 1 33  ? -11.629 2.271   11.092  1.00 23.60  ? 33  LEU A CD1 1 
ATOM   274  C CD2 . LEU A 1 33  ? -10.241 4.414   10.843  1.00 25.40  ? 33  LEU A CD2 1 
ATOM   275  N N   . THR A 1 34  ? -6.723  1.257   13.266  1.00 25.83  ? 34  THR A N   1 
ATOM   276  C CA  . THR A 1 34  ? -5.937  1.027   14.485  1.00 27.80  ? 34  THR A CA  1 
ATOM   277  C C   . THR A 1 34  ? -5.553  -0.436  14.546  1.00 26.25  ? 34  THR A C   1 
ATOM   278  O O   . THR A 1 34  ? -6.203  -1.270  13.892  1.00 27.64  ? 34  THR A O   1 
ATOM   279  C CB  . THR A 1 34  ? -6.754  1.404   15.736  1.00 28.71  ? 34  THR A CB  1 
ATOM   280  O OG1 . THR A 1 34  ? -6.053  1.111   16.946  1.00 32.88  ? 34  THR A OG1 1 
ATOM   281  C CG2 . THR A 1 34  ? -8.029  0.568   15.795  1.00 30.68  ? 34  THR A CG2 1 
ATOM   282  N N   . LYS A 1 35  ? -4.543  -0.794  15.316  1.00 28.05  ? 35  LYS A N   1 
ATOM   283  C CA  . LYS A 1 35  ? -4.233  -2.213  15.480  1.00 31.55  ? 35  LYS A CA  1 
ATOM   284  C C   . LYS A 1 35  ? -4.865  -2.697  16.767  1.00 30.40  ? 35  LYS A C   1 
ATOM   285  O O   . LYS A 1 35  ? -4.682  -3.861  17.140  1.00 36.73  ? 35  LYS A O   1 
ATOM   286  C CB  . LYS A 1 35  ? -2.726  -2.421  15.486  1.00 34.82  ? 35  LYS A CB  1 
ATOM   287  C CG  . LYS A 1 35  ? -2.136  -2.216  14.084  1.00 36.26  ? 35  LYS A CG  1 
ATOM   288  C CD  . LYS A 1 35  ? -0.697  -2.694  14.076  1.00 38.57  ? 35  LYS A CD  1 
ATOM   289  C CE  . LYS A 1 35  ? 0.001   -2.311  12.778  1.00 51.96  ? 35  LYS A CE  1 
ATOM   290  N NZ  . LYS A 1 35  ? -0.955  -1.753  11.781  1.00 63.59  ? 35  LYS A NZ  1 
ATOM   291  N N   . SER A 1 36  ? -5.593  -1.785  17.440  1.00 31.89  ? 36  SER A N   1 
ATOM   292  C CA  . SER A 1 36  ? -6.201  -2.254  18.691  1.00 35.85  ? 36  SER A CA  1 
ATOM   293  C C   . SER A 1 36  ? -7.372  -3.179  18.431  1.00 36.10  ? 36  SER A C   1 
ATOM   294  O O   . SER A 1 36  ? -8.111  -3.018  17.451  1.00 30.95  ? 36  SER A O   1 
ATOM   295  C CB  . SER A 1 36  ? -6.672  -1.079  19.553  1.00 35.77  ? 36  SER A CB  1 
ATOM   296  O OG  . SER A 1 36  ? -7.730  -1.537  20.396  1.00 38.07  ? 36  SER A OG  1 
ATOM   297  N N   . PRO A 1 37  ? -7.563  -4.163  19.305  1.00 35.57  ? 37  PRO A N   1 
ATOM   298  C CA  . PRO A 1 37  ? -8.686  -5.067  19.068  1.00 33.75  ? 37  PRO A CA  1 
ATOM   299  C C   . PRO A 1 37  ? -10.013 -4.461  19.485  1.00 37.11  ? 37  PRO A C   1 
ATOM   300  O O   . PRO A 1 37  ? -11.089 -5.074  19.401  1.00 41.44  ? 37  PRO A O   1 
ATOM   301  C CB  . PRO A 1 37  ? -8.260  -6.292  19.901  1.00 38.50  ? 37  PRO A CB  1 
ATOM   302  C CG  . PRO A 1 37  ? -7.362  -5.791  20.985  1.00 38.62  ? 37  PRO A CG  1 
ATOM   303  C CD  . PRO A 1 37  ? -6.764  -4.507  20.489  1.00 38.05  ? 37  PRO A CD  1 
ATOM   304  N N   . SER A 1 38  ? -10.046 -3.203  19.935  1.00 35.45  ? 38  SER A N   1 
ATOM   305  C CA  . SER A 1 38  ? -11.315 -2.626  20.356  1.00 37.23  ? 38  SER A CA  1 
ATOM   306  C C   . SER A 1 38  ? -12.053 -1.916  19.226  1.00 33.47  ? 38  SER A C   1 
ATOM   307  O O   . SER A 1 38  ? -11.514 -0.915  18.752  1.00 34.00  ? 38  SER A O   1 
ATOM   308  C CB  . SER A 1 38  ? -11.132 -1.556  21.442  1.00 38.26  ? 38  SER A CB  1 
ATOM   309  O OG  . SER A 1 38  ? -12.285 -0.710  21.486  1.00 40.48  ? 38  SER A OG  1 
ATOM   310  N N   . LEU A 1 39  ? -13.223 -2.408  18.863  1.00 35.43  ? 39  LEU A N   1 
ATOM   311  C CA  . LEU A 1 39  ? -14.044 -1.751  17.835  1.00 31.84  ? 39  LEU A CA  1 
ATOM   312  C C   . LEU A 1 39  ? -14.303 -0.315  18.254  1.00 30.94  ? 39  LEU A C   1 
ATOM   313  O O   . LEU A 1 39  ? -14.373 0.575   17.402  1.00 28.90  ? 39  LEU A O   1 
ATOM   314  C CB  . LEU A 1 39  ? -15.339 -2.542  17.592  1.00 33.12  ? 39  LEU A CB  1 
ATOM   315  C CG  . LEU A 1 39  ? -16.264 -1.996  16.496  1.00 34.74  ? 39  LEU A CG  1 
ATOM   316  C CD1 . LEU A 1 39  ? -15.545 -1.855  15.152  1.00 29.66  ? 39  LEU A CD1 1 
ATOM   317  C CD2 . LEU A 1 39  ? -17.528 -2.839  16.338  1.00 34.10  ? 39  LEU A CD2 1 
ATOM   318  N N   . ASN A 1 40  ? -14.402 -0.084  19.572  1.00 33.32  ? 40  ASN A N   1 
ATOM   319  C CA  . ASN A 1 40  ? -14.710 1.298   19.985  1.00 33.16  ? 40  ASN A CA  1 
ATOM   320  C C   . ASN A 1 40  ? -13.548 2.241   19.702  1.00 29.93  ? 40  ASN A C   1 
ATOM   321  O O   . ASN A 1 40  ? -13.741 3.408   19.319  1.00 31.03  ? 40  ASN A O   1 
ATOM   322  C CB  . ASN A 1 40  ? -15.091 1.347   21.472  1.00 45.53  ? 40  ASN A CB  1 
ATOM   323  C CG  . ASN A 1 40  ? -16.541 0.925   21.657  1.00 51.93  ? 40  ASN A CG  1 
ATOM   324  O OD1 . ASN A 1 40  ? -17.372 1.137   20.767  1.00 55.14  ? 40  ASN A OD1 1 
ATOM   325  N ND2 . ASN A 1 40  ? -16.842 0.330   22.812  1.00 64.73  ? 40  ASN A ND2 1 
ATOM   326  N N   . ALA A 1 41  ? -12.342 1.721   19.909  1.00 31.15  ? 41  ALA A N   1 
ATOM   327  C CA  . ALA A 1 41  ? -11.139 2.472   19.595  1.00 29.24  ? 41  ALA A CA  1 
ATOM   328  C C   . ALA A 1 41  ? -11.121 2.732   18.100  1.00 28.18  ? 41  ALA A C   1 
ATOM   329  O O   . ALA A 1 41  ? -10.761 3.846   17.686  1.00 29.77  ? 41  ALA A O   1 
ATOM   330  C CB  . ALA A 1 41  ? -9.879  1.744   20.025  1.00 31.18  ? 41  ALA A CB  1 
ATOM   331  N N   . ALA A 1 42  ? -11.527 1.749   17.305  1.00 26.03  ? 42  ALA A N   1 
ATOM   332  C CA  . ALA A 1 42  ? -11.483 1.980   15.843  1.00 26.01  ? 42  ALA A CA  1 
ATOM   333  C C   . ALA A 1 42  ? -12.474 3.065   15.431  1.00 25.55  ? 42  ALA A C   1 
ATOM   334  O O   . ALA A 1 42  ? -12.233 3.942   14.595  1.00 27.28  ? 42  ALA A O   1 
ATOM   335  C CB  . ALA A 1 42  ? -11.740 0.682   15.115  1.00 26.06  ? 42  ALA A CB  1 
ATOM   336  N N   . LYS A 1 43  ? -13.636 3.023   16.059  1.00 25.83  ? 43  LYS A N   1 
ATOM   337  C CA  . LYS A 1 43  ? -14.669 4.005   15.747  1.00 25.58  ? 43  LYS A CA  1 
ATOM   338  C C   . LYS A 1 43  ? -14.203 5.398   16.119  1.00 25.19  ? 43  LYS A C   1 
ATOM   339  O O   . LYS A 1 43  ? -14.480 6.360   15.402  1.00 27.13  ? 43  LYS A O   1 
ATOM   340  C CB  . LYS A 1 43  ? -15.966 3.661   16.466  1.00 28.56  ? 43  LYS A CB  1 
ATOM   341  C CG  . LYS A 1 43  ? -16.640 2.427   15.890  1.00 32.04  ? 43  LYS A CG  1 
ATOM   342  C CD  . LYS A 1 43  ? -17.931 2.116   16.647  1.00 36.34  ? 43  LYS A CD  1 
ATOM   343  C CE  . LYS A 1 43  ? -18.764 1.109   15.860  1.00 39.06  ? 43  LYS A CE  1 
ATOM   344  N NZ  . LYS A 1 43  ? -19.903 0.589   16.670  1.00 41.33  ? 43  LYS A NZ  1 
ATOM   345  N N   . SER A 1 44  ? -13.478 5.476   17.230  1.00 26.13  ? 44  SER A N   1 
ATOM   346  C CA  . SER A 1 44  ? -12.963 6.794   17.618  1.00 27.48  ? 44  SER A CA  1 
ATOM   347  C C   . SER A 1 44  ? -11.964 7.342   16.630  1.00 26.34  ? 44  SER A C   1 
ATOM   348  O O   . SER A 1 44  ? -12.002 8.534   16.281  1.00 26.46  ? 44  SER A O   1 
ATOM   349  C CB  . SER A 1 44  ? -12.304 6.677   18.999  1.00 30.58  ? 44  SER A CB  1 
ATOM   350  O OG  . SER A 1 44  ? -11.970 7.990   19.449  1.00 30.64  ? 44  SER A OG  1 
ATOM   351  N N   . GLU A 1 45  ? -11.057 6.462   16.172  1.00 26.13  ? 45  GLU A N   1 
ATOM   352  C CA  . GLU A 1 45  ? -10.115 6.879   15.139  1.00 24.36  ? 45  GLU A CA  1 
ATOM   353  C C   . GLU A 1 45  ? -10.859 7.328   13.876  1.00 23.47  ? 45  GLU A C   1 
ATOM   354  O O   . GLU A 1 45  ? -10.468 8.333   13.222  1.00 25.14  ? 45  GLU A O   1 
ATOM   355  C CB  . GLU A 1 45  ? -9.131  5.769   14.760  1.00 25.93  ? 45  GLU A CB  1 
ATOM   356  C CG  . GLU A 1 45  ? -8.143  5.406   15.857  1.00 28.01  ? 45  GLU A CG  1 
ATOM   357  C CD  . GLU A 1 45  ? -7.032  6.381   16.104  1.00 32.35  ? 45  GLU A CD  1 
ATOM   358  O OE1 . GLU A 1 45  ? -6.538  7.130   15.238  1.00 32.08  ? 45  GLU A OE1 1 
ATOM   359  O OE2 . GLU A 1 45  ? -6.549  6.423   17.253  1.00 44.23  ? 45  GLU A OE2 1 
ATOM   360  N N   . LEU A 1 46  ? -11.900 6.592   13.517  1.00 24.03  ? 46  LEU A N   1 
ATOM   361  C CA  . LEU A 1 46  ? -12.632 6.971   12.300  1.00 22.77  ? 46  LEU A CA  1 
ATOM   362  C C   . LEU A 1 46  ? -13.306 8.334   12.401  1.00 24.27  ? 46  LEU A C   1 
ATOM   363  O O   . LEU A 1 46  ? -13.257 9.133   11.457  1.00 28.36  ? 46  LEU A O   1 
ATOM   364  C CB  . LEU A 1 46  ? -13.703 5.926   12.020  1.00 23.81  ? 46  LEU A CB  1 
ATOM   365  C CG  . LEU A 1 46  ? -14.562 6.137   10.781  1.00 25.80  ? 46  LEU A CG  1 
ATOM   366  C CD1 . LEU A 1 46  ? -13.678 6.316   9.536   1.00 27.37  ? 46  LEU A CD1 1 
ATOM   367  C CD2 . LEU A 1 46  ? -15.527 4.974   10.611  1.00 29.31  ? 46  LEU A CD2 1 
ATOM   368  N N   . ASP A 1 47  ? -13.984 8.613   13.522  1.00 25.94  ? 47  ASP A N   1 
ATOM   369  C CA  . ASP A 1 47  ? -14.647 9.910   13.685  1.00 25.36  ? 47  ASP A CA  1 
ATOM   370  C C   . ASP A 1 47  ? -13.621 11.021  13.638  1.00 27.78  ? 47  ASP A C   1 
ATOM   371  O O   . ASP A 1 47  ? -13.932 12.082  13.100  1.00 29.52  ? 47  ASP A O   1 
ATOM   372  C CB  . ASP A 1 47  ? -15.403 9.908   15.022  1.00 27.60  ? 47  ASP A CB  1 
ATOM   373  C CG  . ASP A 1 47  ? -16.523 8.897   15.056  1.00 29.76  ? 47  ASP A CG  1 
ATOM   374  O OD1 . ASP A 1 47  ? -16.919 8.264   14.045  1.00 29.69  ? 47  ASP A OD1 1 
ATOM   375  O OD2 . ASP A 1 47  ? -17.081 8.704   16.165  1.00 32.76  ? 47  ASP A OD2 1 
ATOM   376  N N   . LYS A 1 48  ? -12.430 10.771  14.197  1.00 26.18  ? 48  LYS A N   1 
ATOM   377  C CA  . LYS A 1 48  ? -11.350 11.769  14.188  1.00 25.92  ? 48  LYS A CA  1 
ATOM   378  C C   . LYS A 1 48  ? -10.852 12.029  12.784  1.00 23.28  ? 48  LYS A C   1 
ATOM   379  O O   . LYS A 1 48  ? -10.551 13.137  12.339  1.00 23.51  ? 48  LYS A O   1 
ATOM   380  C CB  . LYS A 1 48  ? -10.210 11.288  15.106  1.00 28.24  ? 48  LYS A CB  1 
ATOM   381  C CG  . LYS A 1 48  ? -8.937  12.075  15.148  1.00 30.60  ? 48  LYS A CG  1 
ATOM   382  C CD  . LYS A 1 48  ? -7.915  11.752  16.210  1.00 29.40  ? 48  LYS A CD  1 
ATOM   383  C CE  . LYS A 1 48  ? -7.608  10.286  16.417  1.00 32.50  ? 48  LYS A CE  1 
ATOM   384  N NZ  . LYS A 1 48  ? -6.364  9.870   15.719  1.00 29.57  ? 48  LYS A NZ  1 
ATOM   385  N N   . ALA A 1 49  ? -10.738 10.940  12.026  1.00 23.80  ? 49  ALA A N   1 
ATOM   386  C CA  . ALA A 1 49  ? -10.221 11.019  10.652  1.00 23.91  ? 49  ALA A CA  1 
ATOM   387  C C   . ALA A 1 49  ? -11.186 11.746  9.727   1.00 24.73  ? 49  ALA A C   1 
ATOM   388  O O   . ALA A 1 49  ? -10.724 12.465  8.829   1.00 24.70  ? 49  ALA A O   1 
ATOM   389  C CB  . ALA A 1 49  ? -9.931  9.631   10.063  1.00 25.91  ? 49  ALA A CB  1 
ATOM   390  N N   . ILE A 1 50  ? -12.481 11.546  9.961   1.00 24.73  ? 50  ILE A N   1 
ATOM   391  C CA  . ILE A 1 50  ? -13.511 12.111  9.103   1.00 23.78  ? 50  ILE A CA  1 
ATOM   392  C C   . ILE A 1 50  ? -14.047 13.453  9.570   1.00 24.37  ? 50  ILE A C   1 
ATOM   393  O O   . ILE A 1 50  ? -14.535 14.277  8.796   1.00 29.40  ? 50  ILE A O   1 
ATOM   394  C CB  . ILE A 1 50  ? -14.707 11.121  9.050   1.00 26.38  ? 50  ILE A CB  1 
ATOM   395  C CG1 . ILE A 1 50  ? -14.238 9.755   8.578   1.00 28.55  ? 50  ILE A CG1 1 
ATOM   396  C CG2 . ILE A 1 50  ? -15.837 11.721  8.234   1.00 31.23  ? 50  ILE A CG2 1 
ATOM   397  C CD1 . ILE A 1 50  ? -13.936 9.716   7.085   1.00 38.48  ? 50  ILE A CD1 1 
ATOM   398  N N   . GLY A 1 51  ? -13.972 13.681  10.877  1.00 24.15  ? 51  GLY A N   1 
ATOM   399  C CA  . GLY A 1 51  ? -14.422 14.987  11.378  1.00 28.45  ? 51  GLY A CA  1 
ATOM   400  C C   . GLY A 1 51  ? -15.879 14.990  11.758  1.00 28.71  ? 51  GLY A C   1 
ATOM   401  O O   . GLY A 1 51  ? -16.471 16.074  11.897  1.00 35.12  ? 51  GLY A O   1 
ATOM   402  N N   . ARG A 1 52  ? -16.505 13.844  11.951  1.00 29.23  ? 52  ARG A N   1 
ATOM   403  C CA  . ARG A 1 52  ? -17.909 13.775  12.404  1.00 28.10  ? 52  ARG A CA  1 
ATOM   404  C C   . ARG A 1 52  ? -18.179 12.461  13.117  1.00 30.89  ? 52  ARG A C   1 
ATOM   405  O O   . ARG A 1 52  ? -17.360 11.529  13.137  1.00 30.60  ? 52  ARG A O   1 
ATOM   406  C CB  . ARG A 1 52  ? -18.867 13.961  11.228  1.00 31.59  ? 52  ARG A CB  1 
ATOM   407  C CG  . ARG A 1 52  ? -18.875 12.791  10.260  1.00 30.13  ? 52  ARG A CG  1 
ATOM   408  C CD  . ARG A 1 52  ? -19.834 13.039  9.078   1.00 29.63  ? 52  ARG A CD  1 
ATOM   409  N NE  . ARG A 1 52  ? -19.720 11.876  8.201   1.00 28.80  ? 52  ARG A NE  1 
ATOM   410  C CZ  . ARG A 1 52  ? -20.379 10.739  8.335   1.00 31.03  ? 52  ARG A CZ  1 
ATOM   411  N NH1 . ARG A 1 52  ? -21.261 10.544  9.307   1.00 30.63  ? 52  ARG A NH1 1 
ATOM   412  N NH2 . ARG A 1 52  ? -20.173 9.745   7.483   1.00 31.32  ? 52  ARG A NH2 1 
ATOM   413  N N   . ASN A 1 53  ? -19.351 12.297  13.730  1.00 32.94  ? 53  ASN A N   1 
ATOM   414  C CA  . ASN A 1 53  ? -19.578 11.019  14.443  1.00 30.52  ? 53  ASN A CA  1 
ATOM   415  C C   . ASN A 1 53  ? -20.186 10.093  13.419  1.00 29.66  ? 53  ASN A C   1 
ATOM   416  O O   . ASN A 1 53  ? -21.331 10.261  12.966  1.00 34.01  ? 53  ASN A O   1 
ATOM   417  C CB  . ASN A 1 53  ? -20.415 11.372  15.666  1.00 40.51  ? 53  ASN A CB  1 
ATOM   418  C CG  . ASN A 1 53  ? -21.121 10.264  16.363  1.00 47.04  ? 53  ASN A CG  1 
ATOM   419  O OD1 . ASN A 1 53  ? -20.612 9.177   16.585  1.00 51.68  ? 53  ASN A OD1 1 
ATOM   420  N ND2 . ASN A 1 53  ? -22.369 10.539  16.771  1.00 70.03  ? 53  ASN A ND2 1 
ATOM   421  N N   . THR A 1 54  ? -19.434 9.106   12.961  1.00 31.57  ? 54  THR A N   1 
ATOM   422  C CA  . THR A 1 54  ? -19.876 8.271   11.855  1.00 31.56  ? 54  THR A CA  1 
ATOM   423  C C   . THR A 1 54  ? -20.547 6.962   12.251  1.00 37.55  ? 54  THR A C   1 
ATOM   424  O O   . THR A 1 54  ? -21.169 6.285   11.416  1.00 35.20  ? 54  THR A O   1 
ATOM   425  C CB  . THR A 1 54  ? -18.657 7.806   11.008  1.00 28.90  ? 54  THR A CB  1 
ATOM   426  O OG1 . THR A 1 54  ? -17.907 6.871   11.790  1.00 30.28  ? 54  THR A OG1 1 
ATOM   427  C CG2 . THR A 1 54  ? -17.731 8.956   10.666  1.00 30.83  ? 54  THR A CG2 1 
ATOM   428  N N   . ASN A 1 55  ? -20.418 6.544   13.501  1.00 37.60  ? 55  ASN A N   1 
ATOM   429  C CA  . ASN A 1 55  ? -20.862 5.222   13.949  1.00 37.69  ? 55  ASN A CA  1 
ATOM   430  C C   . ASN A 1 55  ? -20.387 4.086   13.057  1.00 38.69  ? 55  ASN A C   1 
ATOM   431  O O   . ASN A 1 55  ? -21.108 3.101   12.871  1.00 46.10  ? 55  ASN A O   1 
ATOM   432  C CB  . ASN A 1 55  ? -22.396 5.141   14.031  1.00 46.23  ? 55  ASN A CB  1 
ATOM   433  C CG  . ASN A 1 55  ? -22.819 4.080   15.032  1.00 44.14  ? 55  ASN A CG  1 
ATOM   434  O OD1 . ASN A 1 55  ? -21.987 3.313   15.527  1.00 52.11  ? 55  ASN A OD1 1 
ATOM   435  N ND2 . ASN A 1 55  ? -24.102 4.029   15.333  1.00 54.95  ? 55  ASN A ND2 1 
ATOM   436  N N   . GLY A 1 56  ? -19.188 4.210   12.511  1.00 36.30  ? 56  GLY A N   1 
ATOM   437  C CA  . GLY A 1 56  ? -18.609 3.079   11.801  1.00 33.77  ? 56  GLY A CA  1 
ATOM   438  C C   . GLY A 1 56  ? -18.967 3.019   10.331  1.00 30.62  ? 56  GLY A C   1 
ATOM   439  O O   . GLY A 1 56  ? -18.599 2.024   9.703   1.00 31.84  ? 56  GLY A O   1 
ATOM   440  N N   . VAL A 1 57  ? -19.642 4.011   9.786   1.00 28.40  ? 57  VAL A N   1 
ATOM   441  C CA  . VAL A 1 57  ? -20.097 4.020   8.405   1.00 29.28  ? 57  VAL A CA  1 
ATOM   442  C C   . VAL A 1 57  ? -19.702 5.338   7.743   1.00 30.67  ? 57  VAL A C   1 
ATOM   443  O O   . VAL A 1 57  ? -19.923 6.367   8.380   1.00 32.69  ? 57  VAL A O   1 
ATOM   444  C CB  . VAL A 1 57  ? -21.622 3.839   8.324   1.00 35.02  ? 57  VAL A CB  1 
ATOM   445  C CG1 . VAL A 1 57  ? -22.057 3.881   6.865   1.00 37.49  ? 57  VAL A CG1 1 
ATOM   446  C CG2 . VAL A 1 57  ? -22.040 2.537   8.981   1.00 35.79  ? 57  VAL A CG2 1 
ATOM   447  N N   . ILE A 1 58  ? -19.128 5.287   6.543   1.00 27.99  ? 58  ILE A N   1 
ATOM   448  C CA  . ILE A 1 58  ? -18.805 6.487   5.788   1.00 25.55  ? 58  ILE A CA  1 
ATOM   449  C C   . ILE A 1 58  ? -19.331 6.388   4.356   1.00 24.70  ? 58  ILE A C   1 
ATOM   450  O O   . ILE A 1 58  ? -19.838 5.352   3.884   1.00 27.50  ? 58  ILE A O   1 
ATOM   451  C CB  . ILE A 1 58  ? -17.277 6.717   5.728   1.00 25.58  ? 58  ILE A CB  1 
ATOM   452  C CG1 . ILE A 1 58  ? -16.540 5.554   5.050   1.00 24.70  ? 58  ILE A CG1 1 
ATOM   453  C CG2 . ILE A 1 58  ? -16.718 6.992   7.101   1.00 27.56  ? 58  ILE A CG2 1 
ATOM   454  C CD1 . ILE A 1 58  ? -15.058 5.815   4.853   1.00 26.41  ? 58  ILE A CD1 1 
ATOM   455  N N   . THR A 1 59  ? -19.205 7.517   3.650   1.00 25.53  ? 59  THR A N   1 
ATOM   456  C CA  . THR A 1 59  ? -19.680 7.590   2.286   1.00 28.77  ? 59  THR A CA  1 
ATOM   457  C C   . THR A 1 59  ? -18.541 7.279   1.330   1.00 27.75  ? 59  THR A C   1 
ATOM   458  O O   . THR A 1 59  ? -17.367 7.257   1.706   1.00 28.31  ? 59  THR A O   1 
ATOM   459  C CB  . THR A 1 59  ? -20.239 8.982   1.910   1.00 27.41  ? 59  THR A CB  1 
ATOM   460  O OG1 . THR A 1 59  ? -19.226 9.995   1.989   1.00 29.74  ? 59  THR A OG1 1 
ATOM   461  C CG2 . THR A 1 59  ? -21.360 9.376   2.861   1.00 28.82  ? 59  THR A CG2 1 
ATOM   462  N N   . LYS A 1 60  ? -18.854 7.018   0.070   1.00 28.05  ? 60  LYS A N   1 
ATOM   463  C CA  . LYS A 1 60  ? -17.803 6.784   -0.924  1.00 26.73  ? 60  LYS A CA  1 
ATOM   464  C C   . LYS A 1 60  ? -16.919 8.011   -1.069  1.00 27.71  ? 60  LYS A C   1 
ATOM   465  O O   . LYS A 1 60  ? -15.709 7.901   -1.196  1.00 26.71  ? 60  LYS A O   1 
ATOM   466  C CB  . LYS A 1 60  ? -18.481 6.381   -2.232  1.00 29.31  ? 60  LYS A CB  1 
ATOM   467  C CG  . LYS A 1 60  ? -17.516 6.345   -3.399  1.00 35.44  ? 60  LYS A CG  1 
ATOM   468  C CD  . LYS A 1 60  ? -18.307 5.893   -4.635  1.00 41.88  ? 60  LYS A CD  1 
ATOM   469  C CE  . LYS A 1 60  ? -17.430 4.955   -5.443  1.00 47.60  ? 60  LYS A CE  1 
ATOM   470  N NZ  . LYS A 1 60  ? -16.003 5.373   -5.325  1.00 59.27  ? 60  LYS A NZ  1 
ATOM   471  N N   . ASP A 1 61  ? -17.483 9.230   -1.038  1.00 26.94  ? 61  ASP A N   1 
ATOM   472  C CA  . ASP A 1 61  ? -16.655 10.423  -1.132  1.00 26.48  ? 61  ASP A CA  1 
ATOM   473  C C   . ASP A 1 61  ? -15.659 10.517  0.027   1.00 25.80  ? 61  ASP A C   1 
ATOM   474  O O   . ASP A 1 61  ? -14.480 10.863  -0.112  1.00 25.00  ? 61  ASP A O   1 
ATOM   475  C CB  . ASP A 1 61  ? -17.555 11.661  -1.129  1.00 31.94  ? 61  ASP A CB  1 
ATOM   476  C CG  . ASP A 1 61  ? -18.213 11.938  -2.460  1.00 35.78  ? 61  ASP A CG  1 
ATOM   477  O OD1 . ASP A 1 61  ? -18.894 12.987  -2.576  1.00 45.59  ? 61  ASP A OD1 1 
ATOM   478  O OD2 . ASP A 1 61  ? -18.032 11.098  -3.368  1.00 39.40  ? 61  ASP A OD2 1 
ATOM   479  N N   . GLU A 1 62  ? -16.149 10.236  1.228   1.00 25.38  ? 62  GLU A N   1 
ATOM   480  C CA  . GLU A 1 62  ? -15.305 10.182  2.412   1.00 21.78  ? 62  GLU A CA  1 
ATOM   481  C C   . GLU A 1 62  ? -14.209 9.137   2.295   1.00 22.34  ? 62  GLU A C   1 
ATOM   482  O O   . GLU A 1 62  ? -13.043 9.351   2.616   1.00 23.09  ? 62  GLU A O   1 
ATOM   483  C CB  . GLU A 1 62  ? -16.239 9.909   3.606   1.00 24.37  ? 62  GLU A CB  1 
ATOM   484  C CG  . GLU A 1 62  ? -17.055 11.166  3.913   1.00 27.51  ? 62  GLU A CG  1 
ATOM   485  C CD  . GLU A 1 62  ? -18.034 10.964  5.060   1.00 30.33  ? 62  GLU A CD  1 
ATOM   486  O OE1 . GLU A 1 62  ? -18.375 9.805   5.420   1.00 26.03  ? 62  GLU A OE1 1 
ATOM   487  O OE2 . GLU A 1 62  ? -18.511 11.994  5.607   1.00 28.62  ? 62  GLU A OE2 1 
ATOM   488  N N   . ALA A 1 63  ? -14.550 7.960   1.808   1.00 21.26  ? 63  ALA A N   1 
ATOM   489  C CA  . ALA A 1 63  ? -13.526 6.940   1.575   1.00 24.08  ? 63  ALA A CA  1 
ATOM   490  C C   . ALA A 1 63  ? -12.437 7.422   0.620   1.00 22.12  ? 63  ALA A C   1 
ATOM   491  O O   . ALA A 1 63  ? -11.245 7.190   0.833   1.00 23.22  ? 63  ALA A O   1 
ATOM   492  C CB  . ALA A 1 63  ? -14.120 5.675   0.974   1.00 23.89  ? 63  ALA A CB  1 
ATOM   493  N N   . GLU A 1 64  ? -12.900 8.064   -0.451  1.00 22.18  ? 64  GLU A N   1 
ATOM   494  C CA  . GLU A 1 64  ? -11.927 8.529   -1.451  1.00 25.36  ? 64  GLU A CA  1 
ATOM   495  C C   . GLU A 1 64  ? -11.058 9.641   -0.889  1.00 24.50  ? 64  GLU A C   1 
ATOM   496  O O   . GLU A 1 64  ? -9.886  9.785   -1.232  1.00 25.51  ? 64  GLU A O   1 
ATOM   497  C CB  . GLU A 1 64  ? -12.686 8.979   -2.696  1.00 24.91  ? 64  GLU A CB  1 
ATOM   498  C CG  . GLU A 1 64  ? -13.215 7.748   -3.436  1.00 25.64  ? 64  GLU A CG  1 
ATOM   499  C CD  . GLU A 1 64  ? -14.101 8.100   -4.605  1.00 27.82  ? 64  GLU A CD  1 
ATOM   500  O OE1 . GLU A 1 64  ? -14.592 9.245   -4.708  1.00 30.21  ? 64  GLU A OE1 1 
ATOM   501  O OE2 . GLU A 1 64  ? -14.292 7.178   -5.421  1.00 30.44  ? 64  GLU A OE2 1 
ATOM   502  N N   . LYS A 1 65  ? -11.653 10.427  0.019   1.00 24.81  ? 65  LYS A N   1 
ATOM   503  C CA  . LYS A 1 65  ? -10.863 11.504  0.627   1.00 23.96  ? 65  LYS A CA  1 
ATOM   504  C C   . LYS A 1 65  ? -9.733  10.910  1.477   1.00 23.41  ? 65  LYS A C   1 
ATOM   505  O O   . LYS A 1 65  ? -8.563  11.321  1.376   1.00 23.72  ? 65  LYS A O   1 
ATOM   506  C CB  . LYS A 1 65  ? -11.766 12.428  1.441   1.00 25.61  ? 65  LYS A CB  1 
ATOM   507  C CG  . LYS A 1 65  ? -11.066 13.641  2.049   1.00 24.64  ? 65  LYS A CG  1 
ATOM   508  C CD  . LYS A 1 65  ? -12.122 14.657  2.476   1.00 32.39  ? 65  LYS A CD  1 
ATOM   509  C CE  . LYS A 1 65  ? -11.526 15.659  3.464   1.00 33.06  ? 65  LYS A CE  1 
ATOM   510  N NZ  . LYS A 1 65  ? -10.844 16.763  2.716   1.00 34.86  ? 65  LYS A NZ  1 
ATOM   511  N N   . LEU A 1 66  ? -10.059 9.910   2.308   1.00 24.59  ? 66  LEU A N   1 
ATOM   512  C CA  . LEU A 1 66  ? -8.978  9.329   3.120   1.00 22.02  ? 66  LEU A CA  1 
ATOM   513  C C   . LEU A 1 66  ? -7.929  8.689   2.219   1.00 21.73  ? 66  LEU A C   1 
ATOM   514  O O   . LEU A 1 66  ? -6.721  8.715   2.518   1.00 24.03  ? 66  LEU A O   1 
ATOM   515  C CB  . LEU A 1 66  ? -9.471  8.258   4.097   1.00 23.67  ? 66  LEU A CB  1 
ATOM   516  C CG  . LEU A 1 66  ? -10.455 8.747   5.164   1.00 23.22  ? 66  LEU A CG  1 
ATOM   517  C CD1 . LEU A 1 66  ? -10.981 7.577   5.992   1.00 27.53  ? 66  LEU A CD1 1 
ATOM   518  C CD2 . LEU A 1 66  ? -9.839  9.784   6.100   1.00 26.87  ? 66  LEU A CD2 1 
ATOM   519  N N   . PHE A 1 67  ? -8.432  8.094   1.127   1.00 23.41  ? 67  PHE A N   1 
ATOM   520  C CA  . PHE A 1 67  ? -7.529  7.384   0.236   1.00 23.58  ? 67  PHE A CA  1 
ATOM   521  C C   . PHE A 1 67  ? -6.549  8.350   -0.385  1.00 22.46  ? 67  PHE A C   1 
ATOM   522  O O   . PHE A 1 67  ? -5.349  8.078   -0.464  1.00 24.44  ? 67  PHE A O   1 
ATOM   523  C CB  . PHE A 1 67  ? -8.334  6.691   -0.861  1.00 24.26  ? 67  PHE A CB  1 
ATOM   524  C CG  . PHE A 1 67  ? -7.553  5.859   -1.859  1.00 23.59  ? 67  PHE A CG  1 
ATOM   525  C CD1 . PHE A 1 67  ? -7.869  5.935   -3.201  1.00 24.08  ? 67  PHE A CD1 1 
ATOM   526  C CD2 . PHE A 1 67  ? -6.536  5.000   -1.443  1.00 25.87  ? 67  PHE A CD2 1 
ATOM   527  C CE1 . PHE A 1 67  ? -7.221  5.151   -4.149  1.00 23.02  ? 67  PHE A CE1 1 
ATOM   528  C CE2 . PHE A 1 67  ? -5.891  4.228   -2.415  1.00 25.54  ? 67  PHE A CE2 1 
ATOM   529  C CZ  . PHE A 1 67  ? -6.213  4.289   -3.768  1.00 22.58  ? 67  PHE A CZ  1 
ATOM   530  N N   . ASN A 1 68  ? -7.063  9.505   -0.846  1.00 24.01  ? 68  ASN A N   1 
ATOM   531  C CA  . ASN A 1 68  ? -6.139  10.479  -1.422  1.00 25.40  ? 68  ASN A CA  1 
ATOM   532  C C   . ASN A 1 68  ? -5.103  10.938  -0.394  1.00 25.06  ? 68  ASN A C   1 
ATOM   533  O O   . ASN A 1 68  ? -3.910  11.120  -0.739  1.00 25.74  ? 68  ASN A O   1 
ATOM   534  C CB  . ASN A 1 68  ? -6.885  11.691  -1.979  1.00 28.26  ? 68  ASN A CB  1 
ATOM   535  C CG  . ASN A 1 68  ? -6.012  12.560  -2.880  1.00 32.66  ? 68  ASN A CG  1 
ATOM   536  O OD1 . ASN A 1 68  ? -4.772  12.502  -2.965  1.00 38.97  ? 68  ASN A OD1 1 
ATOM   537  N ND2 . ASN A 1 68  ? -6.691  13.444  -3.604  1.00 37.54  ? 68  ASN A ND2 1 
ATOM   538  N N   . GLN A 1 69  ? -5.527  11.145  0.857   1.00 23.77  ? 69  GLN A N   1 
ATOM   539  C CA  . GLN A 1 69  ? -4.590  11.539  1.892   1.00 23.93  ? 69  GLN A CA  1 
ATOM   540  C C   . GLN A 1 69  ? -3.567  10.435  2.098   1.00 22.91  ? 69  GLN A C   1 
ATOM   541  O O   . GLN A 1 69  ? -2.384  10.766  2.282   1.00 26.01  ? 69  GLN A O   1 
ATOM   542  C CB  . GLN A 1 69  ? -5.329  11.809  3.225   1.00 23.70  ? 69  GLN A CB  1 
ATOM   543  C CG  . GLN A 1 69  ? -6.177  13.090  3.032   1.00 21.97  ? 69  GLN A CG  1 
ATOM   544  C CD  . GLN A 1 69  ? -6.982  13.384  4.274   1.00 23.43  ? 69  GLN A CD  1 
ATOM   545  O OE1 . GLN A 1 69  ? -7.483  14.504  4.386   1.00 26.45  ? 69  GLN A OE1 1 
ATOM   546  N NE2 . GLN A 1 69  ? -7.101  12.471  5.225   1.00 26.06  ? 69  GLN A NE2 1 
ATOM   547  N N   . ASP A 1 70  ? -4.019  9.165   2.102   1.00 22.95  ? 70  ASP A N   1 
ATOM   548  C CA  . ASP A 1 70  ? -3.122  8.043   2.389   1.00 23.40  ? 70  ASP A CA  1 
ATOM   549  C C   . ASP A 1 70  ? -2.096  7.822   1.278   1.00 23.72  ? 70  ASP A C   1 
ATOM   550  O O   . ASP A 1 70  ? -0.920  7.493   1.552   1.00 27.12  ? 70  ASP A O   1 
ATOM   551  C CB  . ASP A 1 70  ? -3.931  6.754   2.620   1.00 22.52  ? 70  ASP A CB  1 
ATOM   552  C CG  . ASP A 1 70  ? -4.750  6.828   3.909   1.00 23.29  ? 70  ASP A CG  1 
ATOM   553  O OD1 . ASP A 1 70  ? -4.461  7.666   4.791   1.00 24.43  ? 70  ASP A OD1 1 
ATOM   554  O OD2 . ASP A 1 70  ? -5.697  6.012   4.063   1.00 27.88  ? 70  ASP A OD2 1 
ATOM   555  N N   . VAL A 1 71  ? -2.530  7.999   0.024   1.00 24.38  ? 71  VAL A N   1 
ATOM   556  C CA  . VAL A 1 71  ? -1.568  7.935   -1.098  1.00 26.73  ? 71  VAL A CA  1 
ATOM   557  C C   . VAL A 1 71  ? -0.533  9.053   -1.015  1.00 26.92  ? 71  VAL A C   1 
ATOM   558  O O   . VAL A 1 71  ? 0.695   8.813   -1.108  1.00 27.24  ? 71  VAL A O   1 
ATOM   559  C CB  . VAL A 1 71  ? -2.265  7.980   -2.479  1.00 26.08  ? 71  VAL A CB  1 
ATOM   560  C CG1 . VAL A 1 71  ? -1.225  7.947   -3.585  1.00 24.65  ? 71  VAL A CG1 1 
ATOM   561  C CG2 . VAL A 1 71  ? -3.227  6.799   -2.605  1.00 24.39  ? 71  VAL A CG2 1 
ATOM   562  N N   . ASP A 1 72  ? -0.990  10.288  -0.830  1.00 26.69  ? 72  ASP A N   1 
ATOM   563  C CA  . ASP A 1 72  ? -0.070  11.420  -0.682  1.00 25.91  ? 72  ASP A CA  1 
ATOM   564  C C   . ASP A 1 72  ? 0.909   11.175  0.446   1.00 25.14  ? 72  ASP A C   1 
ATOM   565  O O   . ASP A 1 72  ? 2.135   11.345  0.364   1.00 28.07  ? 72  ASP A O   1 
ATOM   566  C CB  . ASP A 1 72  ? -0.958  12.660  -0.476  1.00 28.17  ? 72  ASP A CB  1 
ATOM   567  C CG  . ASP A 1 72  ? -0.321  14.016  -0.489  1.00 33.01  ? 72  ASP A CG  1 
ATOM   568  O OD1 . ASP A 1 72  ? -0.976  15.062  -0.182  1.00 33.56  ? 72  ASP A OD1 1 
ATOM   569  O OD2 . ASP A 1 72  ? 0.882   14.121  -0.829  1.00 39.36  ? 72  ASP A OD2 1 
ATOM   570  N N   . ALA A 1 73  ? 0.373   10.764  1.601   1.00 27.38  ? 73  ALA A N   1 
ATOM   571  C CA  . ALA A 1 73  ? 1.256   10.489  2.737   1.00 30.05  ? 73  ALA A CA  1 
ATOM   572  C C   . ALA A 1 73  ? 2.265   9.392   2.427   1.00 29.91  ? 73  ALA A C   1 
ATOM   573  O O   . ALA A 1 73  ? 3.429   9.483   2.851   1.00 33.25  ? 73  ALA A O   1 
ATOM   574  C CB  . ALA A 1 73  ? 0.412   10.175  3.981   1.00 32.60  ? 73  ALA A CB  1 
ATOM   575  N N   . ALA A 1 74  ? 1.904   8.337   1.692   1.00 29.17  ? 74  ALA A N   1 
ATOM   576  C CA  . ALA A 1 74  ? 2.875   7.281   1.366   1.00 26.71  ? 74  ALA A CA  1 
ATOM   577  C C   . ALA A 1 74  ? 4.050   7.835   0.556   1.00 28.21  ? 74  ALA A C   1 
ATOM   578  O O   . ALA A 1 74  ? 5.247   7.622   0.820   1.00 29.82  ? 74  ALA A O   1 
ATOM   579  C CB  . ALA A 1 74  ? 2.219   6.150   0.586   1.00 25.98  ? 74  ALA A CB  1 
ATOM   580  N N   . VAL A 1 75  ? 3.669   8.568   -0.498  1.00 26.88  ? 75  VAL A N   1 
ATOM   581  C CA  . VAL A 1 75  ? 4.698   9.178   -1.316  1.00 27.43  ? 75  VAL A CA  1 
ATOM   582  C C   . VAL A 1 75  ? 5.550   10.165  -0.538  1.00 28.18  ? 75  VAL A C   1 
ATOM   583  O O   . VAL A 1 75  ? 6.785   10.095  -0.600  1.00 31.11  ? 75  VAL A O   1 
ATOM   584  C CB  . VAL A 1 75  ? 4.049   9.989   -2.454  1.00 25.58  ? 75  VAL A CB  1 
ATOM   585  C CG1 . VAL A 1 75  ? 5.190   10.677  -3.209  1.00 28.95  ? 75  VAL A CG1 1 
ATOM   586  C CG2 . VAL A 1 75  ? 3.199   9.091   -3.302  1.00 27.63  ? 75  VAL A CG2 1 
ATOM   587  N N   . ARG A 1 76  ? 4.930   11.103  0.188   1.00 28.85  ? 76  ARG A N   1 
ATOM   588  C CA  . ARG A 1 76  ? 5.801   12.062  0.879   1.00 31.74  ? 76  ARG A CA  1 
ATOM   589  C C   . ARG A 1 76  ? 6.691   11.348  1.888   1.00 30.76  ? 76  ARG A C   1 
ATOM   590  O O   . ARG A 1 76  ? 7.785   11.839  2.165   1.00 35.29  ? 76  ARG A O   1 
ATOM   591  C CB  . ARG A 1 76  ? 5.015   13.172  1.592   1.00 39.84  ? 76  ARG A CB  1 
ATOM   592  C CG  . ARG A 1 76  ? 5.028   14.426  0.713   1.00 58.42  ? 76  ARG A CG  1 
ATOM   593  C CD  . ARG A 1 76  ? 3.621   14.768  0.255   1.00 67.10  ? 76  ARG A CD  1 
ATOM   594  N NE  . ARG A 1 76  ? 3.287   16.157  0.328   1.00 73.50  ? 76  ARG A NE  1 
ATOM   595  C CZ  . ARG A 1 76  ? 3.897   17.304  0.527   1.00 79.90  ? 76  ARG A CZ  1 
ATOM   596  N NH1 . ARG A 1 76  ? 5.191   17.492  0.756   1.00 61.15  ? 76  ARG A NH1 1 
ATOM   597  N NH2 . ARG A 1 76  ? 3.092   18.358  0.490   1.00 98.31  ? 76  ARG A NH2 1 
ATOM   598  N N   . GLY A 1 77  ? 6.227   10.214  2.381   1.00 30.96  ? 77  GLY A N   1 
ATOM   599  C CA  . GLY A 1 77  ? 6.954   9.383   3.342   1.00 35.36  ? 77  GLY A CA  1 
ATOM   600  C C   . GLY A 1 77  ? 8.223   8.790   2.738   1.00 32.60  ? 77  GLY A C   1 
ATOM   601  O O   . GLY A 1 77  ? 9.320   8.818   3.342   1.00 37.67  ? 77  GLY A O   1 
ATOM   602  N N   . ILE A 1 78  ? 7.992   8.262   1.534   1.00 28.49  ? 78  ILE A N   1 
ATOM   603  C CA  . ILE A 1 78  ? 9.082   7.760   0.694   1.00 30.45  ? 78  ILE A CA  1 
ATOM   604  C C   . ILE A 1 78  ? 10.135  8.853   0.511   1.00 28.02  ? 78  ILE A C   1 
ATOM   605  O O   . ILE A 1 78  ? 11.322  8.613   0.757   1.00 31.30  ? 78  ILE A O   1 
ATOM   606  C CB  . ILE A 1 78  ? 8.538   7.199   -0.629  1.00 29.90  ? 78  ILE A CB  1 
ATOM   607  C CG1 . ILE A 1 78  ? 7.839   5.853   -0.383  1.00 29.59  ? 78  ILE A CG1 1 
ATOM   608  C CG2 . ILE A 1 78  ? 9.638   7.070   -1.673  1.00 28.19  ? 78  ILE A CG2 1 
ATOM   609  C CD1 . ILE A 1 78  ? 6.981   5.372   -1.522  1.00 32.60  ? 78  ILE A CD1 1 
ATOM   610  N N   . LEU A 1 79  ? 9.717   10.063  0.138   1.00 28.40  ? 79  LEU A N   1 
ATOM   611  C CA  . LEU A 1 79  ? 10.657  11.126  -0.175  1.00 28.77  ? 79  LEU A CA  1 
ATOM   612  C C   . LEU A 1 79  ? 11.387  11.635  1.052   1.00 31.06  ? 79  LEU A C   1 
ATOM   613  O O   . LEU A 1 79  ? 12.447  12.249  0.892   1.00 41.16  ? 79  LEU A O   1 
ATOM   614  C CB  . LEU A 1 79  ? 9.908   12.270  -0.883  1.00 32.21  ? 79  LEU A CB  1 
ATOM   615  C CG  . LEU A 1 79  ? 9.228   11.750  -2.171  1.00 33.07  ? 79  LEU A CG  1 
ATOM   616  C CD1 . LEU A 1 79  ? 8.281   12.821  -2.686  1.00 40.17  ? 79  LEU A CD1 1 
ATOM   617  C CD2 . LEU A 1 79  ? 10.311  11.300  -3.153  1.00 31.03  ? 79  LEU A CD2 1 
ATOM   618  N N   . ARG A 1 80  ? 10.877  11.402  2.253   1.00 31.27  ? 80  ARG A N   1 
ATOM   619  C CA  . ARG A 1 80  ? 11.556  11.826  3.470   1.00 34.84  ? 80  ARG A CA  1 
ATOM   620  C C   . ARG A 1 80  ? 12.400  10.708  4.070   1.00 35.55  ? 80  ARG A C   1 
ATOM   621  O O   . ARG A 1 80  ? 13.042  10.851  5.117   1.00 34.74  ? 80  ARG A O   1 
ATOM   622  C CB  . ARG A 1 80  ? 10.521  12.238  4.522   1.00 36.06  ? 80  ARG A CB  1 
ATOM   623  C CG  . ARG A 1 80  ? 9.754   13.517  4.265   1.00 49.86  ? 80  ARG A CG  1 
ATOM   624  C CD  . ARG A 1 80  ? 8.869   13.853  5.455   1.00 58.06  ? 80  ARG A CD  1 
ATOM   625  N NE  . ARG A 1 80  ? 7.652   14.577  5.135   1.00 64.92  ? 80  ARG A NE  1 
ATOM   626  C CZ  . ARG A 1 80  ? 7.573   15.720  4.466   1.00 70.75  ? 80  ARG A CZ  1 
ATOM   627  N NH1 . ARG A 1 80  ? 8.684   16.307  4.012   1.00 75.51  ? 80  ARG A NH1 1 
ATOM   628  N NH2 . ARG A 1 80  ? 6.409   16.316  4.223   1.00 78.63  ? 80  ARG A NH2 1 
ATOM   629  N N   . ASN A 1 81  ? 12.394  9.531   3.420   1.00 33.03  ? 81  ASN A N   1 
ATOM   630  C CA  . ASN A 1 81  ? 13.050  8.375   4.028   1.00 33.41  ? 81  ASN A CA  1 
ATOM   631  C C   . ASN A 1 81  ? 14.374  8.123   3.326   1.00 33.43  ? 81  ASN A C   1 
ATOM   632  O O   . ASN A 1 81  ? 14.362  7.874   2.120   1.00 30.89  ? 81  ASN A O   1 
ATOM   633  C CB  . ASN A 1 81  ? 12.174  7.130   3.929   1.00 35.48  ? 81  ASN A CB  1 
ATOM   634  C CG  . ASN A 1 81  ? 12.779  5.894   4.574   1.00 33.77  ? 81  ASN A CG  1 
ATOM   635  O OD1 . ASN A 1 81  ? 13.791  5.338   4.143   1.00 36.53  ? 81  ASN A OD1 1 
ATOM   636  N ND2 . ASN A 1 81  ? 12.127  5.460   5.638   1.00 33.95  ? 81  ASN A ND2 1 
ATOM   637  N N   . ALA A 1 82  ? 15.463  8.193   4.083   1.00 34.31  ? 82  ALA A N   1 
ATOM   638  C CA  . ALA A 1 82  ? 16.785  8.054   3.491   1.00 32.25  ? 82  ALA A CA  1 
ATOM   639  C C   . ALA A 1 82  ? 17.045  6.708   2.841   1.00 36.59  ? 82  ALA A C   1 
ATOM   640  O O   . ALA A 1 82  ? 17.960  6.573   2.004   1.00 39.55  ? 82  ALA A O   1 
ATOM   641  C CB  . ALA A 1 82  ? 17.820  8.307   4.581   1.00 39.83  ? 82  ALA A CB  1 
ATOM   642  N N   . LYS A 1 83  ? 16.279  5.682   3.210   1.00 33.21  ? 83  LYS A N   1 
ATOM   643  C CA  . LYS A 1 83  ? 16.520  4.398   2.548   1.00 35.51  ? 83  LYS A CA  1 
ATOM   644  C C   . LYS A 1 83  ? 15.654  4.249   1.315   1.00 33.09  ? 83  LYS A C   1 
ATOM   645  O O   . LYS A 1 83  ? 16.005  3.545   0.360   1.00 40.20  ? 83  LYS A O   1 
ATOM   646  C CB  . LYS A 1 83  ? 16.296  3.263   3.566   1.00 43.76  ? 83  LYS A CB  1 
ATOM   647  C CG  . LYS A 1 83  ? 17.269  3.420   4.738   1.00 50.70  ? 83  LYS A CG  1 
ATOM   648  C CD  . LYS A 1 83  ? 17.341  2.143   5.541   1.00 56.38  ? 83  LYS A CD  1 
ATOM   649  C CE  . LYS A 1 83  ? 18.661  1.952   6.275   1.00 62.05  ? 83  LYS A CE  1 
ATOM   650  N NZ  . LYS A 1 83  ? 18.847  0.520   6.671   1.00 77.68  ? 83  LYS A NZ  1 
ATOM   651  N N   . LEU A 1 84  ? 14.506  4.929   1.319   1.00 27.00  ? 84  LEU A N   1 
ATOM   652  C CA  . LEU A 1 84  ? 13.602  4.771   0.196   1.00 26.91  ? 84  LEU A CA  1 
ATOM   653  C C   . LEU A 1 84  ? 13.787  5.801   -0.909  1.00 26.43  ? 84  LEU A C   1 
ATOM   654  O O   . LEU A 1 84  ? 13.640  5.462   -2.093  1.00 27.39  ? 84  LEU A O   1 
ATOM   655  C CB  . LEU A 1 84  ? 12.155  4.801   0.727   1.00 25.81  ? 84  LEU A CB  1 
ATOM   656  C CG  . LEU A 1 84  ? 11.900  3.719   1.787   1.00 27.72  ? 84  LEU A CG  1 
ATOM   657  C CD1 . LEU A 1 84  ? 10.457  3.772   2.261   1.00 25.69  ? 84  LEU A CD1 1 
ATOM   658  C CD2 . LEU A 1 84  ? 12.255  2.344   1.220   1.00 33.32  ? 84  LEU A CD2 1 
ATOM   659  N N   . LYS A 1 85  ? 14.099  7.045   -0.573  1.00 27.51  ? 85  LYS A N   1 
ATOM   660  C CA  . LYS A 1 85  ? 14.142  8.081   -1.617  1.00 25.88  ? 85  LYS A CA  1 
ATOM   661  C C   . LYS A 1 85  ? 15.109  7.742   -2.745  1.00 25.58  ? 85  LYS A C   1 
ATOM   662  O O   . LYS A 1 85  ? 14.757  7.900   -3.920  1.00 27.98  ? 85  LYS A O   1 
ATOM   663  C CB  . LYS A 1 85  ? 14.497  9.414   -0.968  1.00 26.97  ? 85  LYS A CB  1 
ATOM   664  C CG  . LYS A 1 85  ? 14.511  10.608  -1.923  1.00 28.85  ? 85  LYS A CG  1 
ATOM   665  C CD  . LYS A 1 85  ? 15.009  11.861  -1.203  1.00 34.25  ? 85  LYS A CD  1 
ATOM   666  C CE  . LYS A 1 85  ? 15.494  12.882  -2.217  1.00 40.05  ? 85  LYS A CE  1 
ATOM   667  N NZ  . LYS A 1 85  ? 14.531  13.107  -3.330  1.00 43.49  ? 85  LYS A NZ  1 
ATOM   668  N N   . PRO A 1 86  ? 16.330  7.295   -2.513  1.00 25.11  ? 86  PRO A N   1 
ATOM   669  C CA  . PRO A 1 86  ? 17.201  7.070   -3.681  1.00 25.13  ? 86  PRO A CA  1 
ATOM   670  C C   . PRO A 1 86  ? 16.674  5.998   -4.622  1.00 26.79  ? 86  PRO A C   1 
ATOM   671  O O   . PRO A 1 86  ? 16.786  6.159   -5.843  1.00 24.72  ? 86  PRO A O   1 
ATOM   672  C CB  . PRO A 1 86  ? 18.526  6.606   -3.091  1.00 26.70  ? 86  PRO A CB  1 
ATOM   673  C CG  . PRO A 1 86  ? 18.461  6.881   -1.628  1.00 29.06  ? 86  PRO A CG  1 
ATOM   674  C CD  . PRO A 1 86  ? 17.017  7.033   -1.248  1.00 25.84  ? 86  PRO A CD  1 
ATOM   675  N N   . VAL A 1 87  ? 16.101  4.926   -4.083  1.00 24.64  ? 87  VAL A N   1 
ATOM   676  C CA  . VAL A 1 87  ? 15.533  3.939   -5.003  1.00 24.79  ? 87  VAL A CA  1 
ATOM   677  C C   . VAL A 1 87  ? 14.352  4.501   -5.769  1.00 23.36  ? 87  VAL A C   1 
ATOM   678  O O   . VAL A 1 87  ? 14.284  4.353   -6.989  1.00 24.74  ? 87  VAL A O   1 
ATOM   679  C CB  . VAL A 1 87  ? 15.107  2.655   -4.258  1.00 29.32  ? 87  VAL A CB  1 
ATOM   680  C CG1 . VAL A 1 87  ? 14.597  1.634   -5.262  1.00 31.14  ? 87  VAL A CG1 1 
ATOM   681  C CG2 . VAL A 1 87  ? 16.292  2.118   -3.482  1.00 36.33  ? 87  VAL A CG2 1 
ATOM   682  N N   . TYR A 1 88  ? 13.446  5.168   -5.054  1.00 25.47  ? 88  TYR A N   1 
ATOM   683  C CA  . TYR A 1 88  ? 12.285  5.782   -5.694  1.00 25.31  ? 88  TYR A CA  1 
ATOM   684  C C   . TYR A 1 88  ? 12.726  6.669   -6.836  1.00 23.96  ? 88  TYR A C   1 
ATOM   685  O O   . TYR A 1 88  ? 12.204  6.553   -7.950  1.00 25.24  ? 88  TYR A O   1 
ATOM   686  C CB  . TYR A 1 88  ? 11.528  6.613   -4.657  1.00 26.64  ? 88  TYR A CB  1 
ATOM   687  C CG  . TYR A 1 88  ? 10.228  7.193   -5.136  1.00 26.89  ? 88  TYR A CG  1 
ATOM   688  C CD1 . TYR A 1 88  ? 10.142  8.519   -5.542  1.00 27.98  ? 88  TYR A CD1 1 
ATOM   689  C CD2 . TYR A 1 88  ? 9.059   6.432   -5.187  1.00 27.59  ? 88  TYR A CD2 1 
ATOM   690  C CE1 . TYR A 1 88  ? 8.958   9.093   -5.989  1.00 30.73  ? 88  TYR A CE1 1 
ATOM   691  C CE2 . TYR A 1 88  ? 7.892   7.015   -5.640  1.00 28.11  ? 88  TYR A CE2 1 
ATOM   692  C CZ  . TYR A 1 88  ? 7.808   8.324   -6.044  1.00 29.23  ? 88  TYR A CZ  1 
ATOM   693  O OH  . TYR A 1 88  ? 6.602   8.848   -6.481  1.00 29.74  ? 88  TYR A OH  1 
ATOM   694  N N   . ASP A 1 89  ? 13.691  7.557   -6.526  1.00 23.77  ? 89  ASP A N   1 
ATOM   695  C CA  . ASP A 1 89  ? 14.094  8.514   -7.570  1.00 26.09  ? 89  ASP A CA  1 
ATOM   696  C C   . ASP A 1 89  ? 14.713  7.852   -8.793  1.00 23.50  ? 89  ASP A C   1 
ATOM   697  O O   . ASP A 1 89  ? 14.696  8.429   -9.882  1.00 25.69  ? 89  ASP A O   1 
ATOM   698  C CB  . ASP A 1 89  ? 15.074  9.547   -6.996  1.00 26.23  ? 89  ASP A CB  1 
ATOM   699  C CG  . ASP A 1 89  ? 14.373  10.590  -6.137  1.00 27.83  ? 89  ASP A CG  1 
ATOM   700  O OD1 . ASP A 1 89  ? 15.024  11.263  -5.312  1.00 35.95  ? 89  ASP A OD1 1 
ATOM   701  O OD2 . ASP A 1 89  ? 13.146  10.794  -6.278  1.00 33.51  ? 89  ASP A OD2 1 
ATOM   702  N N   . SER A 1 90  ? 15.270  6.664   -8.603  1.00 23.08  ? 90  SER A N   1 
ATOM   703  C CA  . SER A 1 90  ? 15.968  5.943   -9.652  1.00 23.56  ? 90  SER A CA  1 
ATOM   704  C C   . SER A 1 90  ? 14.967  5.250   -10.570 1.00 26.26  ? 90  SER A C   1 
ATOM   705  O O   . SER A 1 90  ? 15.363  4.865   -11.666 1.00 25.02  ? 90  SER A O   1 
ATOM   706  C CB  . SER A 1 90  ? 16.930  4.910   -9.042  1.00 24.53  ? 90  SER A CB  1 
ATOM   707  O OG  . SER A 1 90  ? 16.180  3.814   -8.580  1.00 23.45  ? 90  SER A OG  1 
ATOM   708  N N   . LEU A 1 91  ? 13.722  5.112   -10.123 1.00 23.83  ? 91  LEU A N   1 
ATOM   709  C CA  . LEU A 1 91  ? 12.745  4.342   -10.874 1.00 22.71  ? 91  LEU A CA  1 
ATOM   710  C C   . LEU A 1 91  ? 11.954  5.137   -11.896 1.00 22.40  ? 91  LEU A C   1 
ATOM   711  O O   . LEU A 1 91  ? 11.827  6.341   -11.748 1.00 25.44  ? 91  LEU A O   1 
ATOM   712  C CB  . LEU A 1 91  ? 11.740  3.670   -9.905  1.00 23.78  ? 91  LEU A CB  1 
ATOM   713  C CG  . LEU A 1 91  ? 12.366  2.604   -8.990  1.00 22.52  ? 91  LEU A CG  1 
ATOM   714  C CD1 . LEU A 1 91  ? 11.304  2.126   -7.989  1.00 24.02  ? 91  LEU A CD1 1 
ATOM   715  C CD2 . LEU A 1 91  ? 12.918  1.422   -9.780  1.00 25.07  ? 91  LEU A CD2 1 
ATOM   716  N N   . ASP A 1 92  ? 11.435  4.440   -12.907 1.00 23.77  ? 92  ASP A N   1 
ATOM   717  C CA  . ASP A 1 92  ? 10.398  4.952   -13.801 1.00 23.62  ? 92  ASP A CA  1 
ATOM   718  C C   . ASP A 1 92  ? 9.053   5.043   -13.081 1.00 23.01  ? 92  ASP A C   1 
ATOM   719  O O   . ASP A 1 92  ? 8.853   4.492   -11.987 1.00 26.36  ? 92  ASP A O   1 
ATOM   720  C CB  . ASP A 1 92  ? 10.218  4.047   -15.027 1.00 25.02  ? 92  ASP A CB  1 
ATOM   721  C CG  . ASP A 1 92  ? 9.932   2.623   -14.514 1.00 28.80  ? 92  ASP A CG  1 
ATOM   722  O OD1 . ASP A 1 92  ? 8.715   2.338   -14.488 1.00 26.51  ? 92  ASP A OD1 1 
ATOM   723  O OD2 . ASP A 1 92  ? 10.873  1.861   -14.166 1.00 28.28  ? 92  ASP A OD2 1 
ATOM   724  N N   . ALA A 1 93  ? 8.091   5.755   -13.663 1.00 27.25  ? 93  ALA A N   1 
ATOM   725  C CA  . ALA A 1 93  ? 6.818   6.031   -12.991 1.00 24.16  ? 93  ALA A CA  1 
ATOM   726  C C   . ALA A 1 93  ? 6.042   4.768   -12.643 1.00 24.33  ? 93  ALA A C   1 
ATOM   727  O O   . ALA A 1 93  ? 5.273   4.738   -11.657 1.00 26.90  ? 93  ALA A O   1 
ATOM   728  C CB  . ALA A 1 93  ? 5.958   6.966   -13.849 1.00 29.35  ? 93  ALA A CB  1 
ATOM   729  N N   . VAL A 1 94  ? 6.206   3.724   -13.439 1.00 23.89  ? 94  VAL A N   1 
ATOM   730  C CA  . VAL A 1 94  ? 5.374   2.512   -13.187 1.00 22.57  ? 94  VAL A CA  1 
ATOM   731  C C   . VAL A 1 94  ? 5.913   1.807   -11.966 1.00 22.82  ? 94  VAL A C   1 
ATOM   732  O O   . VAL A 1 94  ? 5.228   1.392   -11.008 1.00 24.79  ? 94  VAL A O   1 
ATOM   733  C CB  . VAL A 1 94  ? 5.344   1.617   -14.434 1.00 24.03  ? 94  VAL A CB  1 
ATOM   734  C CG1 . VAL A 1 94  ? 4.607   0.302   -14.155 1.00 24.49  ? 94  VAL A CG1 1 
ATOM   735  C CG2 . VAL A 1 94  ? 4.670   2.383   -15.571 1.00 25.88  ? 94  VAL A CG2 1 
ATOM   736  N N   . ARG A 1 95  ? 7.241   1.675   -11.947 1.00 24.84  ? 95  ARG A N   1 
ATOM   737  C CA  . ARG A 1 95  ? 7.852   0.963   -10.804 1.00 22.13  ? 95  ARG A CA  1 
ATOM   738  C C   . ARG A 1 95  ? 7.776   1.822   -9.557  1.00 21.57  ? 95  ARG A C   1 
ATOM   739  O O   . ARG A 1 95  ? 7.719   1.300   -8.449  1.00 23.04  ? 95  ARG A O   1 
ATOM   740  C CB  . ARG A 1 95  ? 9.293   0.571   -11.158 1.00 23.05  ? 95  ARG A CB  1 
ATOM   741  C CG  . ARG A 1 95  ? 9.367   -0.446  -12.303 1.00 22.92  ? 95  ARG A CG  1 
ATOM   742  C CD  . ARG A 1 95  ? 10.827  -0.858  -12.497 1.00 23.18  ? 95  ARG A CD  1 
ATOM   743  N NE  . ARG A 1 95  ? 10.988  -2.059  -13.325 1.00 24.60  ? 95  ARG A NE  1 
ATOM   744  C CZ  . ARG A 1 95  ? 11.220  -1.946  -14.642 1.00 27.11  ? 95  ARG A CZ  1 
ATOM   745  N NH1 . ARG A 1 95  ? 11.294  -0.752  -15.230 1.00 23.18  ? 95  ARG A NH1 1 
ATOM   746  N NH2 . ARG A 1 95  ? 11.369  -3.066  -15.357 1.00 24.57  ? 95  ARG A NH2 1 
ATOM   747  N N   . ARG A 1 96  ? 7.771   3.139   -9.732  1.00 21.83  ? 96  ARG A N   1 
ATOM   748  C CA  . ARG A 1 96  ? 7.483   4.009   -8.584  1.00 20.92  ? 96  ARG A CA  1 
ATOM   749  C C   . ARG A 1 96  ? 6.141   3.633   -7.942  1.00 21.14  ? 96  ARG A C   1 
ATOM   750  O O   . ARG A 1 96  ? 6.031   3.584   -6.700  1.00 24.63  ? 96  ARG A O   1 
ATOM   751  C CB  . ARG A 1 96  ? 7.470   5.503   -8.938  1.00 23.96  ? 96  ARG A CB  1 
ATOM   752  C CG  . ARG A 1 96  ? 8.858   6.085   -9.169  1.00 27.54  ? 96  ARG A CG  1 
ATOM   753  C CD  . ARG A 1 96  ? 8.813   7.566   -9.580  1.00 25.53  ? 96  ARG A CD  1 
ATOM   754  N NE  . ARG A 1 96  ? 10.236  7.984   -9.705  1.00 25.85  ? 96  ARG A NE  1 
ATOM   755  C CZ  . ARG A 1 96  ? 10.625  9.060   -10.386 1.00 26.10  ? 96  ARG A CZ  1 
ATOM   756  N NH1 . ARG A 1 96  ? 9.764   9.851   -11.009 1.00 33.37  ? 96  ARG A NH1 1 
ATOM   757  N NH2 . ARG A 1 96  ? 11.908  9.384   -10.467 1.00 29.29  ? 96  ARG A NH2 1 
ATOM   758  N N   . ALA A 1 97  ? 5.123   3.380   -8.762  1.00 21.95  ? 97  ALA A N   1 
ATOM   759  C CA  . ALA A 1 97  ? 3.806   3.033   -8.228  1.00 21.09  ? 97  ALA A CA  1 
ATOM   760  C C   . ALA A 1 97  ? 3.879   1.726   -7.446  1.00 22.29  ? 97  ALA A C   1 
ATOM   761  O O   . ALA A 1 97  ? 3.277   1.568   -6.370  1.00 24.02  ? 97  ALA A O   1 
ATOM   762  C CB  . ALA A 1 97  ? 2.820   2.942   -9.380  1.00 24.09  ? 97  ALA A CB  1 
ATOM   763  N N   . ALA A 1 98  ? 4.633   0.754   -7.959  1.00 22.21  ? 98  ALA A N   1 
ATOM   764  C CA  . ALA A 1 98  ? 4.847   -0.487  -7.186  1.00 20.49  ? 98  ALA A CA  1 
ATOM   765  C C   . ALA A 1 98  ? 5.428   -0.202  -5.812  1.00 20.32  ? 98  ALA A C   1 
ATOM   766  O O   . ALA A 1 98  ? 5.056   -0.848  -4.808  1.00 22.56  ? 98  ALA A O   1 
ATOM   767  C CB  . ALA A 1 98  ? 5.724   -1.456  -7.968  1.00 22.05  ? 98  ALA A CB  1 
ATOM   768  N N   . LEU A 1 99  ? 6.365   0.727   -5.724  1.00 21.45  ? 99  LEU A N   1 
ATOM   769  C CA  . LEU A 1 99  ? 7.010   0.980   -4.437  1.00 22.55  ? 99  LEU A CA  1 
ATOM   770  C C   . LEU A 1 99  ? 6.014   1.690   -3.506  1.00 24.01  ? 99  LEU A C   1 
ATOM   771  O O   . LEU A 1 99  ? 5.949   1.382   -2.317  1.00 24.33  ? 99  LEU A O   1 
ATOM   772  C CB  . LEU A 1 99  ? 8.331   1.748   -4.640  1.00 23.64  ? 99  LEU A CB  1 
ATOM   773  C CG  . LEU A 1 99  ? 9.132   1.940   -3.352  1.00 24.33  ? 99  LEU A CG  1 
ATOM   774  C CD1 . LEU A 1 99  ? 9.666   0.621   -2.803  1.00 27.14  ? 99  LEU A CD1 1 
ATOM   775  C CD2 . LEU A 1 99  ? 10.281  2.911   -3.595  1.00 29.22  ? 99  LEU A CD2 1 
ATOM   776  N N   . ILE A 1 100 ? 5.220   2.623   -4.048  1.00 23.18  ? 100 ILE A N   1 
ATOM   777  C CA  . ILE A 1 100 ? 4.170   3.271   -3.265  1.00 23.88  ? 100 ILE A CA  1 
ATOM   778  C C   . ILE A 1 100 ? 3.161   2.273   -2.720  1.00 20.82  ? 100 ILE A C   1 
ATOM   779  O O   . ILE A 1 100 ? 2.734   2.335   -1.542  1.00 24.84  ? 100 ILE A O   1 
ATOM   780  C CB  . ILE A 1 100 ? 3.456   4.355   -4.104  1.00 23.91  ? 100 ILE A CB  1 
ATOM   781  C CG1 . ILE A 1 100 ? 4.464   5.402   -4.592  1.00 25.36  ? 100 ILE A CG1 1 
ATOM   782  C CG2 . ILE A 1 100 ? 2.296   4.982   -3.335  1.00 24.67  ? 100 ILE A CG2 1 
ATOM   783  C CD1 . ILE A 1 100 ? 3.900   6.268   -5.711  1.00 27.55  ? 100 ILE A CD1 1 
ATOM   784  N N   . ASN A 1 101 ? 2.787   1.329   -3.557  1.00 23.42  ? 101 ASN A N   1 
ATOM   785  C CA  . ASN A 1 101 ? 1.848   0.285   -3.148  1.00 22.28  ? 101 ASN A CA  1 
ATOM   786  C C   . ASN A 1 101 ? 2.427   -0.485  -1.961  1.00 21.55  ? 101 ASN A C   1 
ATOM   787  O O   . ASN A 1 101 ? 1.721   -0.722  -0.973  1.00 23.11  ? 101 ASN A O   1 
ATOM   788  C CB  . ASN A 1 101 ? 1.624   -0.642  -4.352  1.00 21.98  ? 101 ASN A CB  1 
ATOM   789  C CG  . ASN A 1 101 ? 0.498   -1.636  -4.174  1.00 20.55  ? 101 ASN A CG  1 
ATOM   790  O OD1 . ASN A 1 101 ? 0.477   -2.327  -3.150  1.00 23.96  ? 101 ASN A OD1 1 
ATOM   791  N ND2 . ASN A 1 101 ? -0.437  -1.721  -5.117  1.00 22.26  ? 101 ASN A ND2 1 
ATOM   792  N N   . MET A 1 102 ? 3.703   -0.894  -1.980  1.00 22.87  ? 102 MET A N   1 
ATOM   793  C CA  . MET A 1 102 ? 4.242   -1.619  -0.839  1.00 22.93  ? 102 MET A CA  1 
ATOM   794  C C   . MET A 1 102 ? 4.175   -0.798  0.440   1.00 24.14  ? 102 MET A C   1 
ATOM   795  O O   . MET A 1 102 ? 3.854   -1.267  1.541   1.00 24.52  ? 102 MET A O   1 
ATOM   796  C CB  . MET A 1 102 ? 5.726   -1.986  -1.056  1.00 22.09  ? 102 MET A CB  1 
ATOM   797  C CG  . MET A 1 102 ? 5.877   -3.059  -2.132  1.00 23.55  ? 102 MET A CG  1 
ATOM   798  S SD  . MET A 1 102 ? 7.571   -3.655  -2.286  1.00 25.96  ? 102 MET A SD  1 
ATOM   799  C CE  . MET A 1 102 ? 7.766   -4.620  -0.772  1.00 32.03  ? 102 MET A CE  1 
ATOM   800  N N   . VAL A 1 103 ? 4.529   0.496   0.272   1.00 22.68  ? 103 VAL A N   1 
ATOM   801  C CA  . VAL A 1 103 ? 4.576   1.353   1.479   1.00 23.17  ? 103 VAL A CA  1 
ATOM   802  C C   . VAL A 1 103 ? 3.191   1.560   2.051   1.00 24.47  ? 103 VAL A C   1 
ATOM   803  O O   . VAL A 1 103 ? 2.964   1.618   3.270   1.00 26.35  ? 103 VAL A O   1 
ATOM   804  C CB  . VAL A 1 103 ? 5.220   2.703   1.128   1.00 22.97  ? 103 VAL A CB  1 
ATOM   805  C CG1 . VAL A 1 103 ? 5.079   3.709   2.263   1.00 29.18  ? 103 VAL A CG1 1 
ATOM   806  C CG2 . VAL A 1 103 ? 6.698   2.474   0.828   1.00 23.47  ? 103 VAL A CG2 1 
ATOM   807  N N   . PHE A 1 104 ? 2.216   1.661   1.137   1.00 23.54  ? 104 PHE A N   1 
ATOM   808  C CA  . PHE A 1 104 ? 0.822   1.825   1.573   1.00 23.25  ? 104 PHE A CA  1 
ATOM   809  C C   . PHE A 1 104 ? 0.420   0.605   2.389   1.00 23.22  ? 104 PHE A C   1 
ATOM   810  O O   . PHE A 1 104 ? -0.271  0.680   3.403   1.00 26.44  ? 104 PHE A O   1 
ATOM   811  C CB  . PHE A 1 104 ? -0.059  1.997   0.338   1.00 22.62  ? 104 PHE A CB  1 
ATOM   812  C CG  . PHE A 1 104 ? -1.530  2.278   0.568   1.00 21.21  ? 104 PHE A CG  1 
ATOM   813  C CD1 . PHE A 1 104 ? -2.438  1.326   0.960   1.00 23.00  ? 104 PHE A CD1 1 
ATOM   814  C CD2 . PHE A 1 104 ? -2.010  3.577   0.395   1.00 23.52  ? 104 PHE A CD2 1 
ATOM   815  C CE1 . PHE A 1 104 ? -3.780  1.620   1.178   1.00 26.73  ? 104 PHE A CE1 1 
ATOM   816  C CE2 . PHE A 1 104 ? -3.344  3.909   0.576   1.00 22.01  ? 104 PHE A CE2 1 
ATOM   817  C CZ  . PHE A 1 104 ? -4.250  2.917   0.963   1.00 28.42  ? 104 PHE A CZ  1 
ATOM   818  N N   . GLN A 1 105 ? 0.798   -0.596  1.929   1.00 24.21  ? 105 GLN A N   1 
ATOM   819  C CA  . GLN A 1 105 ? 0.372   -1.814  2.581   1.00 23.61  ? 105 GLN A CA  1 
ATOM   820  C C   . GLN A 1 105 ? 1.140   -2.017  3.877   1.00 25.96  ? 105 GLN A C   1 
ATOM   821  O O   . GLN A 1 105 ? 0.541   -2.370  4.883   1.00 29.96  ? 105 GLN A O   1 
ATOM   822  C CB  . GLN A 1 105 ? 0.627   -3.027  1.640   1.00 22.97  ? 105 GLN A CB  1 
ATOM   823  C CG  . GLN A 1 105 ? 0.165   -4.346  2.253   1.00 25.17  ? 105 GLN A CG  1 
ATOM   824  C CD  . GLN A 1 105 ? 0.362   -5.574  1.393   1.00 22.52  ? 105 GLN A CD  1 
ATOM   825  O OE1 . GLN A 1 105 ? 0.874   -5.469  0.281   1.00 23.70  ? 105 GLN A OE1 1 
ATOM   826  N NE2 . GLN A 1 105 ? -0.044  -6.747  1.911   1.00 26.46  ? 105 GLN A NE2 1 
ATOM   827  N N   . MET A 1 106 ? 2.476   -1.866  3.879   1.00 25.92  ? 106 MET A N   1 
ATOM   828  C CA  . MET A 1 106 ? 3.204   -2.336  5.062   1.00 29.04  ? 106 MET A CA  1 
ATOM   829  C C   . MET A 1 106 ? 3.926   -1.229  5.793   1.00 29.12  ? 106 MET A C   1 
ATOM   830  O O   . MET A 1 106 ? 4.609   -1.428  6.808   1.00 32.52  ? 106 MET A O   1 
ATOM   831  C CB  . MET A 1 106 ? 4.205   -3.448  4.681   1.00 29.62  ? 106 MET A CB  1 
ATOM   832  C CG  . MET A 1 106 ? 5.322   -2.987  3.774   1.00 34.19  ? 106 MET A CG  1 
ATOM   833  S SD  . MET A 1 106 ? 6.411   -4.353  3.297   1.00 39.42  ? 106 MET A SD  1 
ATOM   834  C CE  . MET A 1 106 ? 5.231   -5.427  2.498   1.00 57.60  ? 106 MET A CE  1 
ATOM   835  N N   . GLY A 1 107 ? 3.803   0.007   5.321   1.00 28.03  ? 107 GLY A N   1 
ATOM   836  C CA  . GLY A 1 107 ? 4.512   1.067   6.041   1.00 29.08  ? 107 GLY A CA  1 
ATOM   837  C C   . GLY A 1 107 ? 5.973   1.165   5.593   1.00 29.69  ? 107 GLY A C   1 
ATOM   838  O O   . GLY A 1 107 ? 6.623   0.228   5.132   1.00 31.47  ? 107 GLY A O   1 
ATOM   839  N N   . GLU A 1 108 ? 6.451   2.387   5.761   1.00 30.67  ? 108 GLU A N   1 
ATOM   840  C CA  . GLU A 1 108 ? 7.771   2.819   5.374   1.00 34.77  ? 108 GLU A CA  1 
ATOM   841  C C   . GLU A 1 108 ? 8.853   1.951   5.980   1.00 35.06  ? 108 GLU A C   1 
ATOM   842  O O   . GLU A 1 108 ? 9.821   1.576   5.358   1.00 38.11  ? 108 GLU A O   1 
ATOM   843  C CB  . GLU A 1 108 ? 7.939   4.226   5.924   1.00 41.23  ? 108 GLU A CB  1 
ATOM   844  C CG  . GLU A 1 108 ? 8.892   5.138   5.184   1.00 48.04  ? 108 GLU A CG  1 
ATOM   845  C CD  . GLU A 1 108 ? 8.847   6.417   6.025   1.00 44.64  ? 108 GLU A CD  1 
ATOM   846  O OE1 . GLU A 1 108 ? 7.884   7.168   5.808   1.00 59.42  ? 108 GLU A OE1 1 
ATOM   847  O OE2 . GLU A 1 108 ? 9.738   6.531   6.872   1.00 56.25  ? 108 GLU A OE2 1 
ATOM   848  N N   . THR A 1 109 ? 8.608   1.688   7.254   1.00 38.64  ? 109 THR A N   1 
ATOM   849  C CA  . THR A 1 109 ? 9.493   0.834   8.040   1.00 43.53  ? 109 THR A CA  1 
ATOM   850  C C   . THR A 1 109 ? 9.558   -0.579  7.505   1.00 41.53  ? 109 THR A C   1 
ATOM   851  O O   . THR A 1 109 ? 10.655  -1.059  7.234   1.00 43.33  ? 109 THR A O   1 
ATOM   852  C CB  . THR A 1 109 ? 8.996   0.883   9.501   1.00 47.09  ? 109 THR A CB  1 
ATOM   853  O OG1 . THR A 1 109 ? 9.526   2.106   10.034  1.00 50.32  ? 109 THR A OG1 1 
ATOM   854  C CG2 . THR A 1 109 ? 9.499   -0.286  10.317  1.00 55.70  ? 109 THR A CG2 1 
ATOM   855  N N   . GLY A 1 110 ? 8.432   -1.260  7.313   1.00 38.60  ? 110 GLY A N   1 
ATOM   856  C CA  . GLY A 1 110 ? 8.483   -2.574  6.694   1.00 39.60  ? 110 GLY A CA  1 
ATOM   857  C C   . GLY A 1 110 ? 9.192   -2.522  5.357   1.00 35.82  ? 110 GLY A C   1 
ATOM   858  O O   . GLY A 1 110 ? 9.994   -3.418  5.076   1.00 38.36  ? 110 GLY A O   1 
ATOM   859  N N   . VAL A 1 111 ? 8.962   -1.510  4.517   1.00 30.95  ? 111 VAL A N   1 
ATOM   860  C CA  . VAL A 1 111 ? 9.608   -1.577  3.199   1.00 28.73  ? 111 VAL A CA  1 
ATOM   861  C C   . VAL A 1 111 ? 11.096  -1.284  3.249   1.00 31.01  ? 111 VAL A C   1 
ATOM   862  O O   . VAL A 1 111 ? 11.886  -1.912  2.521   1.00 35.01  ? 111 VAL A O   1 
ATOM   863  C CB  . VAL A 1 111 ? 8.956   -0.623  2.180   1.00 28.23  ? 111 VAL A CB  1 
ATOM   864  C CG1 . VAL A 1 111 ? 9.672   -0.731  0.840   1.00 33.32  ? 111 VAL A CG1 1 
ATOM   865  C CG2 . VAL A 1 111 ? 7.465   -0.959  2.091   1.00 27.74  ? 111 VAL A CG2 1 
ATOM   866  N N   . ALA A 1 112 ? 11.490  -0.345  4.085   1.00 33.13  ? 112 ALA A N   1 
ATOM   867  C CA  . ALA A 1 112 ? 12.913  -0.047  4.235   1.00 38.99  ? 112 ALA A CA  1 
ATOM   868  C C   . ALA A 1 112 ? 13.677  -1.316  4.566   1.00 41.54  ? 112 ALA A C   1 
ATOM   869  O O   . ALA A 1 112 ? 14.814  -1.564  4.157   1.00 54.57  ? 112 ALA A O   1 
ATOM   870  C CB  . ALA A 1 112 ? 13.070  1.002   5.325   1.00 48.28  ? 112 ALA A CB  1 
ATOM   871  N N   . GLY A 1 113 ? 13.052  -2.215  5.317   1.00 44.28  ? 113 GLY A N   1 
ATOM   872  C CA  . GLY A 1 113 ? 13.700  -3.464  5.667   1.00 49.49  ? 113 GLY A CA  1 
ATOM   873  C C   . GLY A 1 113 ? 13.999  -4.348  4.474   1.00 45.22  ? 113 GLY A C   1 
ATOM   874  O O   . GLY A 1 113 ? 14.766  -5.336  4.578   1.00 63.18  ? 113 GLY A O   1 
ATOM   875  N N   . PHE A 1 114 ? 13.454  -4.069  3.304   1.00 37.38  ? 114 PHE A N   1 
ATOM   876  C CA  . PHE A 1 114 ? 13.682  -4.888  2.121   1.00 32.90  ? 114 PHE A CA  1 
ATOM   877  C C   . PHE A 1 114 ? 14.972  -4.411  1.449   1.00 32.50  ? 114 PHE A C   1 
ATOM   878  O O   . PHE A 1 114 ? 15.047  -4.252  0.234   1.00 30.47  ? 114 PHE A O   1 
ATOM   879  C CB  . PHE A 1 114 ? 12.525  -4.794  1.137   1.00 29.88  ? 114 PHE A CB  1 
ATOM   880  C CG  . PHE A 1 114 ? 11.314  -5.677  1.408   1.00 29.03  ? 114 PHE A CG  1 
ATOM   881  C CD1 . PHE A 1 114 ? 11.017  -6.757  0.585   1.00 33.01  ? 114 PHE A CD1 1 
ATOM   882  C CD2 . PHE A 1 114 ? 10.483  -5.426  2.470   1.00 33.60  ? 114 PHE A CD2 1 
ATOM   883  C CE1 . PHE A 1 114 ? 9.918   -7.575  0.797   1.00 30.77  ? 114 PHE A CE1 1 
ATOM   884  C CE2 . PHE A 1 114 ? 9.381   -6.221  2.708   1.00 36.72  ? 114 PHE A CE2 1 
ATOM   885  C CZ  . PHE A 1 114 ? 9.092   -7.291  1.878   1.00 34.17  ? 114 PHE A CZ  1 
ATOM   886  N N   . CYS A 1 115 ? 15.987  -4.153  2.272   1.00 35.31  ? 115 CYS A N   1 
ATOM   887  C CA  . CYS A 1 115 ? 17.155  -3.477  1.727   1.00 37.85  ? 115 CYS A CA  1 
ATOM   888  C C   . CYS A 1 115 ? 17.814  -4.295  0.627   1.00 39.61  ? 115 CYS A C   1 
ATOM   889  O O   . CYS A 1 115 ? 18.374  -3.752  -0.323  1.00 36.06  ? 115 CYS A O   1 
ATOM   890  C CB  . CYS A 1 115 ? 18.162  -3.159  2.831   1.00 46.49  ? 115 CYS A CB  1 
ATOM   891  S SG  . CYS A 1 115 ? 17.998  -1.788  3.994   0.00 84.62  ? 115 CYS A SG  1 
ATOM   892  N N   . ASN A 1 116 ? 17.741  -5.628  0.711   1.00 34.40  ? 116 ASN A N   1 
ATOM   893  C CA  . ASN A 1 116 ? 18.447  -6.367  -0.345  1.00 32.29  ? 116 ASN A CA  1 
ATOM   894  C C   . ASN A 1 116 ? 17.673  -6.179  -1.644  1.00 28.94  ? 116 ASN A C   1 
ATOM   895  O O   . ASN A 1 116 ? 18.296  -6.028  -2.704  1.00 28.41  ? 116 ASN A O   1 
ATOM   896  C CB  . ASN A 1 116 ? 18.643  -7.831  0.050   1.00 37.95  ? 116 ASN A CB  1 
ATOM   897  C CG  . ASN A 1 116 ? 19.698  -7.983  1.143   1.00 40.04  ? 116 ASN A CG  1 
ATOM   898  O OD1 . ASN A 1 116 ? 20.714  -7.266  1.179   1.00 46.39  ? 116 ASN A OD1 1 
ATOM   899  N ND2 . ASN A 1 116 ? 19.494  -8.911  2.075   1.00 37.32  ? 116 ASN A ND2 1 
ATOM   900  N N   . SER A 1 117 ? 16.347  -6.170  -1.521  1.00 24.60  ? 117 SER A N   1 
ATOM   901  C CA  . SER A 1 117 ? 15.554  -6.020  -2.745  1.00 24.65  ? 117 SER A CA  1 
ATOM   902  C C   . SER A 1 117 ? 15.709  -4.614  -3.312  1.00 24.63  ? 117 SER A C   1 
ATOM   903  O O   . SER A 1 117 ? 15.773  -4.407  -4.526  1.00 26.90  ? 117 SER A O   1 
ATOM   904  C CB  . SER A 1 117 ? 14.069  -6.255  -2.507  1.00 25.84  ? 117 SER A CB  1 
ATOM   905  O OG  . SER A 1 117 ? 13.781  -7.534  -1.970  1.00 31.23  ? 117 SER A OG  1 
ATOM   906  N N   . LEU A 1 118 ? 15.764  -3.648  -2.390  1.00 25.87  ? 118 LEU A N   1 
ATOM   907  C CA  . LEU A 1 118 ? 15.898  -2.256  -2.824  1.00 27.56  ? 118 LEU A CA  1 
ATOM   908  C C   . LEU A 1 118 ? 17.195  -2.038  -3.593  1.00 28.60  ? 118 LEU A C   1 
ATOM   909  O O   . LEU A 1 118 ? 17.265  -1.353  -4.629  1.00 26.50  ? 118 LEU A O   1 
ATOM   910  C CB  . LEU A 1 118 ? 15.842  -1.329  -1.615  1.00 28.22  ? 118 LEU A CB  1 
ATOM   911  C CG  . LEU A 1 118 ? 14.471  -1.286  -0.926  1.00 28.59  ? 118 LEU A CG  1 
ATOM   912  C CD1 . LEU A 1 118 ? 14.538  -0.523  0.389   1.00 36.54  ? 118 LEU A CD1 1 
ATOM   913  C CD2 . LEU A 1 118 ? 13.437  -0.697  -1.886  1.00 33.12  ? 118 LEU A CD2 1 
ATOM   914  N N   . ALA A 1 119 ? 18.270  -2.640  -3.083  1.00 27.99  ? 119 ALA A N   1 
ATOM   915  C CA  . ALA A 1 119 ? 19.546  -2.496  -3.803  1.00 27.39  ? 119 ALA A CA  1 
ATOM   916  C C   . ALA A 1 119 ? 19.472  -3.077  -5.208  1.00 26.22  ? 119 ALA A C   1 
ATOM   917  O O   . ALA A 1 119 ? 20.006  -2.504  -6.171  1.00 27.16  ? 119 ALA A O   1 
ATOM   918  C CB  . ALA A 1 119 ? 20.657  -3.157  -2.981  1.00 29.79  ? 119 ALA A CB  1 
ATOM   919  N N   . MET A 1 120 ? 18.819  -4.241  -5.372  1.00 25.23  ? 120 MET A N   1 
ATOM   920  C CA  . MET A 1 120 ? 18.690  -4.853  -6.704  1.00 25.15  ? 120 MET A CA  1 
ATOM   921  C C   . MET A 1 120 ? 17.846  -3.969  -7.611  1.00 24.81  ? 120 MET A C   1 
ATOM   922  O O   . MET A 1 120 ? 18.113  -3.772  -8.797  1.00 26.38  ? 120 MET A O   1 
ATOM   923  C CB  . MET A 1 120 ? 18.047  -6.230  -6.604  1.00 25.00  ? 120 MET A CB  1 
ATOM   924  C CG  . MET A 1 120 ? 18.932  -7.164  -5.758  1.00 27.94  ? 120 MET A CG  1 
ATOM   925  S SD  . MET A 1 120 ? 18.184  -8.785  -5.676  1.00 32.54  ? 120 MET A SD  1 
ATOM   926  C CE  . MET A 1 120 ? 19.247  -9.608  -4.477  1.00 43.65  ? 120 MET A CE  1 
ATOM   927  N N   . LEU A 1 121 ? 16.781  -3.390  -7.073  1.00 23.62  ? 121 LEU A N   1 
ATOM   928  C CA  . LEU A 1 121 ? 16.002  -2.423  -7.840  1.00 23.00  ? 121 LEU A CA  1 
ATOM   929  C C   . LEU A 1 121 ? 16.837  -1.198  -8.224  1.00 22.78  ? 121 LEU A C   1 
ATOM   930  O O   . LEU A 1 121 ? 16.751  -0.736  -9.360  1.00 23.74  ? 121 LEU A O   1 
ATOM   931  C CB  . LEU A 1 121 ? 14.782  -1.919  -7.052  1.00 25.43  ? 121 LEU A CB  1 
ATOM   932  C CG  . LEU A 1 121 ? 13.708  -2.970  -6.782  1.00 21.98  ? 121 LEU A CG  1 
ATOM   933  C CD1 . LEU A 1 121 ? 12.683  -2.463  -5.781  1.00 25.85  ? 121 LEU A CD1 1 
ATOM   934  C CD2 . LEU A 1 121 ? 13.038  -3.340  -8.104  1.00 24.88  ? 121 LEU A CD2 1 
ATOM   935  N N   . GLN A 1 122 ? 17.628  -0.663  -7.306  1.00 23.63  ? 122 GLN A N   1 
ATOM   936  C CA  . GLN A 1 122 ? 18.469  0.500   -7.618  1.00 24.31  ? 122 GLN A CA  1 
ATOM   937  C C   . GLN A 1 122 ? 19.394  0.182   -8.794  1.00 26.69  ? 122 GLN A C   1 
ATOM   938  O O   . GLN A 1 122 ? 19.717  1.038   -9.618  1.00 27.75  ? 122 GLN A O   1 
ATOM   939  C CB  . GLN A 1 122 ? 19.271  0.843   -6.367  1.00 27.80  ? 122 GLN A CB  1 
ATOM   940  C CG  . GLN A 1 122 ? 20.260  1.981   -6.529  1.00 32.97  ? 122 GLN A CG  1 
ATOM   941  C CD  . GLN A 1 122 ? 19.604  3.324   -6.265  1.00 38.63  ? 122 GLN A CD  1 
ATOM   942  O OE1 . GLN A 1 122 ? 18.708  3.433   -5.437  1.00 54.03  ? 122 GLN A OE1 1 
ATOM   943  N NE2 . GLN A 1 122 ? 20.077  4.340   -6.989  1.00 39.39  ? 122 GLN A NE2 1 
ATOM   944  N N   . GLN A 1 123 ? 19.810  -1.086  -8.826  1.00 24.68  ? 123 GLN A N   1 
ATOM   945  C CA  . GLN A 1 123 ? 20.712  -1.593  -9.865  1.00 25.83  ? 123 GLN A CA  1 
ATOM   946  C C   . GLN A 1 123 ? 20.027  -2.009  -11.169 1.00 25.49  ? 123 GLN A C   1 
ATOM   947  O O   . GLN A 1 123 ? 20.724  -2.430  -12.109 1.00 25.95  ? 123 GLN A O   1 
ATOM   948  C CB  . GLN A 1 123 ? 21.480  -2.830  -9.372  1.00 26.37  ? 123 GLN A CB  1 
ATOM   949  C CG  . GLN A 1 123 ? 22.463  -2.467  -8.248  1.00 32.70  ? 123 GLN A CG  1 
ATOM   950  C CD  . GLN A 1 123 ? 23.102  -3.753  -7.752  1.00 34.96  ? 123 GLN A CD  1 
ATOM   951  O OE1 . GLN A 1 123 ? 24.270  -4.011  -8.020  1.00 48.91  ? 123 GLN A OE1 1 
ATOM   952  N NE2 . GLN A 1 123 ? 22.355  -4.608  -7.069  1.00 57.23  ? 123 GLN A NE2 1 
ATOM   953  N N   . LYS A 1 124 ? 18.695  -1.937  -11.176 1.00 22.85  ? 124 LYS A N   1 
ATOM   954  C CA  . LYS A 1 124 ? 17.891  -2.320  -12.333 1.00 23.55  ? 124 LYS A CA  1 
ATOM   955  C C   . LYS A 1 124 ? 18.119  -3.799  -12.703 1.00 21.65  ? 124 LYS A C   1 
ATOM   956  O O   . LYS A 1 124 ? 18.036  -4.162  -13.892 1.00 24.09  ? 124 LYS A O   1 
ATOM   957  C CB  . LYS A 1 124 ? 18.121  -1.374  -13.530 1.00 23.66  ? 124 LYS A CB  1 
ATOM   958  C CG  . LYS A 1 124 ? 17.759  0.066   -13.134 1.00 25.40  ? 124 LYS A CG  1 
ATOM   959  C CD  . LYS A 1 124 ? 17.533  0.986   -14.316 1.00 27.15  ? 124 LYS A CD  1 
ATOM   960  C CE  . LYS A 1 124 ? 17.241  2.419   -13.884 1.00 29.60  ? 124 LYS A CE  1 
ATOM   961  N NZ  . LYS A 1 124 ? 15.976  2.489   -13.102 1.00 30.04  ? 124 LYS A NZ  1 
ATOM   962  N N   . ARG A 1 125 ? 18.365  -4.625  -11.675 1.00 23.28  ? 125 ARG A N   1 
ATOM   963  C CA  . ARG A 1 125 ? 18.433  -6.066  -11.871 1.00 24.08  ? 125 ARG A CA  1 
ATOM   964  C C   . ARG A 1 125 ? 17.038  -6.616  -11.592 1.00 24.61  ? 125 ARG A C   1 
ATOM   965  O O   . ARG A 1 125 ? 16.785  -7.140  -10.491 1.00 24.42  ? 125 ARG A O   1 
ATOM   966  C CB  . ARG A 1 125 ? 19.470  -6.713  -10.934 1.00 23.95  ? 125 ARG A CB  1 
ATOM   967  C CG  . ARG A 1 125 ? 20.871  -6.170  -11.267 1.00 28.74  ? 125 ARG A CG  1 
ATOM   968  C CD  . ARG A 1 125 ? 21.951  -6.608  -10.290 1.00 36.46  ? 125 ARG A CD  1 
ATOM   969  N NE  . ARG A 1 125 ? 23.240  -6.048  -10.744 1.00 37.51  ? 125 ARG A NE  1 
ATOM   970  C CZ  . ARG A 1 125 ? 24.436  -6.551  -10.478 1.00 35.12  ? 125 ARG A CZ  1 
ATOM   971  N NH1 . ARG A 1 125 ? 24.490  -7.649  -9.735  1.00 45.27  ? 125 ARG A NH1 1 
ATOM   972  N NH2 . ARG A 1 125 ? 25.561  -5.988  -10.928 1.00 37.83  ? 125 ARG A NH2 1 
ATOM   973  N N   . TRP A 1 126 ? 16.122  -6.441  -12.533 1.00 23.98  ? 126 TRP A N   1 
ATOM   974  C CA  . TRP A 1 126 ? 14.700  -6.592  -12.271 1.00 21.81  ? 126 TRP A CA  1 
ATOM   975  C C   . TRP A 1 126 ? 14.302  -8.026  -11.957 1.00 24.23  ? 126 TRP A C   1 
ATOM   976  O O   . TRP A 1 126 ? 13.444  -8.255  -11.080 1.00 24.94  ? 126 TRP A O   1 
ATOM   977  C CB  . TRP A 1 126 ? 13.906  -6.131  -13.480 1.00 22.60  ? 126 TRP A CB  1 
ATOM   978  C CG  . TRP A 1 126 ? 14.199  -4.743  -13.982 1.00 22.96  ? 126 TRP A CG  1 
ATOM   979  C CD1 . TRP A 1 126 ? 14.563  -4.394  -15.244 1.00 24.07  ? 126 TRP A CD1 1 
ATOM   980  C CD2 . TRP A 1 126 ? 14.161  -3.514  -13.228 1.00 24.27  ? 126 TRP A CD2 1 
ATOM   981  N NE1 . TRP A 1 126 ? 14.751  -3.038  -15.341 1.00 22.32  ? 126 TRP A NE1 1 
ATOM   982  C CE2 . TRP A 1 126 ? 14.508  -2.470  -14.107 1.00 24.02  ? 126 TRP A CE2 1 
ATOM   983  C CE3 . TRP A 1 126 ? 13.875  -3.178  -11.907 1.00 24.20  ? 126 TRP A CE3 1 
ATOM   984  C CZ2 . TRP A 1 126 ? 14.559  -1.151  -13.679 1.00 25.21  ? 126 TRP A CZ2 1 
ATOM   985  C CZ3 . TRP A 1 126 ? 13.918  -1.872  -11.474 1.00 23.97  ? 126 TRP A CZ3 1 
ATOM   986  C CH2 . TRP A 1 126 ? 14.267  -0.843  -12.374 1.00 24.89  ? 126 TRP A CH2 1 
ATOM   987  N N   . ASP A 1 127 ? 14.886  -9.016  -12.626 1.00 23.93  ? 127 ASP A N   1 
ATOM   988  C CA  . ASP A 1 127 ? 14.490  -10.390 -12.351 1.00 23.49  ? 127 ASP A CA  1 
ATOM   989  C C   . ASP A 1 127 ? 15.009  -10.815 -10.984 1.00 24.28  ? 127 ASP A C   1 
ATOM   990  O O   . ASP A 1 127 ? 14.351  -11.496 -10.220 1.00 26.25  ? 127 ASP A O   1 
ATOM   991  C CB  . ASP A 1 127 ? 15.026  -11.381 -13.410 1.00 26.82  ? 127 ASP A CB  1 
ATOM   992  C CG  . ASP A 1 127 ? 14.214  -11.447 -14.685 1.00 29.27  ? 127 ASP A CG  1 
ATOM   993  O OD1 . ASP A 1 127 ? 13.537  -10.415 -14.973 1.00 28.41  ? 127 ASP A OD1 1 
ATOM   994  O OD2 . ASP A 1 127 ? 14.258  -12.474 -15.406 1.00 33.14  ? 127 ASP A OD2 1 
ATOM   995  N N   . GLU A 1 128 ? 16.246  -10.435 -10.706 1.00 23.68  ? 128 GLU A N   1 
ATOM   996  C CA  . GLU A 1 128 ? 16.838  -10.764 -9.398  1.00 24.40  ? 128 GLU A CA  1 
ATOM   997  C C   . GLU A 1 128 ? 16.057  -10.069 -8.285  1.00 24.60  ? 128 GLU A C   1 
ATOM   998  O O   . GLU A 1 128 ? 15.822  -10.633 -7.201  1.00 24.16  ? 128 GLU A O   1 
ATOM   999  C CB  . GLU A 1 128 ? 18.313  -10.362 -9.280  1.00 25.03  ? 128 GLU A CB  1 
ATOM   1000 C CG  . GLU A 1 128 ? 19.171  -11.149 -10.266 1.00 28.56  ? 128 GLU A CG  1 
ATOM   1001 C CD  . GLU A 1 128 ? 20.539  -10.564 -10.473 1.00 36.80  ? 128 GLU A CD  1 
ATOM   1002 O OE1 . GLU A 1 128 ? 21.416  -10.857 -9.638  1.00 45.71  ? 128 GLU A OE1 1 
ATOM   1003 O OE2 . GLU A 1 128 ? 20.719  -9.821  -11.473 1.00 42.24  ? 128 GLU A OE2 1 
ATOM   1004 N N   . ALA A 1 129 ? 15.666  -8.830  -8.528  1.00 22.82  ? 129 ALA A N   1 
ATOM   1005 C CA  . ALA A 1 129 ? 14.870  -8.123  -7.501  1.00 22.64  ? 129 ALA A CA  1 
ATOM   1006 C C   . ALA A 1 129 ? 13.574  -8.878  -7.239  1.00 22.00  ? 129 ALA A C   1 
ATOM   1007 O O   . ALA A 1 129 ? 13.139  -9.094  -6.103  1.00 23.94  ? 129 ALA A O   1 
ATOM   1008 C CB  . ALA A 1 129 ? 14.639  -6.690  -7.939  1.00 24.55  ? 129 ALA A CB  1 
ATOM   1009 N N   . ALA A 1 130 ? 12.921  -9.292  -8.310  1.00 22.36  ? 130 ALA A N   1 
ATOM   1010 C CA  . ALA A 1 130 ? 11.666  -10.022 -8.166  1.00 24.25  ? 130 ALA A CA  1 
ATOM   1011 C C   . ALA A 1 130 ? 11.857  -11.302 -7.377  1.00 23.54  ? 130 ALA A C   1 
ATOM   1012 O O   . ALA A 1 130 ? 11.026  -11.643 -6.521  1.00 27.40  ? 130 ALA A O   1 
ATOM   1013 C CB  . ALA A 1 130 ? 11.075  -10.310 -9.548  1.00 30.60  ? 130 ALA A CB  1 
ATOM   1014 N N   . VAL A 1 131 ? 12.936  -12.039 -7.675  1.00 23.54  ? 131 VAL A N   1 
ATOM   1015 C CA  . VAL A 1 131 ? 13.125  -13.254 -6.867  1.00 23.96  ? 131 VAL A CA  1 
ATOM   1016 C C   . VAL A 1 131 ? 13.291  -12.939 -5.398  1.00 23.14  ? 131 VAL A C   1 
ATOM   1017 O O   . VAL A 1 131 ? 12.793  -13.583 -4.464  1.00 25.85  ? 131 VAL A O   1 
ATOM   1018 C CB  . VAL A 1 131 ? 14.369  -14.002 -7.421  1.00 24.07  ? 131 VAL A CB  1 
ATOM   1019 C CG1 . VAL A 1 131 ? 14.851  -15.082 -6.458  1.00 26.38  ? 131 VAL A CG1 1 
ATOM   1020 C CG2 . VAL A 1 131 ? 13.983  -14.556 -8.768  1.00 27.90  ? 131 VAL A CG2 1 
ATOM   1021 N N   . ASN A 1 132 ? 14.024  -11.874 -5.078  1.00 23.76  ? 132 ASN A N   1 
ATOM   1022 C CA  . ASN A 1 132 ? 14.332  -11.571 -3.676  1.00 22.24  ? 132 ASN A CA  1 
ATOM   1023 C C   . ASN A 1 132 ? 13.084  -11.058 -2.975  1.00 22.97  ? 132 ASN A C   1 
ATOM   1024 O O   . ASN A 1 132 ? 12.904  -11.356 -1.783  1.00 24.11  ? 132 ASN A O   1 
ATOM   1025 C CB  . ASN A 1 132 ? 15.445  -10.542 -3.594  1.00 24.90  ? 132 ASN A CB  1 
ATOM   1026 C CG  . ASN A 1 132 ? 15.946  -10.312 -2.188  1.00 23.85  ? 132 ASN A CG  1 
ATOM   1027 O OD1 . ASN A 1 132 ? 15.550  -9.358  -1.525  1.00 29.30  ? 132 ASN A OD1 1 
ATOM   1028 N ND2 . ASN A 1 132 ? 16.803  -11.205 -1.724  1.00 25.84  ? 132 ASN A ND2 1 
ATOM   1029 N N   . LEU A 1 133 ? 12.251  -10.300 -3.690  1.00 23.83  ? 133 LEU A N   1 
ATOM   1030 C CA  . LEU A 1 133 ? 11.033  -9.722  -3.072  1.00 22.35  ? 133 LEU A CA  1 
ATOM   1031 C C   . LEU A 1 133 ? 10.111  -10.822 -2.562  1.00 21.59  ? 133 LEU A C   1 
ATOM   1032 O O   . LEU A 1 133 ? 9.390   -10.614 -1.580  1.00 25.37  ? 133 LEU A O   1 
ATOM   1033 C CB  . LEU A 1 133 ? 10.278  -8.822  -4.071  1.00 22.51  ? 133 LEU A CB  1 
ATOM   1034 C CG  . LEU A 1 133 ? 10.933  -7.443  -4.312  1.00 22.05  ? 133 LEU A CG  1 
ATOM   1035 C CD1 . LEU A 1 133 ? 10.469  -6.791  -5.617  1.00 25.16  ? 133 LEU A CD1 1 
ATOM   1036 C CD2 . LEU A 1 133 ? 10.618  -6.552  -3.139  1.00 25.01  ? 133 LEU A CD2 1 
ATOM   1037 N N   . ALA A 1 134 ? 10.130  -11.956 -3.257  1.00 22.07  ? 134 ALA A N   1 
ATOM   1038 C CA  . ALA A 1 134 ? 9.199   -13.048 -2.929  1.00 23.90  ? 134 ALA A CA  1 
ATOM   1039 C C   . ALA A 1 134 ? 9.683   -13.790 -1.702  1.00 22.60  ? 134 ALA A C   1 
ATOM   1040 O O   . ALA A 1 134 ? 8.942   -14.582 -1.126  1.00 24.75  ? 134 ALA A O   1 
ATOM   1041 C CB  . ALA A 1 134 ? 9.071   -14.010 -4.101  1.00 25.95  ? 134 ALA A CB  1 
ATOM   1042 N N   . LYS A 1 135 ? 10.921  -13.561 -1.271  1.00 23.03  ? 135 LYS A N   1 
ATOM   1043 C CA  . LYS A 1 135 ? 11.382  -14.288 -0.087  1.00 22.37  ? 135 LYS A CA  1 
ATOM   1044 C C   . LYS A 1 135 ? 11.010  -13.485 1.153   1.00 22.89  ? 135 LYS A C   1 
ATOM   1045 O O   . LYS A 1 135 ? 11.855  -12.877 1.829   1.00 24.65  ? 135 LYS A O   1 
ATOM   1046 C CB  . LYS A 1 135 ? 12.897  -14.513 -0.173  1.00 25.19  ? 135 LYS A CB  1 
ATOM   1047 C CG  . LYS A 1 135 ? 13.307  -15.330 -1.360  1.00 26.46  ? 135 LYS A CG  1 
ATOM   1048 C CD  . LYS A 1 135 ? 14.818  -15.502 -1.469  1.00 33.57  ? 135 LYS A CD  1 
ATOM   1049 C CE  . LYS A 1 135 ? 15.101  -16.401 -2.660  1.00 36.99  ? 135 LYS A CE  1 
ATOM   1050 N NZ  . LYS A 1 135 ? 16.544  -16.555 -2.991  1.00 33.14  ? 135 LYS A NZ  1 
ATOM   1051 N N   . SER A 1 136 ? 9.697   -13.469 1.450   1.00 22.66  ? 136 SER A N   1 
ATOM   1052 C CA  . SER A 1 136 ? 9.242   -12.502 2.465   1.00 21.53  ? 136 SER A CA  1 
ATOM   1053 C C   . SER A 1 136 ? 7.957   -12.956 3.105   1.00 22.02  ? 136 SER A C   1 
ATOM   1054 O O   . SER A 1 136 ? 7.154   -13.622 2.432   1.00 23.70  ? 136 SER A O   1 
ATOM   1055 C CB  . SER A 1 136 ? 9.059   -11.138 1.774   1.00 22.49  ? 136 SER A CB  1 
ATOM   1056 O OG  . SER A 1 136 ? 8.051   -11.227 0.762   1.00 21.70  ? 136 SER A OG  1 
ATOM   1057 N N   . ARG A 1 137 ? 7.763   -12.575 4.364   1.00 22.23  ? 137 ARG A N   1 
ATOM   1058 C CA  . ARG A 1 137 ? 6.447   -12.767 4.962   1.00 22.78  ? 137 ARG A CA  1 
ATOM   1059 C C   . ARG A 1 137 ? 5.370   -12.151 4.083   1.00 23.79  ? 137 ARG A C   1 
ATOM   1060 O O   . ARG A 1 137 ? 4.325   -12.760 3.871   1.00 22.43  ? 137 ARG A O   1 
ATOM   1061 C CB  . ARG A 1 137 ? 6.411   -12.133 6.365   1.00 23.26  ? 137 ARG A CB  1 
ATOM   1062 C CG  . ARG A 1 137 ? 5.018   -12.294 6.988   1.00 26.07  ? 137 ARG A CG  1 
ATOM   1063 C CD  . ARG A 1 137 ? 4.964   -11.684 8.382   1.00 26.87  ? 137 ARG A CD  1 
ATOM   1064 N NE  . ARG A 1 137 ? 3.671   -12.017 9.002   1.00 31.21  ? 137 ARG A NE  1 
ATOM   1065 C CZ  . ARG A 1 137 ? 2.526   -11.377 8.781   1.00 36.88  ? 137 ARG A CZ  1 
ATOM   1066 N NH1 . ARG A 1 137 ? 2.437   -10.327 7.964   1.00 35.74  ? 137 ARG A NH1 1 
ATOM   1067 N NH2 . ARG A 1 137 ? 1.404   -11.769 9.391   1.00 46.61  ? 137 ARG A NH2 1 
ATOM   1068 N N   . TRP A 1 138 ? 5.630   -10.939 3.584   1.00 21.95  ? 138 TRP A N   1 
ATOM   1069 C CA  . TRP A 1 138 ? 4.643   -10.281 2.709   1.00 21.88  ? 138 TRP A CA  1 
ATOM   1070 C C   . TRP A 1 138 ? 4.134   -11.180 1.591   1.00 23.05  ? 138 TRP A C   1 
ATOM   1071 O O   . TRP A 1 138 ? 2.927   -11.341 1.384   1.00 23.17  ? 138 TRP A O   1 
ATOM   1072 C CB  . TRP A 1 138 ? 5.315   -9.073  2.076   1.00 22.68  ? 138 TRP A CB  1 
ATOM   1073 C CG  . TRP A 1 138 ? 4.587   -8.325  1.026   1.00 22.24  ? 138 TRP A CG  1 
ATOM   1074 C CD1 . TRP A 1 138 ? 3.341   -7.778  1.078   1.00 22.94  ? 138 TRP A CD1 1 
ATOM   1075 C CD2 . TRP A 1 138 ? 5.123   -8.033  -0.295  1.00 24.11  ? 138 TRP A CD2 1 
ATOM   1076 N NE1 . TRP A 1 138 ? 3.045   -7.162  -0.138  1.00 23.60  ? 138 TRP A NE1 1 
ATOM   1077 C CE2 . TRP A 1 138 ? 4.135   -7.309  -0.985  1.00 24.69  ? 138 TRP A CE2 1 
ATOM   1078 C CE3 . TRP A 1 138 ? 6.327   -8.316  -0.942  1.00 23.52  ? 138 TRP A CE3 1 
ATOM   1079 C CZ2 . TRP A 1 138 ? 4.346   -6.872  -2.297  1.00 23.17  ? 138 TRP A CZ2 1 
ATOM   1080 C CZ3 . TRP A 1 138 ? 6.546   -7.889  -2.248  1.00 23.17  ? 138 TRP A CZ3 1 
ATOM   1081 C CH2 . TRP A 1 138 ? 5.541   -7.164  -2.923  1.00 24.23  ? 138 TRP A CH2 1 
ATOM   1082 N N   . TYR A 1 139 ? 5.052   -11.804 0.854   1.00 23.39  ? 139 TYR A N   1 
ATOM   1083 C CA  . TYR A 1 139 ? 4.625   -12.682 -0.250  1.00 23.17  ? 139 TYR A CA  1 
ATOM   1084 C C   . TYR A 1 139 ? 3.820   -13.852 0.269   1.00 21.67  ? 139 TYR A C   1 
ATOM   1085 O O   . TYR A 1 139 ? 2.824   -14.256 -0.328  1.00 24.63  ? 139 TYR A O   1 
ATOM   1086 C CB  . TYR A 1 139 ? 5.869   -13.181 -0.989  1.00 22.69  ? 139 TYR A CB  1 
ATOM   1087 C CG  . TYR A 1 139 ? 5.572   -14.122 -2.126  1.00 23.54  ? 139 TYR A CG  1 
ATOM   1088 C CD1 . TYR A 1 139 ? 5.307   -13.619 -3.396  1.00 24.49  ? 139 TYR A CD1 1 
ATOM   1089 C CD2 . TYR A 1 139 ? 5.576   -15.509 -1.942  1.00 26.51  ? 139 TYR A CD2 1 
ATOM   1090 C CE1 . TYR A 1 139 ? 5.039   -14.479 -4.441  1.00 29.71  ? 139 TYR A CE1 1 
ATOM   1091 C CE2 . TYR A 1 139 ? 5.303   -16.358 -2.993  1.00 33.03  ? 139 TYR A CE2 1 
ATOM   1092 C CZ  . TYR A 1 139 ? 5.034   -15.833 -4.250  1.00 35.92  ? 139 TYR A CZ  1 
ATOM   1093 O OH  . TYR A 1 139 ? 4.768   -16.696 -5.308  1.00 41.35  ? 139 TYR A OH  1 
ATOM   1094 N N   . ASN A 1 140 ? 4.317   -14.447 1.366   1.00 22.08  ? 140 ASN A N   1 
ATOM   1095 C CA  . ASN A 1 140 ? 3.628   -15.658 1.853   1.00 22.28  ? 140 ASN A CA  1 
ATOM   1096 C C   . ASN A 1 140 ? 2.236   -15.326 2.339   1.00 22.57  ? 140 ASN A C   1 
ATOM   1097 O O   . ASN A 1 140 ? 1.306   -16.141 2.131   1.00 25.94  ? 140 ASN A O   1 
ATOM   1098 C CB  . ASN A 1 140 ? 4.450   -16.332 2.951   1.00 22.75  ? 140 ASN A CB  1 
ATOM   1099 C CG  . ASN A 1 140 ? 5.617   -17.121 2.366   1.00 25.34  ? 140 ASN A CG  1 
ATOM   1100 O OD1 . ASN A 1 140 ? 6.762   -16.667 2.309   1.00 25.60  ? 140 ASN A OD1 1 
ATOM   1101 N ND2 . ASN A 1 140 ? 5.306   -18.331 1.918   1.00 25.95  ? 140 ASN A ND2 1 
ATOM   1102 N N   . GLN A 1 141 ? 2.009   -14.158 2.962   1.00 21.71  ? 141 GLN A N   1 
ATOM   1103 C CA  . GLN A 1 141 ? 0.693   -13.914 3.548   1.00 21.04  ? 141 GLN A CA  1 
ATOM   1104 C C   . GLN A 1 141 ? -0.284  -13.304 2.544   1.00 22.92  ? 141 GLN A C   1 
ATOM   1105 O O   . GLN A 1 141 ? -1.492  -13.550 2.651   1.00 24.30  ? 141 GLN A O   1 
ATOM   1106 C CB  . GLN A 1 141 ? 0.843   -13.031 4.789   1.00 22.41  ? 141 GLN A CB  1 
ATOM   1107 C CG  . GLN A 1 141 ? 1.745   -13.534 5.877   1.00 23.62  ? 141 GLN A CG  1 
ATOM   1108 C CD  . GLN A 1 141 ? 1.324   -14.845 6.521   1.00 24.39  ? 141 GLN A CD  1 
ATOM   1109 O OE1 . GLN A 1 141 ? 2.194   -15.694 6.759   1.00 26.12  ? 141 GLN A OE1 1 
ATOM   1110 N NE2 . GLN A 1 141 ? 0.035   -15.057 6.794   1.00 25.33  ? 141 GLN A NE2 1 
ATOM   1111 N N   . THR A 1 142 ? 0.204   -12.524 1.581   1.00 21.59  ? 142 THR A N   1 
ATOM   1112 C CA  . THR A 1 142 ? -0.653  -12.009 0.524   1.00 21.34  ? 142 THR A CA  1 
ATOM   1113 C C   . THR A 1 142 ? -0.021  -12.299 -0.847  1.00 20.57  ? 142 THR A C   1 
ATOM   1114 O O   . THR A 1 142 ? 0.414   -11.383 -1.554  1.00 25.23  ? 142 THR A O   1 
ATOM   1115 C CB  . THR A 1 142 ? -0.939  -10.500 0.655   1.00 21.68  ? 142 THR A CB  1 
ATOM   1116 O OG1 . THR A 1 142 ? 0.279   -9.758  0.858   1.00 23.71  ? 142 THR A OG1 1 
ATOM   1117 C CG2 . THR A 1 142 ? -1.788  -10.226 1.896   1.00 26.84  ? 142 THR A CG2 1 
ATOM   1118 N N   . PRO A 1 143 ? 0.070   -13.552 -1.251  1.00 21.58  ? 143 PRO A N   1 
ATOM   1119 C CA  . PRO A 1 143 ? 0.796   -13.928 -2.457  1.00 21.04  ? 143 PRO A CA  1 
ATOM   1120 C C   . PRO A 1 143 ? 0.164   -13.391 -3.730  1.00 22.43  ? 143 PRO A C   1 
ATOM   1121 O O   . PRO A 1 143 ? 0.900   -13.036 -4.657  1.00 24.39  ? 143 PRO A O   1 
ATOM   1122 C CB  . PRO A 1 143 ? 0.727   -15.465 -2.477  1.00 23.33  ? 143 PRO A CB  1 
ATOM   1123 C CG  . PRO A 1 143 ? -0.447  -15.787 -1.600  1.00 24.35  ? 143 PRO A CG  1 
ATOM   1124 C CD  . PRO A 1 143 ? -0.513  -14.726 -0.538  1.00 21.88  ? 143 PRO A CD  1 
ATOM   1125 N N   . ASN A 1 144 ? -1.155  -13.294 -3.834  1.00 20.77  ? 144 ASN A N   1 
ATOM   1126 C CA  . ASN A 1 144 ? -1.687  -12.850 -5.133  1.00 21.79  ? 144 ASN A CA  1 
ATOM   1127 C C   . ASN A 1 144 ? -1.365  -11.384 -5.350  1.00 21.22  ? 144 ASN A C   1 
ATOM   1128 O O   . ASN A 1 144 ? -1.009  -10.943 -6.447  1.00 23.52  ? 144 ASN A O   1 
ATOM   1129 C CB  . ASN A 1 144 ? -3.192  -13.076 -5.160  1.00 24.49  ? 144 ASN A CB  1 
ATOM   1130 C CG  . ASN A 1 144 ? -3.517  -14.545 -5.411  1.00 27.36  ? 144 ASN A CG  1 
ATOM   1131 O OD1 . ASN A 1 144 ? -4.644  -15.026 -5.321  1.00 32.41  ? 144 ASN A OD1 1 
ATOM   1132 N ND2 . ASN A 1 144 ? -2.508  -15.315 -5.782  1.00 29.92  ? 144 ASN A ND2 1 
ATOM   1133 N N   . ARG A 1 145 ? -1.516  -10.581 -4.299  1.00 21.83  ? 145 ARG A N   1 
ATOM   1134 C CA  . ARG A 1 145 ? -1.202  -9.168  -4.390  1.00 22.22  ? 145 ARG A CA  1 
ATOM   1135 C C   . ARG A 1 145 ? 0.295   -8.967  -4.571  1.00 22.97  ? 145 ARG A C   1 
ATOM   1136 O O   . ARG A 1 145 ? 0.766   -8.138  -5.366  1.00 23.83  ? 145 ARG A O   1 
ATOM   1137 C CB  . ARG A 1 145 ? -1.631  -8.435  -3.101  1.00 24.95  ? 145 ARG A CB  1 
ATOM   1138 C CG  . ARG A 1 145 ? -1.327  -6.933  -3.246  1.00 29.62  ? 145 ARG A CG  1 
ATOM   1139 C CD  . ARG A 1 145 ? -1.406  -6.222  -1.933  1.00 26.29  ? 145 ARG A CD  1 
ATOM   1140 N NE  . ARG A 1 145 ? -1.196  -4.777  -2.057  1.00 24.77  ? 145 ARG A NE  1 
ATOM   1141 C CZ  . ARG A 1 145 ? -1.880  -3.965  -1.253  1.00 24.57  ? 145 ARG A CZ  1 
ATOM   1142 N NH1 . ARG A 1 145 ? -2.730  -4.508  -0.378  1.00 27.40  ? 145 ARG A NH1 1 
ATOM   1143 N NH2 . ARG A 1 145 ? -1.728  -2.661  -1.308  1.00 24.54  ? 145 ARG A NH2 1 
ATOM   1144 N N   . ALA A 1 146 ? 1.070   -9.742  -3.807  1.00 22.49  ? 146 ALA A N   1 
ATOM   1145 C CA  . ALA A 1 146 ? 2.524   -9.562  -3.920  1.00 21.90  ? 146 ALA A CA  1 
ATOM   1146 C C   . ALA A 1 146 ? 2.980   -9.914  -5.334  1.00 22.70  ? 146 ALA A C   1 
ATOM   1147 O O   . ALA A 1 146 ? 3.890   -9.257  -5.879  1.00 23.24  ? 146 ALA A O   1 
ATOM   1148 C CB  . ALA A 1 146 ? 3.239   -10.377 -2.859  1.00 22.29  ? 146 ALA A CB  1 
ATOM   1149 N N   . LYS A 1 147 ? 2.355   -10.956 -5.913  1.00 23.37  ? 147 LYS A N   1 
ATOM   1150 C CA  . LYS A 1 147 ? 2.719   -11.335 -7.268  1.00 22.58  ? 147 LYS A CA  1 
ATOM   1151 C C   . LYS A 1 147 ? 2.468   -10.181 -8.231  1.00 22.32  ? 147 LYS A C   1 
ATOM   1152 O O   . LYS A 1 147 ? 3.247   -9.907  -9.154  1.00 24.80  ? 147 LYS A O   1 
ATOM   1153 C CB  . LYS A 1 147 ? 1.937   -12.566 -7.743  1.00 24.61  ? 147 LYS A CB  1 
ATOM   1154 C CG  . LYS A 1 147 ? 2.580   -13.828 -7.142  1.00 29.19  ? 147 LYS A CG  1 
ATOM   1155 C CD  . LYS A 1 147 ? 1.653   -15.007 -7.361  1.00 34.61  ? 147 LYS A CD  1 
ATOM   1156 C CE  . LYS A 1 147 ? 2.159   -16.202 -6.556  1.00 45.95  ? 147 LYS A CE  1 
ATOM   1157 N NZ  . LYS A 1 147 ? 2.721   -17.228 -7.485  1.00 69.25  ? 147 LYS A NZ  1 
ATOM   1158 N N   . ARG A 1 148 ? 1.365   -9.463  -8.026  1.00 23.33  ? 148 ARG A N   1 
ATOM   1159 C CA  . ARG A 1 148 ? 1.064   -8.352  -8.949  1.00 22.70  ? 148 ARG A CA  1 
ATOM   1160 C C   . ARG A 1 148 ? 2.100   -7.256  -8.805  1.00 21.10  ? 148 ARG A C   1 
ATOM   1161 O O   . ARG A 1 148 ? 2.554   -6.704  -9.802  1.00 22.90  ? 148 ARG A O   1 
ATOM   1162 C CB  . ARG A 1 148 ? -0.349  -7.771  -8.718  1.00 23.59  ? 148 ARG A CB  1 
ATOM   1163 C CG  . ARG A 1 148 ? -1.520  -8.677  -9.060  1.00 22.63  ? 148 ARG A CG  1 
ATOM   1164 C CD  . ARG A 1 148 ? -2.868  -7.977  -9.088  1.00 21.47  ? 148 ARG A CD  1 
ATOM   1165 N NE  . ARG A 1 148 ? -3.326  -7.627  -7.725  1.00 23.12  ? 148 ARG A NE  1 
ATOM   1166 C CZ  . ARG A 1 148 ? -3.983  -8.496  -6.940  1.00 25.58  ? 148 ARG A CZ  1 
ATOM   1167 N NH1 . ARG A 1 148 ? -4.371  -8.141  -5.730  1.00 23.88  ? 148 ARG A NH1 1 
ATOM   1168 N NH2 . ARG A 1 148 ? -4.266  -9.751  -7.337  1.00 24.69  ? 148 ARG A NH2 1 
ATOM   1169 N N   . VAL A 1 149 ? 2.453   -6.929  -7.563  1.00 21.57  ? 149 VAL A N   1 
ATOM   1170 C CA  . VAL A 1 149 ? 3.378   -5.807  -7.356  1.00 20.57  ? 149 VAL A CA  1 
ATOM   1171 C C   . VAL A 1 149 ? 4.724   -6.247  -7.892  1.00 21.70  ? 149 VAL A C   1 
ATOM   1172 O O   . VAL A 1 149 ? 5.433   -5.455  -8.533  1.00 23.52  ? 149 VAL A O   1 
ATOM   1173 C CB  . VAL A 1 149 ? 3.424   -5.429  -5.866  1.00 20.76  ? 149 VAL A CB  1 
ATOM   1174 C CG1 . VAL A 1 149 ? 4.479   -4.383  -5.572  1.00 22.80  ? 149 VAL A CG1 1 
ATOM   1175 C CG2 . VAL A 1 149 ? 2.049   -4.936  -5.422  1.00 22.18  ? 149 VAL A CG2 1 
ATOM   1176 N N   . ILE A 1 150 ? 5.083   -7.520  -7.628  1.00 22.06  ? 150 ILE A N   1 
ATOM   1177 C CA  . ILE A 1 150 ? 6.419   -7.960  -8.087  1.00 22.91  ? 150 ILE A CA  1 
ATOM   1178 C C   . ILE A 1 150 ? 6.508   -7.978  -9.596  1.00 21.86  ? 150 ILE A C   1 
ATOM   1179 O O   . ILE A 1 150 ? 7.547   -7.593  -10.154 1.00 24.17  ? 150 ILE A O   1 
ATOM   1180 C CB  . ILE A 1 150 ? 6.763   -9.333  -7.463  1.00 24.21  ? 150 ILE A CB  1 
ATOM   1181 C CG1 . ILE A 1 150 ? 6.973   -9.235  -5.954  1.00 23.86  ? 150 ILE A CG1 1 
ATOM   1182 C CG2 . ILE A 1 150 ? 7.959   -9.963  -8.169  1.00 24.95  ? 150 ILE A CG2 1 
ATOM   1183 C CD1 . ILE A 1 150 ? 6.988   -10.610 -5.281  1.00 23.21  ? 150 ILE A CD1 1 
ATOM   1184 N N   . THR A 1 151 ? 5.411   -8.379  -10.254 1.00 22.73  ? 151 THR A N   1 
ATOM   1185 C CA  . THR A 1 151 ? 5.370   -8.337  -11.730 1.00 23.80  ? 151 THR A CA  1 
ATOM   1186 C C   . THR A 1 151 ? 5.576   -6.923  -12.249 1.00 22.78  ? 151 THR A C   1 
ATOM   1187 O O   . THR A 1 151 ? 6.250   -6.698  -13.261 1.00 25.08  ? 151 THR A O   1 
ATOM   1188 C CB  . THR A 1 151 ? 4.036   -8.875  -12.291 1.00 26.46  ? 151 THR A CB  1 
ATOM   1189 O OG1 . THR A 1 151 ? 4.064   -10.296 -12.106 1.00 30.74  ? 151 THR A OG1 1 
ATOM   1190 C CG2 . THR A 1 151 ? 3.919   -8.666  -13.788 1.00 24.85  ? 151 THR A CG2 1 
ATOM   1191 N N   . THR A 1 152 ? 5.005   -5.988  -11.532 1.00 20.97  ? 152 THR A N   1 
ATOM   1192 C CA  . THR A 1 152 ? 5.137   -4.576  -11.911 1.00 21.67  ? 152 THR A CA  1 
ATOM   1193 C C   . THR A 1 152 ? 6.584   -4.133  -11.779 1.00 22.81  ? 152 THR A C   1 
ATOM   1194 O O   . THR A 1 152 ? 7.129   -3.457  -12.685 1.00 24.51  ? 152 THR A O   1 
ATOM   1195 C CB  . THR A 1 152 ? 4.181   -3.761  -11.029 1.00 22.24  ? 152 THR A CB  1 
ATOM   1196 O OG1 . THR A 1 152 ? 2.866   -4.315  -11.164 1.00 21.55  ? 152 THR A OG1 1 
ATOM   1197 C CG2 . THR A 1 152 ? 4.112   -2.308  -11.521 1.00 24.88  ? 152 THR A CG2 1 
ATOM   1198 N N   . PHE A 1 153 ? 7.241   -4.508  -10.675 1.00 22.76  ? 153 PHE A N   1 
ATOM   1199 C CA  . PHE A 1 153 ? 8.665   -4.193  -10.573 1.00 22.65  ? 153 PHE A CA  1 
ATOM   1200 C C   . PHE A 1 153 ? 9.459   -4.982  -11.610 1.00 24.10  ? 153 PHE A C   1 
ATOM   1201 O O   . PHE A 1 153 ? 10.445  -4.425  -12.111 1.00 26.16  ? 153 PHE A O   1 
ATOM   1202 C CB  . PHE A 1 153 ? 9.280   -4.575  -9.241  1.00 24.11  ? 153 PHE A CB  1 
ATOM   1203 C CG  . PHE A 1 153 ? 9.035   -3.634  -8.077  1.00 23.44  ? 153 PHE A CG  1 
ATOM   1204 C CD1 . PHE A 1 153 ? 8.409   -4.118  -6.919  1.00 23.48  ? 153 PHE A CD1 1 
ATOM   1205 C CD2 . PHE A 1 153 ? 9.432   -2.312  -8.167  1.00 23.04  ? 153 PHE A CD2 1 
ATOM   1206 C CE1 . PHE A 1 153 ? 8.215   -3.258  -5.846  1.00 23.97  ? 153 PHE A CE1 1 
ATOM   1207 C CE2 . PHE A 1 153 ? 9.256   -1.461  -7.091  1.00 24.11  ? 153 PHE A CE2 1 
ATOM   1208 C CZ  . PHE A 1 153 ? 8.638   -1.936  -5.947  1.00 24.27  ? 153 PHE A CZ  1 
ATOM   1209 N N   . ARG A 1 154 ? 9.096   -6.238  -11.908 1.00 22.98  ? 154 ARG A N   1 
ATOM   1210 C CA  . ARG A 1 154 ? 9.946   -6.959  -12.866 1.00 24.27  ? 154 ARG A CA  1 
ATOM   1211 C C   . ARG A 1 154 ? 9.876   -6.429  -14.296 1.00 25.23  ? 154 ARG A C   1 
ATOM   1212 O O   . ARG A 1 154 ? 10.925  -6.401  -14.987 1.00 25.15  ? 154 ARG A O   1 
ATOM   1213 C CB  . ARG A 1 154 ? 9.562   -8.444  -12.909 1.00 26.77  ? 154 ARG A CB  1 
ATOM   1214 C CG  . ARG A 1 154 ? 10.469  -9.292  -13.800 1.00 28.66  ? 154 ARG A CG  1 
ATOM   1215 C CD  . ARG A 1 154 ? 10.072  -10.762 -13.869 1.00 30.41  ? 154 ARG A CD  1 
ATOM   1216 N NE  . ARG A 1 154 ? 8.644   -10.948 -14.126 1.00 33.77  ? 154 ARG A NE  1 
ATOM   1217 C CZ  . ARG A 1 154 ? 8.089   -11.102 -15.332 1.00 37.09  ? 154 ARG A CZ  1 
ATOM   1218 N NH1 . ARG A 1 154 ? 8.852   -11.096 -16.430 1.00 45.47  ? 154 ARG A NH1 1 
ATOM   1219 N NH2 . ARG A 1 154 ? 6.761   -11.267 -15.460 1.00 49.42  ? 154 ARG A NH2 1 
ATOM   1220 N N   . THR A 1 155 ? 8.669   -6.055  -14.732 1.00 25.55  ? 155 THR A N   1 
ATOM   1221 C CA  . THR A 1 155 ? 8.425   -5.647  -16.117 1.00 25.98  ? 155 THR A CA  1 
ATOM   1222 C C   . THR A 1 155 ? 8.343   -4.155  -16.375 1.00 25.82  ? 155 THR A C   1 
ATOM   1223 O O   . THR A 1 155 ? 8.552   -3.710  -17.525 1.00 26.89  ? 155 THR A O   1 
ATOM   1224 C CB  . THR A 1 155 ? 7.077   -6.215  -16.652 1.00 28.88  ? 155 THR A CB  1 
ATOM   1225 O OG1 . THR A 1 155 ? 5.957   -5.724  -15.896 1.00 24.23  ? 155 THR A OG1 1 
ATOM   1226 C CG2 . THR A 1 155 ? 7.058   -7.743  -16.554 1.00 29.87  ? 155 THR A CG2 1 
ATOM   1227 N N   . GLY A 1 156 ? 7.988   -3.372  -15.366 1.00 26.36  ? 156 GLY A N   1 
ATOM   1228 C CA  . GLY A 1 156 ? 7.825   -1.944  -15.572 1.00 25.16  ? 156 GLY A CA  1 
ATOM   1229 C C   . GLY A 1 156 ? 6.625   -1.685  -16.471 1.00 24.89  ? 156 GLY A C   1 
ATOM   1230 O O   . GLY A 1 156 ? 6.532   -0.613  -17.091 1.00 26.57  ? 156 GLY A O   1 
ATOM   1231 N N   . THR A 1 157 ? 5.719   -2.654  -16.501 1.00 24.34  ? 157 THR A N   1 
ATOM   1232 C CA  . THR A 1 157 ? 4.410   -2.550  -17.151 1.00 24.82  ? 157 THR A CA  1 
ATOM   1233 C C   . THR A 1 157 ? 3.264   -2.767  -16.171 1.00 23.58  ? 157 THR A C   1 
ATOM   1234 O O   . THR A 1 157 ? 3.448   -3.226  -15.058 1.00 23.01  ? 157 THR A O   1 
ATOM   1235 C CB  . THR A 1 157 ? 4.183   -3.591  -18.274 1.00 26.09  ? 157 THR A CB  1 
ATOM   1236 O OG1 . THR A 1 157 ? 3.907   -4.865  -17.684 1.00 28.54  ? 157 THR A OG1 1 
ATOM   1237 C CG2 . THR A 1 157 ? 5.441   -3.674  -19.122 1.00 27.34  ? 157 THR A CG2 1 
ATOM   1238 N N   . TRP A 1 158 ? 2.061   -2.445  -16.644 1.00 23.11  ? 158 TRP A N   1 
ATOM   1239 C CA  . TRP A 1 158 ? 0.873   -2.661  -15.819 1.00 22.79  ? 158 TRP A CA  1 
ATOM   1240 C C   . TRP A 1 158 ? 0.215   -3.991  -16.132 1.00 24.33  ? 158 TRP A C   1 
ATOM   1241 O O   . TRP A 1 158 ? -0.985  -4.215  -15.841 1.00 26.26  ? 158 TRP A O   1 
ATOM   1242 C CB  . TRP A 1 158 ? -0.062  -1.494  -16.105 1.00 24.29  ? 158 TRP A CB  1 
ATOM   1243 C CG  . TRP A 1 158 ? 0.332   -0.159  -15.551 1.00 24.25  ? 158 TRP A CG  1 
ATOM   1244 C CD1 . TRP A 1 158 ? 0.644   0.967   -16.273 1.00 24.16  ? 158 TRP A CD1 1 
ATOM   1245 C CD2 . TRP A 1 158 ? 0.445   0.201   -14.172 1.00 24.18  ? 158 TRP A CD2 1 
ATOM   1246 N NE1 . TRP A 1 158 ? 0.955   2.002   -15.440 1.00 24.82  ? 158 TRP A NE1 1 
ATOM   1247 C CE2 . TRP A 1 158 ? 0.831   1.558   -14.140 1.00 25.63  ? 158 TRP A CE2 1 
ATOM   1248 C CE3 . TRP A 1 158 ? 0.251   -0.487  -12.963 1.00 24.06  ? 158 TRP A CE3 1 
ATOM   1249 C CZ2 . TRP A 1 158 ? 1.036   2.250   -12.933 1.00 25.43  ? 158 TRP A CZ2 1 
ATOM   1250 C CZ3 . TRP A 1 158 ? 0.449   0.189   -11.765 1.00 26.33  ? 158 TRP A CZ3 1 
ATOM   1251 C CH2 . TRP A 1 158 ? 0.837   1.541   -11.765 1.00 27.68  ? 158 TRP A CH2 1 
ATOM   1252 N N   . ASP A 1 159 ? 0.929   -4.941  -16.719 1.00 25.98  ? 159 ASP A N   1 
ATOM   1253 C CA  . ASP A 1 159 ? 0.298   -6.184  -17.185 1.00 27.34  ? 159 ASP A CA  1 
ATOM   1254 C C   . ASP A 1 159 ? -0.465  -6.949  -16.104 1.00 23.90  ? 159 ASP A C   1 
ATOM   1255 O O   . ASP A 1 159 ? -1.460  -7.615  -16.390 1.00 28.58  ? 159 ASP A O   1 
ATOM   1256 C CB  . ASP A 1 159 ? 1.343   -7.122  -17.780 1.00 30.47  ? 159 ASP A CB  1 
ATOM   1257 C CG  . ASP A 1 159 ? 1.968   -6.693  -19.081 1.00 38.46  ? 159 ASP A CG  1 
ATOM   1258 O OD1 . ASP A 1 159 ? 2.889   -7.408  -19.574 1.00 41.51  ? 159 ASP A OD1 1 
ATOM   1259 O OD2 . ASP A 1 159 ? 1.570   -5.656  -19.654 1.00 38.40  ? 159 ASP A OD2 1 
ATOM   1260 N N   . ALA A 1 160 ? -0.003  -6.854  -14.847 1.00 23.18  ? 160 ALA A N   1 
ATOM   1261 C CA  . ALA A 1 160 ? -0.673  -7.616  -13.791 1.00 24.97  ? 160 ALA A CA  1 
ATOM   1262 C C   . ALA A 1 160 ? -1.997  -7.007  -13.356 1.00 24.23  ? 160 ALA A C   1 
ATOM   1263 O O   . ALA A 1 160 ? -2.743  -7.684  -12.602 1.00 29.04  ? 160 ALA A O   1 
ATOM   1264 C CB  . ALA A 1 160 ? 0.259   -7.697  -12.593 1.00 26.72  ? 160 ALA A CB  1 
ATOM   1265 N N   . TYR A 1 161 ? -2.244  -5.767  -13.779 1.00 24.82  ? 161 TYR A N   1 
ATOM   1266 C CA  . TYR A 1 161 ? -3.431  -5.052  -13.336 1.00 26.96  ? 161 TYR A CA  1 
ATOM   1267 C C   . TYR A 1 161 ? -4.417  -4.803  -14.455 1.00 33.80  ? 161 TYR A C   1 
ATOM   1268 O O   . TYR A 1 161 ? -5.566  -4.416  -14.208 1.00 35.69  ? 161 TYR A O   1 
ATOM   1269 C CB  . TYR A 1 161 ? -3.097  -3.676  -12.728 1.00 28.01  ? 161 TYR A CB  1 
ATOM   1270 C CG  . TYR A 1 161 ? -2.487  -3.884  -11.361 1.00 26.11  ? 161 TYR A CG  1 
ATOM   1271 C CD1 . TYR A 1 161 ? -3.251  -3.895  -10.213 1.00 25.92  ? 161 TYR A CD1 1 
ATOM   1272 C CD2 . TYR A 1 161 ? -1.111  -4.073  -11.278 1.00 24.54  ? 161 TYR A CD2 1 
ATOM   1273 C CE1 . TYR A 1 161 ? -2.652  -4.093  -8.966  1.00 24.00  ? 161 TYR A CE1 1 
ATOM   1274 C CE2 . TYR A 1 161 ? -0.498  -4.274  -10.057 1.00 24.14  ? 161 TYR A CE2 1 
ATOM   1275 C CZ  . TYR A 1 161 ? -1.285  -4.271  -8.924  1.00 24.33  ? 161 TYR A CZ  1 
ATOM   1276 O OH  . TYR A 1 161 ? -0.668  -4.488  -7.718  1.00 24.69  ? 161 TYR A OH  1 
ATOM   1277 N N   . LYS A 1 162 ? -4.041  -4.975  -15.719 1.00 45.58  ? 162 LYS A N   1 
ATOM   1278 C CA  . LYS A 1 162 ? -5.080  -4.764  -16.751 1.00 53.87  ? 162 LYS A CA  1 
ATOM   1279 C C   . LYS A 1 162 ? -5.897  -6.041  -16.843 1.00 60.30  ? 162 LYS A C   1 
ATOM   1280 O O   . LYS A 1 162 ? -5.464  -7.112  -16.398 1.00 70.54  ? 162 LYS A O   1 
ATOM   1281 C CB  . LYS A 1 162 ? -4.420  -4.323  -18.052 1.00 56.97  ? 162 LYS A CB  1 
ATOM   1282 C CG  . LYS A 1 162 ? -3.604  -5.402  -18.736 1.00 64.84  ? 162 LYS A CG  1 
ATOM   1283 C CD  . LYS A 1 162 ? -2.364  -4.847  -19.421 1.00 75.91  ? 162 LYS A CD  1 
ATOM   1284 C CE  . LYS A 1 162 ? -2.015  -5.703  -20.630 1.00 77.71  ? 162 LYS A CE  1 
ATOM   1285 N NZ  . LYS A 1 162 ? -0.562  -5.722  -20.955 1.00 95.44  ? 162 LYS A NZ  1 
ATOM   1286 N N   . ASN A 1 163 ? -7.106  -6.031  -17.392 1.00 66.73  ? 163 ASN A N   1 
ATOM   1287 C CA  . ASN A 1 163 ? -7.974  -7.205  -17.383 1.00 76.57  ? 163 ASN A CA  1 
ATOM   1288 C C   . ASN A 1 163 ? -8.307  -7.553  -15.923 1.00 81.93  ? 163 ASN A C   1 
ATOM   1289 O O   . ASN A 1 163 ? -8.287  -8.720  -15.541 1.00 96.32  ? 163 ASN A O   1 
ATOM   1290 C CB  . ASN A 1 163 ? -7.384  -8.420  -18.068 1.00 80.11  ? 163 ASN A CB  1 
ATOM   1291 C CG  . ASN A 1 163 ? -6.450  -8.228  -19.233 1.00 84.28  ? 163 ASN A CG  1 
ATOM   1292 O OD1 . ASN A 1 163 ? -6.429  -7.210  -19.936 1.00 81.08  ? 163 ASN A OD1 1 
ATOM   1293 N ND2 . ASN A 1 163 ? -5.616  -9.251  -19.457 1.00 87.87  ? 163 ASN A ND2 1 
ATOM   1294 N N   . LEU A 1 164 ? -8.597  -6.532  -15.134 1.00 80.36  ? 164 LEU A N   1 
ATOM   1295 C CA  . LEU A 1 164 ? -8.797  -6.647  -13.689 1.00 73.12  ? 164 LEU A CA  1 
ATOM   1296 C C   . LEU A 1 164 ? -9.412  -5.354  -13.167 1.00 65.85  ? 164 LEU A C   1 
ATOM   1297 O O   . LEU A 1 164 ? -9.562  -4.373  -13.897 1.00 64.69  ? 164 LEU A O   1 
ATOM   1298 C CB  . LEU A 1 164 ? -7.457  -6.936  -13.029 1.00 71.08  ? 164 LEU A CB  1 
ATOM   1299 C CG  . LEU A 1 164 ? -7.217  -8.148  -12.142 1.00 67.16  ? 164 LEU A CG  1 
ATOM   1300 C CD1 . LEU A 1 164 ? -6.961  -9.425  -12.936 1.00 70.26  ? 164 LEU A CD1 1 
ATOM   1301 C CD2 . LEU A 1 164 ? -6.038  -7.885  -11.207 1.00 56.16  ? 164 LEU A CD2 1 
ATOM   1302 O OXT . LEU A 1 164 ? -9.780  -5.267  -11.918 1.00 66.28  ? 164 LEU A OXT 1 
HETATM 1303 O O1  . MTN B 2 .   ? 21.042  -0.561  -1.206  0.00 128.24 ? 200 MTN A O1  1 
HETATM 1304 N N1  . MTN B 2 .   ? 20.616  -0.258  -0.123  0.00 128.24 ? 200 MTN A N1  1 
HETATM 1305 C C1  . MTN B 2 .   ? 21.542  -0.497  1.075   0.00 128.24 ? 200 MTN A C1  1 
HETATM 1306 C C2  . MTN B 2 .   ? 20.659  0.000   2.215   0.00 128.24 ? 200 MTN A C2  1 
HETATM 1307 C C3  . MTN B 2 .   ? 19.369  0.464   1.637   0.00 128.24 ? 200 MTN A C3  1 
HETATM 1308 C C4  . MTN B 2 .   ? 18.317  1.010   2.605   0.00 128.24 ? 200 MTN A C4  1 
HETATM 1309 S S1  . MTN B 2 .   ? 17.125  -0.209  3.208   0.00 119.57 ? 200 MTN A S1  1 
HETATM 1310 C C5  . MTN B 2 .   ? 19.312  0.314   0.169   0.00 128.24 ? 200 MTN A C5  1 
HETATM 1311 C C6  . MTN B 2 .   ? 19.097  1.761   -0.204  0.00 128.24 ? 200 MTN A C6  1 
HETATM 1312 C C7  . MTN B 2 .   ? 18.261  -0.699  -0.221  0.00 128.24 ? 200 MTN A C7  1 
HETATM 1313 C C8  . MTN B 2 .   ? 21.766  -2.018  1.319   0.00 128.24 ? 200 MTN A C8  1 
HETATM 1314 C C9  . MTN B 2 .   ? 22.872  0.302   0.946   0.00 128.24 ? 200 MTN A C9  1 
# 
